data_4CR8
#
_entry.id   4CR8
#
_cell.length_a   158.950
_cell.length_b   146.787
_cell.length_c   90.418
_cell.angle_alpha   90.00
_cell.angle_beta   115.29
_cell.angle_gamma   90.00
#
_symmetry.space_group_name_H-M   'C 1 2 1'
#
loop_
_entity.id
_entity.type
_entity.pdbx_description
1 polymer 'N-ACYLMANNOSAMINE 1-DEHYDROGENASE'
2 non-polymer NICOTINAMIDE-ADENINE-DINUCLEOTIDE
3 water water
#
_entity_poly.entity_id   1
_entity_poly.type   'polypeptide(L)'
_entity_poly.pdbx_seq_one_letter_code
;MTTAGVSRRPGRLAGKAAIVTGAAGGIGRATVEAYLREGASVVAMDLAPRLAATRYEEPGAIPIACDLADRAAIDAAMAD
AVARLGGLDILVAGGALKGGTGNFLDLSDADWDRYVDVNMTGTFLTCRAGARAMVAAGAGKDGRSARIITIGSVNSFMAE
PEAAAYVAAKGGVAMLTRAMAVDLARHGILVNMIAPGPVDVTGNNTGYSEPRLAEQVLDEVALGRPGLPEEVATAAVFLA
EDGSSFITGSTITIDGGLSAMIFGGMREGRR
;
_entity_poly.pdbx_strand_id   A,B,C,D,E,F,G,H
#
# COMPACT_ATOMS: atom_id res chain seq x y z
N ARG A 9 -2.61 -7.03 47.93
CA ARG A 9 -1.20 -6.57 48.15
C ARG A 9 -1.08 -5.81 49.48
N PRO A 10 0.16 -5.64 49.98
CA PRO A 10 0.36 -4.64 51.03
C PRO A 10 0.18 -3.29 50.37
N GLY A 11 -0.49 -2.33 51.02
CA GLY A 11 -0.61 -1.07 50.35
C GLY A 11 0.73 -0.36 50.28
N ARG A 12 0.97 0.35 49.18
CA ARG A 12 2.25 1.01 48.96
C ARG A 12 2.48 2.20 49.89
N LEU A 13 1.41 2.67 50.57
CA LEU A 13 1.50 3.74 51.57
C LEU A 13 1.04 3.26 52.95
N ALA A 14 1.19 1.95 53.21
CA ALA A 14 0.75 1.35 54.46
C ALA A 14 1.31 2.11 55.66
N GLY A 15 0.44 2.49 56.58
CA GLY A 15 0.87 3.16 57.81
C GLY A 15 1.13 4.67 57.72
N LYS A 16 1.07 5.25 56.52
CA LYS A 16 1.44 6.66 56.33
C LYS A 16 0.30 7.59 56.70
N ALA A 17 0.63 8.72 57.26
CA ALA A 17 -0.35 9.75 57.59
C ALA A 17 -0.29 10.87 56.54
N ALA A 18 -1.43 11.13 55.89
CA ALA A 18 -1.49 12.04 54.75
C ALA A 18 -2.56 13.08 54.94
N ILE A 19 -2.29 14.28 54.45
CA ILE A 19 -3.28 15.33 54.27
C ILE A 19 -3.37 15.63 52.76
N VAL A 20 -4.59 15.68 52.23
CA VAL A 20 -4.81 16.07 50.84
C VAL A 20 -5.76 17.27 50.86
N THR A 21 -5.31 18.41 50.33
CA THR A 21 -6.15 19.59 50.18
C THR A 21 -6.74 19.58 48.77
N GLY A 22 -7.77 20.37 48.56
CA GLY A 22 -8.54 20.30 47.33
C GLY A 22 -9.23 18.95 47.17
N ALA A 23 -9.59 18.35 48.29
CA ALA A 23 -10.01 16.95 48.32
C ALA A 23 -11.44 16.70 47.88
N ALA A 24 -12.23 17.76 47.71
CA ALA A 24 -13.56 17.61 47.11
C ALA A 24 -13.50 17.67 45.59
N GLY A 25 -12.39 18.15 45.03
CA GLY A 25 -12.26 18.30 43.58
C GLY A 25 -11.92 17.02 42.90
N GLY A 26 -11.84 17.03 41.58
CA GLY A 26 -11.56 15.79 40.80
C GLY A 26 -10.24 15.10 41.15
N ILE A 27 -9.15 15.86 41.03
CA ILE A 27 -7.83 15.32 41.35
C ILE A 27 -7.68 14.96 42.84
N GLY A 28 -8.16 15.84 43.74
CA GLY A 28 -8.09 15.59 45.18
C GLY A 28 -8.88 14.37 45.62
N ARG A 29 -10.10 14.24 45.12
CA ARG A 29 -10.95 13.08 45.45
C ARG A 29 -10.26 11.78 44.98
N ALA A 30 -9.81 11.75 43.73
CA ALA A 30 -9.10 10.59 43.22
C ALA A 30 -7.83 10.28 44.04
N THR A 31 -7.15 11.31 44.53
CA THR A 31 -5.97 11.10 45.36
C THR A 31 -6.32 10.53 46.75
N VAL A 32 -7.33 11.11 47.40
CA VAL A 32 -7.82 10.62 48.68
C VAL A 32 -8.11 9.13 48.54
N GLU A 33 -8.84 8.76 47.50
CA GLU A 33 -9.23 7.37 47.28
C GLU A 33 -8.03 6.45 46.99
N ALA A 34 -7.12 6.89 46.14
CA ALA A 34 -5.91 6.10 45.87
C ALA A 34 -5.11 5.89 47.15
N TYR A 35 -4.98 6.95 47.94
CA TYR A 35 -4.24 6.89 49.20
C TYR A 35 -4.88 5.93 50.24
N LEU A 36 -6.19 6.04 50.45
CA LEU A 36 -6.88 5.08 51.32
C LEU A 36 -6.71 3.66 50.78
N ARG A 37 -6.86 3.50 49.47
CA ARG A 37 -6.66 2.19 48.84
C ARG A 37 -5.25 1.62 49.13
N GLU A 38 -4.24 2.48 49.19
CA GLU A 38 -2.86 2.04 49.41
C GLU A 38 -2.45 2.02 50.90
N GLY A 39 -3.45 2.16 51.78
CA GLY A 39 -3.25 1.91 53.19
C GLY A 39 -2.92 3.12 54.05
N ALA A 40 -3.04 4.34 53.51
CA ALA A 40 -2.70 5.53 54.27
C ALA A 40 -3.89 5.91 55.14
N SER A 41 -3.61 6.59 56.23
CA SER A 41 -4.66 7.32 56.94
C SER A 41 -4.70 8.70 56.29
N VAL A 42 -5.89 9.18 55.94
CA VAL A 42 -6.03 10.39 55.14
C VAL A 42 -6.97 11.41 55.77
N VAL A 43 -6.49 12.63 55.94
CA VAL A 43 -7.32 13.81 56.19
C VAL A 43 -7.59 14.52 54.88
N ALA A 44 -8.88 14.75 54.58
CA ALA A 44 -9.34 15.40 53.36
C ALA A 44 -9.76 16.81 53.70
N MET A 45 -9.10 17.80 53.08
CA MET A 45 -9.39 19.19 53.31
C MET A 45 -9.94 19.86 52.06
N ASP A 46 -10.97 20.68 52.27
CA ASP A 46 -11.54 21.54 51.23
C ASP A 46 -12.45 22.54 51.96
N LEU A 47 -13.17 23.35 51.19
CA LEU A 47 -14.16 24.27 51.77
C LEU A 47 -15.27 23.44 52.41
N ALA A 48 -15.85 23.95 53.51
CA ALA A 48 -16.84 23.18 54.30
C ALA A 48 -17.99 22.63 53.47
N PRO A 49 -18.65 23.50 52.69
CA PRO A 49 -19.79 22.97 51.92
C PRO A 49 -19.37 21.93 50.87
N ARG A 50 -18.19 22.07 50.30
CA ARG A 50 -17.74 21.12 49.30
C ARG A 50 -17.46 19.75 49.95
N LEU A 51 -16.76 19.72 51.09
CA LEU A 51 -16.59 18.47 51.87
C LEU A 51 -17.92 17.84 52.21
N ALA A 52 -18.88 18.65 52.65
CA ALA A 52 -20.18 18.16 53.11
C ALA A 52 -20.94 17.45 52.00
N ALA A 53 -20.73 17.83 50.75
CA ALA A 53 -21.35 17.20 49.59
C ALA A 53 -20.51 16.09 48.94
N THR A 54 -19.39 15.71 49.55
CA THR A 54 -18.55 14.69 48.90
C THR A 54 -18.55 13.40 49.70
N ARG A 55 -18.77 12.30 48.99
CA ARG A 55 -18.68 10.96 49.58
C ARG A 55 -17.62 10.25 48.79
N TYR A 56 -16.71 9.58 49.47
CA TYR A 56 -15.59 8.94 48.79
C TYR A 56 -15.95 7.50 48.46
N GLU A 57 -15.45 7.00 47.32
CA GLU A 57 -15.66 5.58 46.95
C GLU A 57 -14.88 4.63 47.87
N GLU A 58 -13.99 5.15 48.71
CA GLU A 58 -13.32 4.37 49.76
C GLU A 58 -13.60 5.00 51.13
N PRO A 59 -13.77 4.18 52.17
CA PRO A 59 -14.10 4.72 53.48
C PRO A 59 -12.86 5.02 54.34
N GLY A 60 -13.02 5.91 55.30
CA GLY A 60 -11.99 6.18 56.26
C GLY A 60 -11.38 7.57 56.20
N ALA A 61 -11.79 8.39 55.23
CA ALA A 61 -11.31 9.75 55.14
C ALA A 61 -11.78 10.56 56.34
N ILE A 62 -10.89 11.37 56.88
CA ILE A 62 -11.23 12.30 57.94
C ILE A 62 -11.42 13.70 57.32
N PRO A 63 -12.69 14.14 57.20
CA PRO A 63 -12.90 15.45 56.57
C PRO A 63 -12.65 16.60 57.55
N ILE A 64 -11.82 17.55 57.15
CA ILE A 64 -11.56 18.73 57.94
C ILE A 64 -11.66 19.96 57.02
N ALA A 65 -12.59 20.83 57.33
CA ALA A 65 -12.81 22.03 56.55
C ALA A 65 -11.63 22.97 56.68
N CYS A 66 -11.23 23.58 55.56
CA CYS A 66 -10.16 24.57 55.60
C CYS A 66 -10.22 25.51 54.42
N ASP A 67 -10.65 26.74 54.68
CA ASP A 67 -10.66 27.77 53.64
C ASP A 67 -9.24 28.33 53.44
N LEU A 68 -8.66 28.14 52.24
CA LEU A 68 -7.29 28.65 51.94
C LEU A 68 -7.13 30.16 52.03
N ALA A 69 -8.22 30.92 51.91
CA ALA A 69 -8.20 32.39 52.05
C ALA A 69 -8.10 32.86 53.49
N ASP A 70 -8.33 31.98 54.46
CA ASP A 70 -8.29 32.34 55.88
C ASP A 70 -7.02 31.76 56.50
N ARG A 71 -6.05 32.65 56.78
CA ARG A 71 -4.73 32.22 57.23
C ARG A 71 -4.74 31.54 58.58
N ALA A 72 -5.52 32.08 59.52
CA ALA A 72 -5.63 31.48 60.84
C ALA A 72 -6.25 30.08 60.74
N ALA A 73 -7.19 29.90 59.82
CA ALA A 73 -7.86 28.62 59.62
C ALA A 73 -6.92 27.58 59.02
N ILE A 74 -5.96 28.01 58.20
CA ILE A 74 -4.95 27.10 57.64
C ILE A 74 -4.15 26.49 58.77
N ASP A 75 -3.65 27.31 59.70
CA ASP A 75 -2.88 26.80 60.83
C ASP A 75 -3.69 25.90 61.76
N ALA A 76 -4.91 26.33 62.12
CA ALA A 76 -5.77 25.57 63.03
C ALA A 76 -6.15 24.22 62.43
N ALA A 77 -6.53 24.22 61.15
CA ALA A 77 -6.92 23.00 60.49
C ALA A 77 -5.75 22.03 60.31
N MET A 78 -4.57 22.55 60.06
CA MET A 78 -3.37 21.73 59.99
C MET A 78 -3.02 21.13 61.33
N ALA A 79 -3.12 21.90 62.41
CA ALA A 79 -2.78 21.36 63.75
C ALA A 79 -3.79 20.26 64.16
N ASP A 80 -5.06 20.48 63.86
CA ASP A 80 -6.11 19.52 64.15
C ASP A 80 -5.87 18.24 63.35
N ALA A 81 -5.68 18.37 62.03
CA ALA A 81 -5.31 17.23 61.18
C ALA A 81 -4.16 16.42 61.74
N VAL A 82 -3.05 17.08 62.07
CA VAL A 82 -1.86 16.39 62.58
C VAL A 82 -2.12 15.70 63.94
N ALA A 83 -2.84 16.38 64.85
CA ALA A 83 -3.24 15.76 66.13
C ALA A 83 -4.04 14.49 65.88
N ARG A 84 -5.00 14.53 64.97
CA ARG A 84 -5.81 13.34 64.68
C ARG A 84 -5.05 12.21 64.01
N LEU A 85 -4.09 12.53 63.15
CA LEU A 85 -3.31 11.52 62.47
C LEU A 85 -2.20 11.00 63.36
N GLY A 86 -1.84 11.76 64.40
CA GLY A 86 -0.75 11.39 65.26
C GLY A 86 0.61 11.67 64.64
N GLY A 87 0.65 12.56 63.64
CA GLY A 87 1.89 12.85 62.91
C GLY A 87 1.55 13.33 61.52
N LEU A 88 2.56 13.37 60.63
CA LEU A 88 2.36 13.71 59.22
C LEU A 88 3.54 13.22 58.36
N ASP A 89 3.24 12.35 57.39
CA ASP A 89 4.23 11.86 56.42
C ASP A 89 4.09 12.45 55.04
N ILE A 90 2.86 12.78 54.64
CA ILE A 90 2.58 13.18 53.24
C ILE A 90 1.62 14.35 53.20
N LEU A 91 1.96 15.38 52.41
CA LEU A 91 1.05 16.49 52.18
C LEU A 91 0.85 16.62 50.68
N VAL A 92 -0.40 16.63 50.22
CA VAL A 92 -0.70 16.93 48.81
C VAL A 92 -1.42 18.25 48.81
N ALA A 93 -0.77 19.29 48.32
CA ALA A 93 -1.35 20.64 48.27
C ALA A 93 -2.03 20.86 46.92
N GLY A 94 -3.30 20.50 46.86
CA GLY A 94 -4.07 20.53 45.61
C GLY A 94 -5.18 21.56 45.52
N GLY A 95 -5.54 22.19 46.64
CA GLY A 95 -6.58 23.20 46.67
C GLY A 95 -6.23 24.43 45.83
N ALA A 96 -7.16 24.87 44.99
CA ALA A 96 -6.89 25.93 44.02
C ALA A 96 -8.15 26.45 43.33
N LEU A 97 -8.22 27.75 43.10
CA LEU A 97 -9.22 28.32 42.21
C LEU A 97 -8.79 28.02 40.77
N LYS A 98 -9.74 27.63 39.92
CA LYS A 98 -9.39 27.28 38.52
C LYS A 98 -9.84 28.37 37.57
N GLY A 99 -9.40 28.27 36.32
CA GLY A 99 -10.06 28.99 35.24
C GLY A 99 -9.64 30.43 35.05
N GLY A 100 -10.33 31.09 34.13
CA GLY A 100 -9.89 32.35 33.56
C GLY A 100 -10.75 33.54 33.92
N THR A 101 -10.28 34.71 33.51
CA THR A 101 -10.94 35.99 33.78
C THR A 101 -11.27 36.79 32.50
N GLY A 102 -10.47 36.58 31.45
CA GLY A 102 -10.44 37.50 30.31
C GLY A 102 -9.03 37.98 30.09
N ASN A 103 -8.91 38.97 29.20
CA ASN A 103 -7.64 39.45 28.75
C ASN A 103 -6.90 40.14 29.89
N PHE A 104 -5.57 39.99 29.89
CA PHE A 104 -4.68 40.66 30.86
C PHE A 104 -4.98 42.15 31.04
N LEU A 105 -5.27 42.85 29.95
CA LEU A 105 -5.58 44.27 30.03
C LEU A 105 -6.73 44.64 30.98
N ASP A 106 -7.70 43.74 31.13
CA ASP A 106 -8.92 43.97 31.91
C ASP A 106 -8.88 43.25 33.25
N LEU A 107 -7.74 42.70 33.62
CA LEU A 107 -7.67 41.88 34.83
C LEU A 107 -7.70 42.80 36.06
N SER A 108 -8.69 42.59 36.92
CA SER A 108 -8.90 43.44 38.08
C SER A 108 -8.01 43.05 39.29
N ASP A 109 -7.74 44.02 40.14
CA ASP A 109 -7.01 43.80 41.38
C ASP A 109 -7.61 42.64 42.18
N ALA A 110 -8.94 42.65 42.28
CA ALA A 110 -9.72 41.65 43.00
C ALA A 110 -9.48 40.22 42.50
N ASP A 111 -9.46 40.03 41.17
CA ASP A 111 -9.22 38.70 40.60
C ASP A 111 -7.78 38.29 40.76
N TRP A 112 -6.84 39.21 40.47
CA TRP A 112 -5.44 38.95 40.70
C TRP A 112 -5.24 38.45 42.13
N ASP A 113 -5.79 39.20 43.09
CA ASP A 113 -5.57 38.91 44.52
C ASP A 113 -6.16 37.58 44.91
N ARG A 114 -7.33 37.27 44.36
CA ARG A 114 -7.98 36.01 44.70
C ARG A 114 -7.16 34.80 44.25
N TYR A 115 -6.63 34.85 43.04
CA TYR A 115 -5.83 33.74 42.55
C TYR A 115 -4.48 33.63 43.27
N VAL A 116 -3.79 34.75 43.44
CA VAL A 116 -2.53 34.74 44.15
C VAL A 116 -2.72 34.31 45.60
N ASP A 117 -3.70 34.90 46.29
CA ASP A 117 -3.89 34.65 47.74
C ASP A 117 -4.28 33.19 47.99
N VAL A 118 -5.23 32.68 47.22
CA VAL A 118 -5.68 31.31 47.41
C VAL A 118 -4.67 30.30 46.87
N ASN A 119 -4.30 30.44 45.59
CA ASN A 119 -3.53 29.39 44.92
C ASN A 119 -2.04 29.39 45.26
N MET A 120 -1.44 30.56 45.40
CA MET A 120 -0.01 30.65 45.71
C MET A 120 0.24 30.73 47.24
N THR A 121 -0.27 31.77 47.87
CA THR A 121 -0.08 31.99 49.30
C THR A 121 -0.75 30.87 50.10
N GLY A 122 -1.92 30.43 49.69
CA GLY A 122 -2.56 29.29 50.33
C GLY A 122 -1.69 28.04 50.31
N THR A 123 -1.02 27.80 49.18
CA THR A 123 -0.10 26.65 49.05
C THR A 123 1.10 26.83 49.98
N PHE A 124 1.70 28.02 49.97
CA PHE A 124 2.84 28.32 50.84
C PHE A 124 2.52 28.08 52.31
N LEU A 125 1.38 28.59 52.75
CA LEU A 125 0.99 28.49 54.14
C LEU A 125 0.68 27.04 54.55
N THR A 126 -0.05 26.32 53.70
CA THR A 126 -0.34 24.91 53.95
C THR A 126 0.99 24.15 54.06
N CYS A 127 1.90 24.39 53.11
CA CYS A 127 3.14 23.61 53.04
C CYS A 127 4.08 23.98 54.20
N ARG A 128 4.12 25.25 54.62
CA ARG A 128 5.00 25.62 55.73
C ARG A 128 4.53 24.96 57.02
N ALA A 129 3.23 24.95 57.27
CA ALA A 129 2.67 24.24 58.42
C ALA A 129 2.95 22.76 58.34
N GLY A 130 2.66 22.16 57.18
CA GLY A 130 2.89 20.74 56.97
C GLY A 130 4.34 20.35 57.21
N ALA A 131 5.24 21.18 56.66
CA ALA A 131 6.68 20.91 56.75
C ALA A 131 7.16 20.95 58.20
N ARG A 132 6.64 21.93 58.94
CA ARG A 132 6.96 22.05 60.36
C ARG A 132 6.45 20.82 61.12
N ALA A 133 5.24 20.36 60.81
CA ALA A 133 4.66 19.21 61.50
C ALA A 133 5.46 17.95 61.21
N MET A 134 5.93 17.82 59.97
CA MET A 134 6.70 16.66 59.53
C MET A 134 7.99 16.57 60.32
N VAL A 135 8.66 17.72 60.45
CA VAL A 135 9.89 17.81 61.24
C VAL A 135 9.58 17.50 62.71
N ALA A 136 8.51 18.07 63.24
CA ALA A 136 8.12 17.81 64.66
C ALA A 136 7.77 16.33 64.91
N ALA A 137 7.31 15.65 63.86
CA ALA A 137 6.95 14.23 63.97
C ALA A 137 8.11 13.28 63.69
N GLY A 138 9.29 13.81 63.38
CA GLY A 138 10.50 13.00 63.26
C GLY A 138 11.13 12.92 61.87
N ALA A 139 10.61 13.69 60.91
CA ALA A 139 11.22 13.70 59.58
C ALA A 139 12.67 14.17 59.70
N GLY A 140 13.57 13.46 59.03
CA GLY A 140 14.98 13.86 58.98
C GLY A 140 15.81 13.28 60.10
N LYS A 141 15.18 12.43 60.92
CA LYS A 141 15.81 11.77 62.08
C LYS A 141 15.52 10.26 62.01
N ASP A 142 16.53 9.45 62.33
CA ASP A 142 16.39 7.99 62.40
C ASP A 142 15.95 7.40 61.05
N GLY A 143 16.46 7.96 59.96
CA GLY A 143 16.11 7.48 58.61
C GLY A 143 14.68 7.83 58.16
N ARG A 144 13.96 8.64 58.95
CA ARG A 144 12.55 8.99 58.66
C ARG A 144 12.49 10.13 57.62
N SER A 145 11.63 9.96 56.63
CA SER A 145 11.43 11.00 55.60
C SER A 145 9.95 11.26 55.38
N ALA A 146 9.66 12.33 54.67
CA ALA A 146 8.30 12.79 54.49
C ALA A 146 8.22 13.33 53.04
N ARG A 147 7.02 13.77 52.65
CA ARG A 147 6.71 14.05 51.26
C ARG A 147 5.77 15.20 51.16
N ILE A 148 6.15 16.23 50.39
CA ILE A 148 5.26 17.32 50.02
C ILE A 148 5.12 17.31 48.49
N ILE A 149 3.87 17.23 48.04
CA ILE A 149 3.53 17.13 46.63
C ILE A 149 2.58 18.29 46.33
N THR A 150 2.99 19.18 45.43
CA THR A 150 2.12 20.30 45.02
C THR A 150 1.43 19.93 43.73
N ILE A 151 0.20 20.41 43.54
CA ILE A 151 -0.50 20.22 42.25
C ILE A 151 -0.36 21.55 41.50
N GLY A 152 0.45 21.53 40.47
CA GLY A 152 0.64 22.68 39.62
C GLY A 152 -0.22 22.55 38.40
N SER A 153 0.38 22.76 37.24
CA SER A 153 -0.32 22.69 35.97
C SER A 153 0.72 22.85 34.86
N VAL A 154 0.36 22.45 33.65
CA VAL A 154 1.16 22.79 32.47
C VAL A 154 1.30 24.30 32.39
N ASN A 155 0.32 25.03 32.95
CA ASN A 155 0.39 26.53 33.15
C ASN A 155 1.50 27.04 34.11
N SER A 156 2.18 26.11 34.79
CA SER A 156 3.37 26.44 35.53
C SER A 156 4.55 26.82 34.63
N PHE A 157 4.46 26.44 33.36
CA PHE A 157 5.56 26.63 32.41
C PHE A 157 5.19 27.33 31.12
N MET A 158 3.98 27.07 30.61
CA MET A 158 3.49 27.68 29.38
C MET A 158 2.07 28.19 29.63
N ALA A 159 1.73 29.32 29.03
CA ALA A 159 0.49 30.03 29.36
C ALA A 159 -0.66 29.75 28.41
N GLU A 160 -1.79 29.39 29.02
CA GLU A 160 -3.12 29.51 28.40
C GLU A 160 -3.50 30.97 28.18
N PRO A 161 -4.36 31.25 27.20
CA PRO A 161 -4.87 32.62 27.07
C PRO A 161 -5.84 33.00 28.20
N GLU A 162 -5.90 34.29 28.50
CA GLU A 162 -6.95 34.87 29.30
C GLU A 162 -7.07 34.35 30.73
N ALA A 163 -5.94 34.01 31.33
CA ALA A 163 -5.93 33.52 32.71
C ALA A 163 -4.64 33.96 33.44
N ALA A 164 -4.21 35.22 33.28
CA ALA A 164 -2.91 35.65 33.75
C ALA A 164 -2.64 35.46 35.25
N ALA A 165 -3.69 35.58 36.06
CA ALA A 165 -3.54 35.43 37.52
C ALA A 165 -3.37 33.98 37.93
N TYR A 166 -4.18 33.10 37.32
CA TYR A 166 -4.06 31.68 37.51
C TYR A 166 -2.67 31.20 37.05
N VAL A 167 -2.24 31.62 35.86
CA VAL A 167 -0.97 31.18 35.27
C VAL A 167 0.23 31.67 36.09
N ALA A 168 0.18 32.94 36.48
CA ALA A 168 1.22 33.52 37.33
C ALA A 168 1.32 32.72 38.63
N ALA A 169 0.18 32.47 39.27
CA ALA A 169 0.20 31.76 40.54
C ALA A 169 0.72 30.33 40.37
N LYS A 170 0.46 29.71 39.23
CA LYS A 170 1.05 28.39 38.95
C LYS A 170 2.56 28.43 38.78
N GLY A 171 3.08 29.51 38.21
CA GLY A 171 4.53 29.68 38.14
C GLY A 171 5.12 29.89 39.51
N GLY A 172 4.44 30.69 40.31
CA GLY A 172 4.74 30.83 41.73
C GLY A 172 4.87 29.50 42.45
N VAL A 173 3.88 28.64 42.29
CA VAL A 173 3.92 27.32 42.92
C VAL A 173 5.07 26.45 42.36
N ALA A 174 5.33 26.50 41.06
CA ALA A 174 6.48 25.78 40.49
C ALA A 174 7.78 26.09 41.20
N MET A 175 8.09 27.39 41.34
CA MET A 175 9.32 27.78 42.01
C MET A 175 9.30 27.67 43.53
N LEU A 176 8.14 27.86 44.17
CA LEU A 176 7.98 27.51 45.61
C LEU A 176 8.35 26.02 45.84
N THR A 177 7.89 25.16 44.94
CA THR A 177 8.19 23.73 45.02
C THR A 177 9.70 23.49 45.05
N ARG A 178 10.42 24.09 44.10
CA ARG A 178 11.88 23.97 44.09
C ARG A 178 12.58 24.60 45.30
N ALA A 179 12.10 25.76 45.75
CA ALA A 179 12.65 26.37 46.96
C ALA A 179 12.50 25.40 48.14
N MET A 180 11.31 24.86 48.29
CA MET A 180 11.03 23.96 49.40
C MET A 180 11.94 22.72 49.35
N ALA A 181 12.07 22.14 48.13
CA ALA A 181 12.93 20.98 47.90
C ALA A 181 14.35 21.25 48.37
N VAL A 182 14.86 22.46 48.06
CA VAL A 182 16.23 22.80 48.39
C VAL A 182 16.35 22.99 49.90
N ASP A 183 15.42 23.74 50.48
CA ASP A 183 15.55 24.05 51.92
C ASP A 183 15.20 22.89 52.83
N LEU A 184 14.40 21.95 52.35
CA LEU A 184 13.91 20.88 53.20
C LEU A 184 14.62 19.54 52.99
N ALA A 185 15.52 19.45 52.02
CA ALA A 185 16.26 18.22 51.80
C ALA A 185 17.01 17.75 53.07
N ARG A 186 17.63 18.69 53.81
CA ARG A 186 18.35 18.37 55.03
C ARG A 186 17.41 17.89 56.13
N HIS A 187 16.11 18.18 56.01
CA HIS A 187 15.12 17.71 56.97
C HIS A 187 14.41 16.45 56.55
N GLY A 188 14.90 15.79 55.51
CA GLY A 188 14.32 14.54 55.04
C GLY A 188 12.95 14.69 54.40
N ILE A 189 12.61 15.88 53.91
CA ILE A 189 11.35 16.05 53.20
C ILE A 189 11.61 16.19 51.69
N LEU A 190 11.02 15.31 50.91
CA LEU A 190 11.14 15.40 49.45
C LEU A 190 9.90 16.12 48.88
N VAL A 191 10.15 17.06 47.98
CA VAL A 191 9.13 17.99 47.52
C VAL A 191 9.14 17.99 46.00
N ASN A 192 7.98 17.69 45.42
CA ASN A 192 7.83 17.62 43.97
C ASN A 192 6.50 18.18 43.57
N MET A 193 6.35 18.49 42.28
CA MET A 193 5.07 18.99 41.73
C MET A 193 4.50 18.00 40.72
N ILE A 194 3.19 17.97 40.61
CA ILE A 194 2.52 17.29 39.53
C ILE A 194 1.93 18.37 38.62
N ALA A 195 2.23 18.30 37.31
CA ALA A 195 1.74 19.25 36.35
C ALA A 195 0.69 18.63 35.40
N PRO A 196 -0.59 18.64 35.79
CA PRO A 196 -1.60 18.07 34.90
C PRO A 196 -1.89 18.94 33.69
N GLY A 197 -2.17 18.31 32.57
CA GLY A 197 -2.74 19.01 31.40
C GLY A 197 -4.25 19.10 31.58
N PRO A 198 -5.02 19.17 30.48
CA PRO A 198 -6.46 19.20 30.66
C PRO A 198 -6.99 17.90 31.28
N VAL A 199 -7.75 18.02 32.37
CA VAL A 199 -8.31 16.88 33.08
C VAL A 199 -9.81 17.07 33.26
N ASP A 200 -10.59 16.11 32.78
CA ASP A 200 -12.02 16.21 32.87
C ASP A 200 -12.43 15.76 34.27
N VAL A 201 -13.05 16.67 35.02
CA VAL A 201 -13.44 16.41 36.42
C VAL A 201 -14.96 16.39 36.60
N THR A 202 -15.70 16.32 35.48
CA THR A 202 -17.16 16.30 35.53
C THR A 202 -17.73 14.94 35.94
N GLY A 203 -16.99 13.86 35.67
CA GLY A 203 -17.49 12.50 35.85
C GLY A 203 -18.32 12.04 34.65
N ASN A 204 -18.50 12.92 33.70
CA ASN A 204 -19.53 12.81 32.68
C ASN A 204 -18.99 12.86 31.24
N ASN A 205 -17.67 13.03 31.10
CA ASN A 205 -17.05 13.44 29.84
C ASN A 205 -17.67 14.69 29.19
N THR A 206 -17.99 15.71 29.99
CA THR A 206 -18.59 16.95 29.48
C THR A 206 -17.71 18.19 29.72
N GLY A 207 -16.52 18.00 30.28
CA GLY A 207 -15.68 19.14 30.67
C GLY A 207 -15.13 19.91 29.48
N TYR A 208 -14.94 19.22 28.35
CA TYR A 208 -14.27 19.80 27.20
C TYR A 208 -15.11 19.60 25.95
N SER A 209 -16.42 19.61 26.14
CA SER A 209 -17.36 19.26 25.06
C SER A 209 -17.70 20.44 24.13
N GLU A 210 -17.46 21.67 24.58
CA GLU A 210 -17.65 22.84 23.74
C GLU A 210 -16.83 22.65 22.44
N PRO A 211 -17.45 22.86 21.26
CA PRO A 211 -16.85 22.39 20.00
C PRO A 211 -15.44 22.89 19.68
N ARG A 212 -15.22 24.18 19.83
CA ARG A 212 -13.92 24.75 19.59
C ARG A 212 -12.87 24.18 20.57
N LEU A 213 -13.23 24.07 21.84
CA LEU A 213 -12.34 23.49 22.86
C LEU A 213 -12.08 22.01 22.57
N ALA A 214 -13.11 21.31 22.12
CA ALA A 214 -13.01 19.89 21.77
C ALA A 214 -12.03 19.69 20.62
N GLU A 215 -12.13 20.53 19.60
CA GLU A 215 -11.23 20.48 18.45
C GLU A 215 -9.77 20.77 18.89
N GLN A 216 -9.60 21.76 19.77
CA GLN A 216 -8.28 22.09 20.30
C GLN A 216 -7.64 20.98 21.15
N VAL A 217 -8.46 20.28 21.93
CA VAL A 217 -8.00 19.12 22.67
C VAL A 217 -7.48 18.04 21.69
N LEU A 218 -8.19 17.81 20.60
CA LEU A 218 -7.74 16.84 19.59
C LEU A 218 -6.43 17.27 18.93
N ASP A 219 -6.26 18.56 18.69
CA ASP A 219 -5.08 19.05 17.99
C ASP A 219 -3.87 19.21 18.89
N GLU A 220 -4.08 19.67 20.11
CA GLU A 220 -2.96 20.04 20.96
C GLU A 220 -2.50 18.97 21.97
N VAL A 221 -3.36 18.01 22.30
CA VAL A 221 -3.01 16.89 23.17
C VAL A 221 -2.70 15.67 22.25
N ALA A 222 -1.50 15.12 22.36
CA ALA A 222 -1.06 14.00 21.50
C ALA A 222 -2.04 12.84 21.58
N LEU A 223 -2.50 12.54 22.79
CA LEU A 223 -3.46 11.48 23.04
C LEU A 223 -4.88 11.84 22.64
N GLY A 224 -5.12 13.12 22.33
CA GLY A 224 -6.36 13.54 21.72
C GLY A 224 -7.60 13.46 22.60
N ARG A 225 -7.40 13.60 23.91
CA ARG A 225 -8.49 13.62 24.87
C ARG A 225 -8.04 14.32 26.17
N PRO A 226 -9.00 14.72 27.01
CA PRO A 226 -8.63 15.18 28.33
C PRO A 226 -8.25 14.00 29.23
N GLY A 227 -7.48 14.27 30.27
CA GLY A 227 -7.17 13.21 31.25
C GLY A 227 -8.33 12.93 32.20
N LEU A 228 -8.23 11.85 32.95
CA LEU A 228 -9.15 11.55 34.04
C LEU A 228 -8.44 11.67 35.39
N PRO A 229 -9.16 12.03 36.45
CA PRO A 229 -8.55 12.27 37.76
C PRO A 229 -7.58 11.16 38.25
N GLU A 230 -7.95 9.91 38.01
CA GLU A 230 -7.17 8.77 38.46
C GLU A 230 -5.80 8.75 37.79
N GLU A 231 -5.72 9.25 36.56
CA GLU A 231 -4.47 9.35 35.81
C GLU A 231 -3.52 10.41 36.41
N VAL A 232 -4.01 11.27 37.29
CA VAL A 232 -3.16 12.20 38.02
C VAL A 232 -2.83 11.64 39.42
N ALA A 233 -3.83 11.04 40.06
CA ALA A 233 -3.73 10.46 41.40
C ALA A 233 -2.63 9.42 41.48
N THR A 234 -2.46 8.64 40.42
CA THR A 234 -1.45 7.60 40.42
C THR A 234 -0.06 8.19 40.66
N ALA A 235 0.23 9.36 40.10
CA ALA A 235 1.53 10.04 40.37
C ALA A 235 1.65 10.49 41.82
N ALA A 236 0.53 10.81 42.47
CA ALA A 236 0.57 11.22 43.88
C ALA A 236 0.99 10.04 44.79
N VAL A 237 0.52 8.84 44.45
CA VAL A 237 0.94 7.62 45.15
C VAL A 237 2.44 7.38 44.89
N PHE A 238 2.84 7.47 43.61
CA PHE A 238 4.22 7.26 43.22
C PHE A 238 5.19 8.17 43.97
N LEU A 239 4.91 9.46 43.98
CA LEU A 239 5.78 10.42 44.68
C LEU A 239 5.80 10.19 46.21
N ALA A 240 4.67 9.83 46.78
CA ALA A 240 4.56 9.65 48.23
C ALA A 240 5.22 8.39 48.79
N GLU A 241 5.41 7.34 47.97
CA GLU A 241 5.92 6.09 48.51
C GLU A 241 7.43 6.12 48.85
N ASP A 242 7.86 5.23 49.73
CA ASP A 242 9.27 5.18 50.16
C ASP A 242 10.24 5.01 49.00
N GLY A 243 9.85 4.30 47.95
CA GLY A 243 10.75 4.05 46.81
C GLY A 243 11.21 5.31 46.07
N SER A 244 10.47 6.41 46.21
CA SER A 244 10.76 7.64 45.45
C SER A 244 11.76 8.52 46.21
N SER A 245 12.72 7.87 46.86
CA SER A 245 13.56 8.47 47.86
C SER A 245 14.71 9.34 47.26
N PHE A 246 14.89 9.32 45.94
CA PHE A 246 15.85 10.19 45.29
C PHE A 246 15.21 11.23 44.37
N ILE A 247 13.90 11.46 44.50
CA ILE A 247 13.17 12.36 43.62
C ILE A 247 12.75 13.55 44.47
N THR A 248 13.35 14.71 44.17
CA THR A 248 12.97 15.94 44.82
C THR A 248 13.30 17.13 43.91
N GLY A 249 12.50 18.18 44.06
CA GLY A 249 12.60 19.35 43.19
C GLY A 249 12.11 19.13 41.75
N SER A 250 11.41 18.04 41.49
CA SER A 250 11.02 17.68 40.12
C SER A 250 9.53 17.91 39.87
N THR A 251 9.16 17.83 38.61
CA THR A 251 7.78 17.87 38.19
C THR A 251 7.51 16.59 37.37
N ILE A 252 6.45 15.87 37.69
CA ILE A 252 5.90 14.86 36.81
C ILE A 252 4.72 15.47 36.03
N THR A 253 4.84 15.47 34.71
CA THR A 253 3.88 16.13 33.85
C THR A 253 2.97 15.11 33.27
N ILE A 254 1.67 15.37 33.39
CA ILE A 254 0.61 14.42 33.07
C ILE A 254 -0.42 15.10 32.16
N ASP A 255 -0.10 15.14 30.87
CA ASP A 255 -0.82 16.01 29.97
C ASP A 255 -1.08 15.46 28.55
N GLY A 256 -0.92 14.14 28.36
CA GLY A 256 -1.22 13.51 27.06
C GLY A 256 -0.31 14.01 25.96
N GLY A 257 0.83 14.58 26.34
CA GLY A 257 1.79 15.07 25.38
C GLY A 257 1.65 16.53 25.00
N LEU A 258 0.75 17.28 25.66
CA LEU A 258 0.46 18.65 25.27
C LEU A 258 1.74 19.51 25.25
N SER A 259 2.46 19.47 26.37
CA SER A 259 3.66 20.28 26.53
C SER A 259 4.86 19.77 25.76
N ALA A 260 4.78 18.60 25.14
CA ALA A 260 5.89 17.98 24.39
C ALA A 260 5.81 18.21 22.89
N MET A 261 4.68 18.77 22.42
CA MET A 261 4.34 18.78 20.98
C MET A 261 4.10 20.19 20.45
N ILE A 262 4.54 20.44 19.22
CA ILE A 262 4.16 21.66 18.50
C ILE A 262 3.54 21.29 17.17
N PHE A 263 2.65 22.14 16.69
CA PHE A 263 1.87 21.89 15.46
C PHE A 263 1.18 20.55 15.46
N GLY A 264 0.60 20.21 16.62
CA GLY A 264 -0.12 18.95 16.80
C GLY A 264 -1.25 18.80 15.79
N GLY A 265 -1.83 19.93 15.37
CA GLY A 265 -2.90 19.90 14.38
C GLY A 265 -2.47 19.50 13.00
N MET A 266 -1.18 19.46 12.74
CA MET A 266 -0.65 19.01 11.48
C MET A 266 -0.40 17.50 11.42
N ARG A 267 -0.50 16.77 12.53
CA ARG A 267 -0.10 15.37 12.50
C ARG A 267 -1.07 14.54 11.66
N GLU A 268 -0.60 13.45 11.06
CA GLU A 268 -1.48 12.51 10.37
C GLU A 268 -2.54 12.02 11.35
N GLY A 269 -3.78 11.94 10.88
CA GLY A 269 -4.89 11.56 11.72
C GLY A 269 -5.67 12.78 12.14
N ARG A 270 -4.99 13.94 12.21
CA ARG A 270 -5.63 15.21 12.56
C ARG A 270 -5.78 16.17 11.38
N ARG A 271 -4.77 16.29 10.52
CA ARG A 271 -4.88 17.26 9.40
C ARG A 271 -5.82 16.85 8.28
N ARG B 9 4.50 -13.25 39.70
CA ARG B 9 3.63 -13.19 38.49
C ARG B 9 2.29 -12.43 38.72
N PRO B 10 1.85 -12.28 40.00
CA PRO B 10 0.98 -11.14 40.37
C PRO B 10 1.84 -9.86 40.48
N GLY B 11 1.27 -8.65 40.63
CA GLY B 11 2.11 -7.45 40.47
C GLY B 11 1.56 -6.37 39.56
N ARG B 12 2.16 -5.18 39.61
CA ARG B 12 1.66 -4.03 38.88
C ARG B 12 1.87 -4.15 37.37
N LEU B 13 2.73 -5.08 36.95
CA LEU B 13 2.98 -5.35 35.53
C LEU B 13 2.61 -6.79 35.15
N ALA B 14 1.64 -7.35 35.88
CA ALA B 14 1.27 -8.75 35.69
C ALA B 14 0.93 -8.97 34.23
N GLY B 15 1.49 -10.01 33.64
CA GLY B 15 1.13 -10.38 32.28
C GLY B 15 1.76 -9.54 31.17
N LYS B 16 2.61 -8.59 31.51
CA LYS B 16 3.21 -7.72 30.48
C LYS B 16 4.48 -8.34 29.95
N ALA B 17 4.76 -8.09 28.69
CA ALA B 17 6.01 -8.52 28.05
C ALA B 17 6.95 -7.32 27.90
N ALA B 18 8.15 -7.43 28.46
CA ALA B 18 9.08 -6.31 28.54
C ALA B 18 10.47 -6.68 28.01
N ILE B 19 11.09 -5.73 27.32
CA ILE B 19 12.51 -5.80 26.95
C ILE B 19 13.20 -4.65 27.69
N VAL B 20 14.30 -4.96 28.39
CA VAL B 20 15.15 -3.96 29.00
C VAL B 20 16.55 -4.05 28.38
N THR B 21 17.02 -2.98 27.75
CA THR B 21 18.42 -2.92 27.28
C THR B 21 19.30 -2.25 28.32
N GLY B 22 20.61 -2.44 28.18
CA GLY B 22 21.56 -2.03 29.20
C GLY B 22 21.39 -2.80 30.48
N ALA B 23 20.88 -4.02 30.35
CA ALA B 23 20.33 -4.82 31.48
C ALA B 23 21.36 -5.45 32.42
N ALA B 24 22.65 -5.38 32.05
CA ALA B 24 23.75 -5.79 32.93
C ALA B 24 24.23 -4.66 33.79
N GLY B 25 23.87 -3.43 33.43
CA GLY B 25 24.29 -2.25 34.17
C GLY B 25 23.50 -2.04 35.44
N GLY B 26 23.90 -1.02 36.22
CA GLY B 26 23.22 -0.75 37.51
C GLY B 26 21.71 -0.48 37.37
N ILE B 27 21.35 0.49 36.56
CA ILE B 27 19.93 0.84 36.33
C ILE B 27 19.17 -0.28 35.60
N GLY B 28 19.75 -0.83 34.54
CA GLY B 28 19.09 -1.93 33.83
C GLY B 28 18.86 -3.17 34.69
N ARG B 29 19.86 -3.54 35.49
CA ARG B 29 19.71 -4.71 36.37
C ARG B 29 18.59 -4.47 37.36
N ALA B 30 18.59 -3.31 38.02
CA ALA B 30 17.52 -2.97 38.96
C ALA B 30 16.12 -2.95 38.29
N THR B 31 16.07 -2.53 37.04
CA THR B 31 14.80 -2.49 36.32
C THR B 31 14.31 -3.91 35.96
N VAL B 32 15.22 -4.74 35.49
CA VAL B 32 14.90 -6.13 35.19
C VAL B 32 14.31 -6.78 36.45
N GLU B 33 14.96 -6.55 37.59
CA GLU B 33 14.52 -7.15 38.84
C GLU B 33 13.17 -6.62 39.32
N ALA B 34 12.98 -5.30 39.24
CA ALA B 34 11.72 -4.70 39.63
C ALA B 34 10.60 -5.21 38.73
N TYR B 35 10.90 -5.34 37.44
CA TYR B 35 9.91 -5.80 36.46
C TYR B 35 9.49 -7.27 36.73
N LEU B 36 10.46 -8.16 36.96
CA LEU B 36 10.14 -9.55 37.32
C LEU B 36 9.34 -9.61 38.62
N ARG B 37 9.77 -8.81 39.58
CA ARG B 37 9.07 -8.72 40.87
C ARG B 37 7.62 -8.26 40.71
N GLU B 38 7.34 -7.40 39.73
CA GLU B 38 5.97 -6.93 39.46
C GLU B 38 5.19 -7.75 38.44
N GLY B 39 5.72 -8.92 38.10
CA GLY B 39 4.98 -9.91 37.31
C GLY B 39 5.15 -9.87 35.81
N ALA B 40 6.13 -9.12 35.30
CA ALA B 40 6.36 -9.03 33.86
C ALA B 40 7.22 -10.18 33.43
N SER B 41 7.09 -10.58 32.16
CA SER B 41 8.06 -11.45 31.51
C SER B 41 9.09 -10.51 30.92
N VAL B 42 10.38 -10.81 31.13
CA VAL B 42 11.44 -9.86 30.82
C VAL B 42 12.56 -10.46 30.03
N VAL B 43 12.85 -9.86 28.87
CA VAL B 43 14.07 -10.11 28.12
C VAL B 43 15.08 -9.08 28.56
N ALA B 44 16.29 -9.55 28.92
CA ALA B 44 17.37 -8.69 29.34
C ALA B 44 18.42 -8.63 28.23
N MET B 45 18.69 -7.43 27.71
CA MET B 45 19.65 -7.25 26.61
C MET B 45 20.82 -6.43 27.08
N ASP B 46 22.01 -6.82 26.63
CA ASP B 46 23.25 -6.12 26.84
C ASP B 46 24.31 -6.85 26.01
N LEU B 47 25.55 -6.41 26.08
CA LEU B 47 26.64 -7.05 25.39
C LEU B 47 26.79 -8.46 25.93
N ALA B 48 27.18 -9.37 25.05
CA ALA B 48 27.24 -10.80 25.38
C ALA B 48 28.05 -11.09 26.64
N PRO B 49 29.31 -10.61 26.72
CA PRO B 49 30.09 -10.90 27.92
C PRO B 49 29.50 -10.28 29.17
N ARG B 50 28.82 -9.15 29.04
CA ARG B 50 28.24 -8.51 30.23
C ARG B 50 27.05 -9.32 30.73
N LEU B 51 26.16 -9.74 29.83
CA LEU B 51 25.07 -10.68 30.22
C LEU B 51 25.60 -11.97 30.84
N ALA B 52 26.67 -12.52 30.26
CA ALA B 52 27.21 -13.80 30.76
C ALA B 52 27.67 -13.69 32.22
N ALA B 53 28.11 -12.50 32.63
CA ALA B 53 28.62 -12.29 33.99
C ALA B 53 27.54 -11.80 34.96
N THR B 54 26.30 -11.65 34.51
CA THR B 54 25.27 -11.09 35.38
C THR B 54 24.27 -12.15 35.83
N ARG B 55 24.01 -12.18 37.12
CA ARG B 55 22.96 -13.05 37.70
C ARG B 55 21.99 -12.13 38.41
N TYR B 56 20.70 -12.31 38.16
CA TYR B 56 19.72 -11.40 38.70
C TYR B 56 19.25 -11.89 40.07
N GLU B 57 18.91 -10.96 40.97
CA GLU B 57 18.37 -11.35 42.28
C GLU B 57 16.96 -11.94 42.20
N GLU B 58 16.33 -11.86 41.02
CA GLU B 58 15.05 -12.49 40.75
C GLU B 58 15.21 -13.39 39.53
N PRO B 59 14.57 -14.55 39.54
CA PRO B 59 14.68 -15.50 38.42
C PRO B 59 13.67 -15.29 37.31
N GLY B 60 14.02 -15.75 36.11
CA GLY B 60 13.10 -15.72 34.97
C GLY B 60 13.47 -14.77 33.85
N ALA B 61 14.55 -14.01 33.99
CA ALA B 61 15.01 -13.15 32.92
C ALA B 61 15.48 -14.00 31.71
N ILE B 62 15.15 -13.53 30.52
CA ILE B 62 15.58 -14.17 29.29
C ILE B 62 16.71 -13.34 28.68
N PRO B 63 17.96 -13.78 28.90
CA PRO B 63 19.08 -13.00 28.36
C PRO B 63 19.24 -13.17 26.85
N ILE B 64 19.28 -12.05 26.14
CA ILE B 64 19.55 -12.04 24.71
C ILE B 64 20.58 -10.96 24.43
N ALA B 65 21.72 -11.38 23.89
CA ALA B 65 22.84 -10.51 23.60
C ALA B 65 22.48 -9.55 22.47
N CYS B 66 22.88 -8.29 22.58
CA CYS B 66 22.62 -7.32 21.50
C CYS B 66 23.56 -6.18 21.60
N ASP B 67 24.53 -6.15 20.70
CA ASP B 67 25.48 -5.04 20.59
C ASP B 67 24.83 -3.87 19.85
N LEU B 68 24.66 -2.74 20.54
CA LEU B 68 23.99 -1.55 19.96
C LEU B 68 24.75 -0.96 18.74
N ALA B 69 26.04 -1.23 18.61
CA ALA B 69 26.84 -0.75 17.47
C ALA B 69 26.56 -1.57 16.19
N ASP B 70 25.93 -2.72 16.33
CA ASP B 70 25.65 -3.60 15.18
C ASP B 70 24.16 -3.50 14.81
N ARG B 71 23.89 -2.78 13.71
CA ARG B 71 22.51 -2.47 13.33
C ARG B 71 21.68 -3.71 12.99
N ALA B 72 22.25 -4.63 12.22
CA ALA B 72 21.59 -5.89 11.92
C ALA B 72 21.29 -6.66 13.23
N ALA B 73 22.20 -6.64 14.19
CA ALA B 73 21.96 -7.37 15.45
C ALA B 73 20.80 -6.76 16.25
N ILE B 74 20.63 -5.45 16.17
CA ILE B 74 19.52 -4.81 16.88
C ILE B 74 18.18 -5.37 16.37
N ASP B 75 18.01 -5.46 15.05
CA ASP B 75 16.79 -6.02 14.48
C ASP B 75 16.59 -7.49 14.79
N ALA B 76 17.64 -8.29 14.63
CA ALA B 76 17.57 -9.73 14.86
C ALA B 76 17.23 -10.00 16.33
N ALA B 77 17.92 -9.31 17.24
CA ALA B 77 17.70 -9.56 18.68
C ALA B 77 16.30 -9.12 19.10
N MET B 78 15.83 -8.02 18.53
CA MET B 78 14.47 -7.55 18.79
C MET B 78 13.43 -8.55 18.29
N ALA B 79 13.61 -9.10 17.08
CA ALA B 79 12.64 -10.11 16.56
C ALA B 79 12.68 -11.38 17.42
N ASP B 80 13.87 -11.80 17.85
CA ASP B 80 14.04 -12.99 18.67
C ASP B 80 13.33 -12.78 20.02
N ALA B 81 13.61 -11.66 20.68
CA ALA B 81 12.94 -11.24 21.91
C ALA B 81 11.41 -11.26 21.77
N VAL B 82 10.90 -10.64 20.71
CA VAL B 82 9.46 -10.55 20.54
C VAL B 82 8.83 -11.93 20.32
N ALA B 83 9.45 -12.76 19.49
CA ALA B 83 9.00 -14.15 19.31
C ALA B 83 8.96 -14.90 20.66
N ARG B 84 10.01 -14.79 21.46
CA ARG B 84 10.02 -15.50 22.74
C ARG B 84 9.02 -14.97 23.76
N LEU B 85 8.75 -13.67 23.74
CA LEU B 85 7.77 -13.11 24.64
C LEU B 85 6.35 -13.29 24.15
N GLY B 86 6.19 -13.54 22.85
CA GLY B 86 4.86 -13.66 22.25
C GLY B 86 4.21 -12.29 22.02
N GLY B 87 5.04 -11.25 21.93
CA GLY B 87 4.52 -9.88 21.81
C GLY B 87 5.47 -8.87 22.46
N LEU B 88 4.97 -7.65 22.67
CA LEU B 88 5.74 -6.61 23.32
C LEU B 88 4.85 -5.49 23.87
N ASP B 89 4.94 -5.28 25.17
CA ASP B 89 4.19 -4.20 25.82
C ASP B 89 5.09 -3.05 26.28
N ILE B 90 6.32 -3.38 26.71
CA ILE B 90 7.20 -2.42 27.33
C ILE B 90 8.62 -2.52 26.79
N LEU B 91 9.21 -1.38 26.47
CA LEU B 91 10.61 -1.31 26.07
C LEU B 91 11.31 -0.29 26.96
N VAL B 92 12.35 -0.70 27.66
CA VAL B 92 13.20 0.26 28.38
C VAL B 92 14.53 0.35 27.65
N ALA B 93 14.78 1.45 26.96
CA ALA B 93 16.03 1.66 26.22
C ALA B 93 17.07 2.31 27.13
N GLY B 94 17.85 1.47 27.82
CA GLY B 94 18.84 1.90 28.82
C GLY B 94 20.30 1.68 28.45
N GLY B 95 20.55 0.92 27.37
CA GLY B 95 21.93 0.67 26.91
C GLY B 95 22.65 1.94 26.45
N ALA B 96 23.85 2.16 26.97
CA ALA B 96 24.57 3.41 26.73
C ALA B 96 26.04 3.33 27.16
N LEU B 97 26.91 3.95 26.38
CA LEU B 97 28.27 4.27 26.83
C LEU B 97 28.23 5.45 27.79
N LYS B 98 28.94 5.36 28.90
CA LYS B 98 28.92 6.42 29.92
C LYS B 98 30.21 7.21 29.87
N GLY B 99 30.21 8.35 30.57
CA GLY B 99 31.45 9.05 30.93
C GLY B 99 32.05 9.98 29.89
N GLY B 100 33.23 10.49 30.22
CA GLY B 100 33.81 11.64 29.55
C GLY B 100 35.04 11.34 28.72
N THR B 101 35.50 12.36 28.00
CA THR B 101 36.63 12.21 27.07
C THR B 101 37.71 13.25 27.34
N GLY B 102 37.34 14.38 27.91
CA GLY B 102 38.23 15.54 27.95
C GLY B 102 37.56 16.73 27.30
N ASN B 103 38.34 17.79 27.09
CA ASN B 103 37.77 19.04 26.62
C ASN B 103 37.23 18.91 25.19
N PHE B 104 36.15 19.63 24.91
CA PHE B 104 35.58 19.70 23.57
C PHE B 104 36.63 19.97 22.46
N LEU B 105 37.62 20.82 22.74
CA LEU B 105 38.65 21.14 21.75
C LEU B 105 39.46 19.91 21.29
N ASP B 106 39.57 18.92 22.15
CA ASP B 106 40.37 17.74 21.88
C ASP B 106 39.51 16.54 21.55
N LEU B 107 38.22 16.73 21.36
CA LEU B 107 37.30 15.59 21.15
C LEU B 107 37.48 15.05 19.72
N SER B 108 37.85 13.78 19.63
CA SER B 108 38.11 13.15 18.34
C SER B 108 36.86 12.67 17.66
N ASP B 109 36.95 12.57 16.34
CA ASP B 109 35.89 11.96 15.53
C ASP B 109 35.48 10.59 16.06
N ALA B 110 36.48 9.75 16.37
CA ALA B 110 36.23 8.40 16.89
C ALA B 110 35.30 8.39 18.16
N ASP B 111 35.58 9.25 19.12
CA ASP B 111 34.82 9.32 20.35
C ASP B 111 33.45 9.94 20.11
N TRP B 112 33.38 11.00 19.32
CA TRP B 112 32.08 11.55 18.90
C TRP B 112 31.20 10.50 18.29
N ASP B 113 31.76 9.76 17.33
CA ASP B 113 31.00 8.73 16.62
C ASP B 113 30.52 7.60 17.53
N ARG B 114 31.37 7.15 18.45
CA ARG B 114 31.02 6.06 19.35
C ARG B 114 29.82 6.45 20.22
N TYR B 115 29.86 7.64 20.81
CA TYR B 115 28.76 8.06 21.66
C TYR B 115 27.47 8.28 20.86
N VAL B 116 27.56 8.98 19.73
CA VAL B 116 26.37 9.20 18.91
C VAL B 116 25.85 7.89 18.33
N ASP B 117 26.72 7.03 17.80
CA ASP B 117 26.25 5.78 17.18
C ASP B 117 25.64 4.82 18.21
N VAL B 118 26.30 4.62 19.34
CA VAL B 118 25.77 3.70 20.35
C VAL B 118 24.61 4.32 21.11
N ASN B 119 24.79 5.52 21.64
CA ASN B 119 23.80 6.05 22.58
C ASN B 119 22.59 6.66 21.90
N MET B 120 22.79 7.40 20.81
CA MET B 120 21.66 8.05 20.14
C MET B 120 21.04 7.17 19.06
N THR B 121 21.84 6.76 18.08
CA THR B 121 21.38 5.89 17.00
C THR B 121 20.97 4.52 17.52
N GLY B 122 21.71 3.98 18.48
CA GLY B 122 21.32 2.69 19.12
C GLY B 122 19.96 2.73 19.75
N THR B 123 19.65 3.84 20.41
CA THR B 123 18.33 4.06 21.04
C THR B 123 17.26 4.19 19.99
N PHE B 124 17.52 4.98 18.96
CA PHE B 124 16.59 5.12 17.82
C PHE B 124 16.25 3.77 17.19
N LEU B 125 17.26 2.98 16.87
CA LEU B 125 17.02 1.70 16.20
C LEU B 125 16.30 0.69 17.09
N THR B 126 16.68 0.62 18.35
CA THR B 126 15.99 -0.25 19.29
C THR B 126 14.50 0.15 19.40
N CYS B 127 14.26 1.43 19.55
CA CYS B 127 12.92 1.95 19.77
C CYS B 127 12.07 1.82 18.51
N ARG B 128 12.66 2.00 17.33
CA ARG B 128 11.88 1.86 16.09
C ARG B 128 11.44 0.43 15.96
N ALA B 129 12.33 -0.52 16.25
CA ALA B 129 11.97 -1.95 16.12
C ALA B 129 10.92 -2.31 17.17
N GLY B 130 11.14 -1.86 18.40
CA GLY B 130 10.18 -2.12 19.48
C GLY B 130 8.81 -1.55 19.15
N ALA B 131 8.78 -0.30 18.65
CA ALA B 131 7.52 0.36 18.33
C ALA B 131 6.75 -0.42 17.26
N ARG B 132 7.46 -0.87 16.22
CA ARG B 132 6.86 -1.68 15.15
C ARG B 132 6.35 -3.03 15.67
N ALA B 133 7.07 -3.65 16.59
CA ALA B 133 6.58 -4.90 17.21
C ALA B 133 5.32 -4.67 18.08
N MET B 134 5.30 -3.57 18.82
CA MET B 134 4.16 -3.25 19.65
C MET B 134 2.91 -3.14 18.76
N VAL B 135 3.04 -2.39 17.68
CA VAL B 135 1.94 -2.18 16.76
C VAL B 135 1.49 -3.52 16.17
N ALA B 136 2.44 -4.31 15.69
CA ALA B 136 2.16 -5.65 15.14
C ALA B 136 1.50 -6.57 16.17
N ALA B 137 1.78 -6.39 17.46
CA ALA B 137 1.20 -7.19 18.54
C ALA B 137 -0.15 -6.62 19.06
N GLY B 138 -0.62 -5.51 18.47
CA GLY B 138 -1.96 -5.01 18.76
C GLY B 138 -2.04 -3.68 19.47
N ALA B 139 -0.92 -3.01 19.70
CA ALA B 139 -0.96 -1.69 20.34
C ALA B 139 -1.78 -0.73 19.48
N GLY B 140 -2.67 0.00 20.14
CA GLY B 140 -3.53 0.99 19.46
C GLY B 140 -4.83 0.43 18.91
N LYS B 141 -5.12 -0.83 19.21
CA LYS B 141 -6.36 -1.49 18.80
C LYS B 141 -6.98 -2.16 20.02
N ASP B 142 -8.31 -2.14 20.10
CA ASP B 142 -9.05 -2.83 21.17
C ASP B 142 -8.64 -2.35 22.58
N GLY B 143 -8.35 -1.05 22.69
CA GLY B 143 -7.93 -0.46 23.97
C GLY B 143 -6.52 -0.85 24.45
N ARG B 144 -5.76 -1.52 23.59
CA ARG B 144 -4.43 -2.02 23.93
C ARG B 144 -3.39 -0.91 23.75
N SER B 145 -2.58 -0.71 24.78
CA SER B 145 -1.50 0.28 24.74
C SER B 145 -0.17 -0.34 25.15
N ALA B 146 0.91 0.39 24.87
CA ALA B 146 2.26 -0.07 25.07
C ALA B 146 3.12 1.08 25.59
N ARG B 147 4.38 0.82 25.90
CA ARG B 147 5.18 1.75 26.67
C ARG B 147 6.62 1.74 26.20
N ILE B 148 7.13 2.89 25.81
CA ILE B 148 8.58 3.04 25.53
C ILE B 148 9.13 4.06 26.51
N ILE B 149 10.18 3.64 27.24
CA ILE B 149 10.84 4.39 28.28
C ILE B 149 12.32 4.49 27.90
N THR B 150 12.81 5.70 27.70
CA THR B 150 14.21 5.91 27.38
C THR B 150 14.91 6.30 28.68
N ILE B 151 16.17 5.87 28.83
CA ILE B 151 16.99 6.32 29.95
C ILE B 151 17.90 7.42 29.44
N GLY B 152 17.63 8.64 29.89
CA GLY B 152 18.42 9.79 29.52
C GLY B 152 19.33 10.16 30.65
N SER B 153 19.36 11.44 30.98
CA SER B 153 20.26 11.90 32.05
C SER B 153 19.90 13.34 32.28
N VAL B 154 20.27 13.88 33.45
CA VAL B 154 20.26 15.34 33.69
C VAL B 154 21.03 16.05 32.59
N ASN B 155 22.03 15.37 32.04
CA ASN B 155 22.79 15.79 30.83
C ASN B 155 22.00 15.94 29.54
N SER B 156 20.75 15.47 29.54
CA SER B 156 19.82 15.76 28.45
C SER B 156 19.42 17.24 28.39
N PHE B 157 19.64 17.98 29.49
CA PHE B 157 19.18 19.36 29.63
C PHE B 157 20.26 20.36 30.06
N MET B 158 21.18 19.91 30.89
CA MET B 158 22.29 20.74 31.35
C MET B 158 23.56 19.90 31.21
N ALA B 159 24.67 20.56 30.86
CA ALA B 159 25.92 19.88 30.54
C ALA B 159 26.92 19.79 31.72
N GLU B 160 27.32 18.57 32.04
CA GLU B 160 28.59 18.27 32.74
C GLU B 160 29.79 18.76 31.91
N PRO B 161 30.93 19.09 32.55
CA PRO B 161 32.17 19.35 31.78
C PRO B 161 32.79 18.11 31.12
N GLU B 162 33.52 18.32 30.05
CA GLU B 162 34.38 17.32 29.44
C GLU B 162 33.69 16.07 28.99
N ALA B 163 32.50 16.21 28.43
CA ALA B 163 31.75 15.02 27.95
C ALA B 163 30.82 15.36 26.78
N ALA B 164 31.25 16.24 25.88
CA ALA B 164 30.38 16.84 24.88
C ALA B 164 29.64 15.82 23.97
N ALA B 165 30.25 14.69 23.71
CA ALA B 165 29.63 13.65 22.88
C ALA B 165 28.52 12.93 23.66
N TYR B 166 28.82 12.54 24.89
CA TYR B 166 27.83 11.95 25.77
C TYR B 166 26.64 12.90 25.99
N VAL B 167 26.93 14.18 26.24
CA VAL B 167 25.90 15.17 26.54
C VAL B 167 25.07 15.45 25.29
N ALA B 168 25.73 15.67 24.18
CA ALA B 168 25.00 15.87 22.92
C ALA B 168 24.04 14.71 22.68
N ALA B 169 24.53 13.48 22.81
CA ALA B 169 23.70 12.32 22.51
C ALA B 169 22.51 12.21 23.49
N LYS B 170 22.69 12.65 24.73
CA LYS B 170 21.57 12.68 25.69
C LYS B 170 20.51 13.71 25.30
N GLY B 171 20.93 14.80 24.69
CA GLY B 171 19.98 15.76 24.17
C GLY B 171 19.23 15.19 22.97
N GLY B 172 19.98 14.53 22.09
CA GLY B 172 19.39 13.77 21.02
C GLY B 172 18.32 12.82 21.52
N VAL B 173 18.61 12.06 22.57
CA VAL B 173 17.61 11.13 23.11
C VAL B 173 16.39 11.84 23.70
N ALA B 174 16.61 12.97 24.39
CA ALA B 174 15.52 13.77 24.95
C ALA B 174 14.48 14.11 23.88
N MET B 175 14.94 14.65 22.76
CA MET B 175 14.05 15.06 21.70
C MET B 175 13.56 13.90 20.85
N LEU B 176 14.34 12.83 20.70
CA LEU B 176 13.84 11.59 20.08
C LEU B 176 12.61 11.10 20.87
N THR B 177 12.72 11.15 22.19
CA THR B 177 11.65 10.70 23.05
C THR B 177 10.35 11.49 22.77
N ARG B 178 10.43 12.81 22.69
CA ARG B 178 9.26 13.63 22.38
C ARG B 178 8.72 13.42 20.95
N ALA B 179 9.60 13.26 19.97
CA ALA B 179 9.19 12.96 18.59
C ALA B 179 8.44 11.64 18.55
N MET B 180 8.98 10.63 19.22
CA MET B 180 8.30 9.34 19.33
C MET B 180 6.95 9.43 20.04
N ALA B 181 6.88 10.18 21.13
CA ALA B 181 5.61 10.41 21.83
C ALA B 181 4.55 11.02 20.90
N VAL B 182 4.93 11.97 20.08
CA VAL B 182 4.00 12.63 19.21
C VAL B 182 3.53 11.71 18.07
N ASP B 183 4.46 11.01 17.43
CA ASP B 183 4.13 10.16 16.29
C ASP B 183 3.43 8.87 16.68
N LEU B 184 3.68 8.38 17.90
CA LEU B 184 3.18 7.10 18.30
C LEU B 184 1.91 7.18 19.18
N ALA B 185 1.51 8.38 19.57
CA ALA B 185 0.28 8.55 20.37
C ALA B 185 -0.90 7.89 19.69
N ARG B 186 -1.02 8.04 18.37
CA ARG B 186 -2.15 7.48 17.63
C ARG B 186 -2.08 5.95 17.56
N HIS B 187 -0.91 5.38 17.86
CA HIS B 187 -0.74 3.93 17.88
C HIS B 187 -0.78 3.37 19.29
N GLY B 188 -1.25 4.18 20.25
CA GLY B 188 -1.39 3.73 21.64
C GLY B 188 -0.08 3.42 22.36
N ILE B 189 1.01 4.05 21.94
CA ILE B 189 2.28 3.83 22.62
C ILE B 189 2.65 5.12 23.34
N LEU B 190 2.82 5.05 24.64
CA LEU B 190 3.22 6.18 25.46
C LEU B 190 4.73 6.15 25.67
N VAL B 191 5.36 7.29 25.45
CA VAL B 191 6.81 7.37 25.39
C VAL B 191 7.27 8.45 26.33
N ASN B 192 8.18 8.09 27.24
CA ASN B 192 8.72 9.01 28.23
C ASN B 192 10.17 8.71 28.50
N MET B 193 10.86 9.67 29.11
CA MET B 193 12.26 9.53 29.49
C MET B 193 12.42 9.58 30.98
N ILE B 194 13.42 8.85 31.47
CA ILE B 194 13.88 8.95 32.85
C ILE B 194 15.23 9.65 32.83
N ALA B 195 15.35 10.75 33.58
CA ALA B 195 16.60 11.55 33.64
C ALA B 195 17.27 11.39 35.02
N PRO B 196 18.09 10.33 35.18
CA PRO B 196 18.84 10.20 36.44
C PRO B 196 19.96 11.25 36.64
N GLY B 197 20.14 11.67 37.90
CA GLY B 197 21.32 12.45 38.29
C GLY B 197 22.46 11.44 38.54
N PRO B 198 23.36 11.77 39.46
CA PRO B 198 24.43 10.80 39.77
C PRO B 198 23.88 9.56 40.50
N VAL B 199 24.22 8.39 39.97
CA VAL B 199 23.73 7.14 40.49
C VAL B 199 24.89 6.23 40.69
N ASP B 200 25.08 5.77 41.92
CA ASP B 200 26.19 4.88 42.22
C ASP B 200 25.82 3.48 41.78
N VAL B 201 26.61 2.90 40.87
CA VAL B 201 26.33 1.59 40.32
C VAL B 201 27.38 0.55 40.70
N THR B 202 28.25 0.89 41.66
CA THR B 202 29.32 -0.01 42.11
C THR B 202 28.86 -1.14 43.03
N GLY B 203 27.75 -0.93 43.72
CA GLY B 203 27.27 -1.86 44.74
C GLY B 203 28.01 -1.69 46.05
N ASN B 204 28.92 -0.73 46.07
CA ASN B 204 29.94 -0.62 47.09
C ASN B 204 30.03 0.75 47.76
N ASN B 205 29.16 1.67 47.33
CA ASN B 205 29.30 3.09 47.65
C ASN B 205 30.71 3.65 47.33
N THR B 206 31.29 3.23 46.21
CA THR B 206 32.61 3.73 45.79
C THR B 206 32.58 4.52 44.49
N GLY B 207 31.41 4.72 43.89
CA GLY B 207 31.33 5.40 42.60
C GLY B 207 31.73 6.88 42.63
N TYR B 208 31.53 7.52 43.77
CA TYR B 208 31.71 8.96 43.89
C TYR B 208 32.61 9.27 45.08
N SER B 209 33.58 8.40 45.32
CA SER B 209 34.41 8.50 46.53
C SER B 209 35.65 9.39 46.36
N GLU B 210 36.05 9.66 45.12
CA GLU B 210 37.11 10.61 44.86
C GLU B 210 36.76 11.94 45.59
N PRO B 211 37.69 12.48 46.38
CA PRO B 211 37.37 13.59 47.27
C PRO B 211 36.71 14.80 46.64
N ARG B 212 37.26 15.30 45.54
CA ARG B 212 36.70 16.48 44.89
C ARG B 212 35.27 16.19 44.37
N LEU B 213 35.09 15.03 43.74
CA LEU B 213 33.77 14.62 43.27
C LEU B 213 32.81 14.42 44.46
N ALA B 214 33.33 13.84 45.53
CA ALA B 214 32.55 13.63 46.74
C ALA B 214 32.05 14.95 47.34
N GLU B 215 32.92 15.95 47.41
CA GLU B 215 32.55 17.30 47.88
C GLU B 215 31.49 17.91 46.93
N GLN B 216 31.67 17.77 45.63
CA GLN B 216 30.72 18.31 44.65
C GLN B 216 29.33 17.67 44.74
N VAL B 217 29.29 16.38 45.02
CA VAL B 217 28.03 15.70 45.22
C VAL B 217 27.31 16.30 46.43
N LEU B 218 28.04 16.56 47.52
CA LEU B 218 27.46 17.18 48.72
C LEU B 218 26.92 18.59 48.43
N ASP B 219 27.59 19.35 47.57
CA ASP B 219 27.22 20.73 47.30
C ASP B 219 26.11 20.85 46.26
N GLU B 220 26.18 20.04 45.21
CA GLU B 220 25.29 20.19 44.06
C GLU B 220 24.04 19.32 44.08
N VAL B 221 24.04 18.22 44.84
CA VAL B 221 22.83 17.39 45.02
C VAL B 221 22.16 17.74 46.34
N ALA B 222 20.91 18.20 46.30
CA ALA B 222 20.21 18.67 47.51
C ALA B 222 20.24 17.60 48.59
N LEU B 223 19.98 16.36 48.21
CA LEU B 223 20.00 15.22 49.15
C LEU B 223 21.41 14.84 49.58
N GLY B 224 22.44 15.38 48.90
CA GLY B 224 23.80 15.25 49.35
C GLY B 224 24.41 13.86 49.25
N ARG B 225 23.98 13.10 48.23
CA ARG B 225 24.55 11.75 47.99
C ARG B 225 24.22 11.36 46.56
N PRO B 226 24.93 10.36 46.00
CA PRO B 226 24.50 9.78 44.74
C PRO B 226 23.27 8.90 44.94
N GLY B 227 22.52 8.65 43.87
CA GLY B 227 21.34 7.78 43.94
C GLY B 227 21.71 6.32 43.90
N LEU B 228 20.75 5.45 44.16
CA LEU B 228 20.95 4.01 43.99
C LEU B 228 20.13 3.54 42.78
N PRO B 229 20.53 2.44 42.13
CA PRO B 229 19.80 1.93 40.98
C PRO B 229 18.28 1.73 41.19
N GLU B 230 17.91 1.22 42.35
CA GLU B 230 16.52 0.93 42.66
C GLU B 230 15.69 2.19 42.66
N GLU B 231 16.30 3.30 43.05
CA GLU B 231 15.63 4.61 43.06
C GLU B 231 15.32 5.10 41.64
N VAL B 232 15.96 4.50 40.63
CA VAL B 232 15.65 4.84 39.25
C VAL B 232 14.66 3.82 38.69
N ALA B 233 14.87 2.54 39.02
CA ALA B 233 14.02 1.44 38.57
C ALA B 233 12.56 1.66 38.91
N THR B 234 12.28 2.22 40.09
CA THR B 234 10.91 2.42 40.53
C THR B 234 10.10 3.29 39.56
N ALA B 235 10.75 4.25 38.92
CA ALA B 235 10.13 5.07 37.88
C ALA B 235 9.85 4.28 36.60
N ALA B 236 10.66 3.27 36.30
CA ALA B 236 10.43 2.42 35.13
C ALA B 236 9.18 1.55 35.30
N VAL B 237 8.91 1.12 36.53
CA VAL B 237 7.66 0.42 36.85
C VAL B 237 6.49 1.38 36.72
N PHE B 238 6.63 2.56 37.34
CA PHE B 238 5.56 3.57 37.32
C PHE B 238 5.16 3.93 35.89
N LEU B 239 6.12 4.27 35.04
CA LEU B 239 5.80 4.64 33.66
C LEU B 239 5.21 3.48 32.87
N ALA B 240 5.67 2.26 33.14
CA ALA B 240 5.19 1.08 32.39
C ALA B 240 3.77 0.60 32.74
N GLU B 241 3.27 0.89 33.95
CA GLU B 241 1.99 0.32 34.35
C GLU B 241 0.78 0.99 33.67
N ASP B 242 -0.33 0.28 33.63
CA ASP B 242 -1.56 0.78 32.98
C ASP B 242 -2.03 2.13 33.51
N GLY B 243 -1.82 2.38 34.80
CA GLY B 243 -2.29 3.63 35.42
C GLY B 243 -1.61 4.88 34.88
N SER B 244 -0.50 4.74 34.19
CA SER B 244 0.20 5.95 33.66
C SER B 244 -0.28 6.30 32.25
N SER B 245 -1.58 6.14 32.01
CA SER B 245 -2.15 6.14 30.70
C SER B 245 -2.30 7.54 30.10
N PHE B 246 -2.05 8.59 30.89
CA PHE B 246 -2.07 9.98 30.37
C PHE B 246 -0.68 10.64 30.33
N ILE B 247 0.36 9.85 30.56
CA ILE B 247 1.72 10.39 30.68
C ILE B 247 2.47 10.00 29.42
N THR B 248 2.82 11.01 28.60
CA THR B 248 3.58 10.78 27.39
C THR B 248 4.30 12.05 26.98
N GLY B 249 5.49 11.88 26.43
CA GLY B 249 6.34 12.99 26.06
C GLY B 249 7.02 13.69 27.25
N SER B 250 6.98 13.06 28.42
CA SER B 250 7.49 13.67 29.63
C SER B 250 8.81 13.04 30.08
N THR B 251 9.47 13.72 31.01
CA THR B 251 10.64 13.23 31.68
C THR B 251 10.36 13.19 33.18
N ILE B 252 10.70 12.07 33.81
CA ILE B 252 10.78 12.00 35.25
C ILE B 252 12.25 12.14 35.61
N THR B 253 12.55 13.18 36.40
CA THR B 253 13.92 13.46 36.79
C THR B 253 14.16 12.94 38.21
N ILE B 254 15.26 12.17 38.33
CA ILE B 254 15.60 11.45 39.55
C ILE B 254 17.06 11.77 39.90
N ASP B 255 17.25 12.89 40.60
CA ASP B 255 18.57 13.46 40.77
C ASP B 255 18.85 14.11 42.12
N GLY B 256 18.06 13.80 43.15
CA GLY B 256 18.29 14.35 44.51
C GLY B 256 18.26 15.89 44.53
N GLY B 257 17.61 16.49 43.53
CA GLY B 257 17.49 17.94 43.47
C GLY B 257 18.60 18.67 42.71
N LEU B 258 19.51 17.94 42.08
CA LEU B 258 20.61 18.58 41.36
C LEU B 258 20.10 19.64 40.38
N SER B 259 19.20 19.26 39.49
CA SER B 259 18.75 20.15 38.45
C SER B 259 17.78 21.23 38.95
N ALA B 260 17.38 21.16 40.22
CA ALA B 260 16.40 22.09 40.77
C ALA B 260 17.06 23.20 41.53
N MET B 261 18.37 23.09 41.76
CA MET B 261 19.07 23.93 42.71
C MET B 261 20.21 24.72 42.05
N ILE B 262 20.42 25.96 42.53
CA ILE B 262 21.66 26.71 42.24
C ILE B 262 22.31 27.19 43.54
N PHE B 263 23.63 27.36 43.50
CA PHE B 263 24.44 27.68 44.68
C PHE B 263 24.13 26.77 45.83
N GLY B 264 24.03 25.48 45.55
CA GLY B 264 23.78 24.46 46.57
C GLY B 264 24.85 24.45 47.66
N GLY B 265 26.06 24.85 47.32
CA GLY B 265 27.15 24.90 48.30
C GLY B 265 26.99 25.99 49.35
N MET B 266 26.08 26.93 49.09
CA MET B 266 25.83 28.02 50.04
C MET B 266 24.78 27.66 51.06
N ARG B 267 24.10 26.52 50.92
CA ARG B 267 22.99 26.22 51.82
C ARG B 267 23.49 25.90 53.24
N GLU B 268 22.66 26.18 54.24
CA GLU B 268 23.00 25.85 55.62
C GLU B 268 23.23 24.35 55.70
N GLY B 269 24.27 23.96 56.44
CA GLY B 269 24.68 22.55 56.53
C GLY B 269 25.88 22.29 55.62
N ARG B 270 25.98 23.03 54.52
CA ARG B 270 27.10 22.91 53.57
C ARG B 270 28.07 24.08 53.64
N ARG B 271 27.58 25.31 53.76
CA ARG B 271 28.47 26.48 53.72
C ARG B 271 29.46 26.56 54.92
N PRO C 10 -17.10 -25.09 -4.45
CA PRO C 10 -16.28 -23.92 -4.12
C PRO C 10 -16.71 -22.72 -4.95
N GLY C 11 -17.26 -21.69 -4.30
CA GLY C 11 -17.46 -20.42 -4.99
C GLY C 11 -16.15 -19.65 -4.94
N ARG C 12 -15.90 -18.83 -5.95
CA ARG C 12 -14.63 -18.14 -6.07
C ARG C 12 -14.46 -17.02 -5.06
N LEU C 13 -15.54 -16.62 -4.39
CA LEU C 13 -15.50 -15.65 -3.30
C LEU C 13 -16.02 -16.24 -1.97
N ALA C 14 -15.84 -17.55 -1.80
CA ALA C 14 -16.32 -18.27 -0.61
C ALA C 14 -15.81 -17.62 0.65
N GLY C 15 -16.69 -17.35 1.59
CA GLY C 15 -16.28 -16.76 2.87
C GLY C 15 -16.04 -15.25 2.90
N LYS C 16 -16.12 -14.57 1.75
CA LYS C 16 -15.75 -13.15 1.69
C LYS C 16 -16.91 -12.27 2.09
N ALA C 17 -16.59 -11.18 2.77
CA ALA C 17 -17.58 -10.18 3.16
C ALA C 17 -17.55 -9.00 2.18
N ALA C 18 -18.66 -8.74 1.50
CA ALA C 18 -18.71 -7.72 0.43
C ALA C 18 -19.79 -6.71 0.69
N ILE C 19 -19.53 -5.46 0.31
CA ILE C 19 -20.55 -4.42 0.20
C ILE C 19 -20.59 -4.00 -1.27
N VAL C 20 -21.80 -3.91 -1.83
CA VAL C 20 -22.02 -3.40 -3.20
C VAL C 20 -22.96 -2.21 -3.14
N THR C 21 -22.50 -1.02 -3.55
CA THR C 21 -23.37 0.15 -3.62
C THR C 21 -23.93 0.25 -5.06
N GLY C 22 -24.98 1.04 -5.21
CA GLY C 22 -25.74 1.10 -6.42
C GLY C 22 -26.41 -0.23 -6.72
N ALA C 23 -26.72 -0.97 -5.66
CA ALA C 23 -27.11 -2.40 -5.81
C ALA C 23 -28.55 -2.64 -6.31
N ALA C 24 -29.34 -1.58 -6.46
CA ALA C 24 -30.67 -1.72 -7.09
C ALA C 24 -30.53 -1.54 -8.57
N GLY C 25 -29.44 -0.96 -9.05
CA GLY C 25 -29.29 -0.69 -10.48
C GLY C 25 -28.92 -1.94 -11.25
N GLY C 26 -28.77 -1.81 -12.56
CA GLY C 26 -28.45 -2.93 -13.42
C GLY C 26 -27.12 -3.61 -13.10
N ILE C 27 -26.04 -2.84 -13.10
CA ILE C 27 -24.72 -3.39 -12.81
C ILE C 27 -24.63 -3.87 -11.37
N GLY C 28 -25.11 -3.06 -10.43
CA GLY C 28 -25.08 -3.44 -8.99
C GLY C 28 -25.91 -4.69 -8.67
N ARG C 29 -27.11 -4.77 -9.23
CA ARG C 29 -27.92 -5.98 -9.04
C ARG C 29 -27.17 -7.22 -9.55
N ALA C 30 -26.67 -7.15 -10.78
CA ALA C 30 -25.96 -8.29 -11.36
C ALA C 30 -24.72 -8.63 -10.52
N THR C 31 -24.07 -7.63 -9.96
CA THR C 31 -22.89 -7.89 -9.11
C THR C 31 -23.28 -8.59 -7.80
N VAL C 32 -24.32 -8.08 -7.14
CA VAL C 32 -24.84 -8.70 -5.92
C VAL C 32 -25.11 -10.18 -6.18
N GLU C 33 -25.80 -10.46 -7.28
CA GLU C 33 -26.15 -11.83 -7.61
C GLU C 33 -24.96 -12.71 -7.92
N ALA C 34 -24.01 -12.18 -8.69
CA ALA C 34 -22.82 -12.91 -9.01
C ALA C 34 -22.03 -13.22 -7.76
N TYR C 35 -21.96 -12.23 -6.87
CA TYR C 35 -21.22 -12.38 -5.60
C TYR C 35 -21.86 -13.45 -4.69
N LEU C 36 -23.18 -13.38 -4.49
CA LEU C 36 -23.90 -14.42 -3.73
C LEU C 36 -23.70 -15.78 -4.37
N ARG C 37 -23.78 -15.85 -5.69
CA ARG C 37 -23.55 -17.09 -6.40
C ARG C 37 -22.15 -17.66 -6.12
N GLU C 38 -21.15 -16.77 -6.00
CA GLU C 38 -19.76 -17.21 -5.74
C GLU C 38 -19.41 -17.35 -4.24
N GLY C 39 -20.43 -17.31 -3.39
CA GLY C 39 -20.27 -17.67 -1.98
C GLY C 39 -19.98 -16.54 -1.03
N ALA C 40 -20.07 -15.29 -1.49
CA ALA C 40 -19.80 -14.14 -0.63
C ALA C 40 -21.01 -13.81 0.22
N SER C 41 -20.77 -13.22 1.39
CA SER C 41 -21.84 -12.56 2.15
C SER C 41 -21.91 -11.15 1.62
N VAL C 42 -23.11 -10.67 1.27
CA VAL C 42 -23.24 -9.41 0.55
C VAL C 42 -24.23 -8.45 1.19
N VAL C 43 -23.76 -7.25 1.52
CA VAL C 43 -24.63 -6.14 1.86
C VAL C 43 -24.88 -5.38 0.57
N ALA C 44 -26.15 -5.11 0.28
CA ALA C 44 -26.58 -4.36 -0.88
C ALA C 44 -27.04 -2.98 -0.44
N MET C 45 -26.39 -1.93 -0.95
CA MET C 45 -26.69 -0.55 -0.60
C MET C 45 -27.20 0.20 -1.81
N ASP C 46 -28.21 1.03 -1.58
CA ASP C 46 -28.76 1.94 -2.58
C ASP C 46 -29.73 2.85 -1.81
N LEU C 47 -30.44 3.73 -2.52
CA LEU C 47 -31.47 4.56 -1.90
C LEU C 47 -32.56 3.63 -1.36
N ALA C 48 -33.17 4.04 -0.23
CA ALA C 48 -34.17 3.22 0.44
C ALA C 48 -35.31 2.75 -0.47
N PRO C 49 -35.98 3.67 -1.16
CA PRO C 49 -37.09 3.18 -2.01
C PRO C 49 -36.62 2.22 -3.12
N ARG C 50 -35.41 2.43 -3.63
CA ARG C 50 -34.90 1.58 -4.69
C ARG C 50 -34.61 0.17 -4.17
N LEU C 51 -33.97 0.06 -3.00
CA LEU C 51 -33.81 -1.26 -2.34
C LEU C 51 -35.15 -1.92 -2.05
N ALA C 52 -36.12 -1.14 -1.59
CA ALA C 52 -37.44 -1.70 -1.23
C ALA C 52 -38.13 -2.36 -2.43
N ALA C 53 -37.88 -1.84 -3.63
CA ALA C 53 -38.50 -2.36 -4.85
C ALA C 53 -37.65 -3.40 -5.56
N THR C 54 -36.51 -3.81 -4.99
CA THR C 54 -35.66 -4.76 -5.68
C THR C 54 -35.66 -6.14 -5.00
N ARG C 55 -35.83 -7.18 -5.79
CA ARG C 55 -35.71 -8.54 -5.29
C ARG C 55 -34.61 -9.18 -6.14
N TYR C 56 -33.72 -9.91 -5.49
CA TYR C 56 -32.57 -10.47 -6.17
C TYR C 56 -32.89 -11.87 -6.62
N GLU C 57 -32.35 -12.27 -7.77
CA GLU C 57 -32.53 -13.64 -8.28
C GLU C 57 -31.77 -14.67 -7.44
N GLU C 58 -30.90 -14.23 -6.52
CA GLU C 58 -30.27 -15.09 -5.53
C GLU C 58 -30.64 -14.57 -4.13
N PRO C 59 -30.82 -15.47 -3.17
CA PRO C 59 -31.17 -15.04 -1.81
C PRO C 59 -29.97 -14.79 -0.94
N GLY C 60 -30.16 -14.00 0.11
CA GLY C 60 -29.16 -13.81 1.14
C GLY C 60 -28.58 -12.41 1.21
N ALA C 61 -28.99 -11.52 0.31
CA ALA C 61 -28.50 -10.15 0.32
C ALA C 61 -29.01 -9.44 1.56
N ILE C 62 -28.16 -8.63 2.19
CA ILE C 62 -28.54 -7.82 3.35
C ILE C 62 -28.73 -6.37 2.88
N PRO C 63 -29.99 -5.94 2.69
CA PRO C 63 -30.20 -4.59 2.18
C PRO C 63 -30.02 -3.54 3.26
N ILE C 64 -29.18 -2.53 2.98
CA ILE C 64 -28.95 -1.42 3.90
C ILE C 64 -29.01 -0.15 3.09
N ALA C 65 -29.97 0.70 3.42
CA ALA C 65 -30.19 1.96 2.73
C ALA C 65 -29.06 2.91 2.99
N CYS C 66 -28.65 3.64 1.95
CA CYS C 66 -27.59 4.63 2.09
C CYS C 66 -27.64 5.66 0.98
N ASP C 67 -28.08 6.86 1.32
CA ASP C 67 -28.09 7.97 0.40
C ASP C 67 -26.69 8.56 0.28
N LEU C 68 -26.09 8.48 -0.90
CA LEU C 68 -24.73 9.01 -1.11
C LEU C 68 -24.58 10.52 -0.91
N ALA C 69 -25.69 11.27 -1.03
CA ALA C 69 -25.69 12.73 -0.78
C ALA C 69 -25.65 13.10 0.71
N ASP C 70 -25.86 12.13 1.59
CA ASP C 70 -25.87 12.37 3.04
C ASP C 70 -24.63 11.78 3.66
N ARG C 71 -23.67 12.63 4.02
CA ARG C 71 -22.34 12.20 4.46
C ARG C 71 -22.36 11.42 5.74
N ALA C 72 -23.17 11.87 6.70
CA ALA C 72 -23.36 11.17 7.98
C ALA C 72 -23.93 9.77 7.75
N ALA C 73 -24.87 9.66 6.81
CA ALA C 73 -25.48 8.37 6.48
C ALA C 73 -24.50 7.42 5.83
N ILE C 74 -23.54 7.93 5.06
CA ILE C 74 -22.50 7.07 4.48
C ILE C 74 -21.72 6.37 5.58
N ASP C 75 -21.24 7.12 6.56
CA ASP C 75 -20.50 6.51 7.70
C ASP C 75 -21.29 5.54 8.54
N ALA C 76 -22.52 5.93 8.88
CA ALA C 76 -23.41 5.10 9.69
C ALA C 76 -23.77 3.78 8.98
N ALA C 77 -24.11 3.87 7.70
CA ALA C 77 -24.49 2.69 6.93
C ALA C 77 -23.31 1.75 6.71
N MET C 78 -22.11 2.32 6.51
CA MET C 78 -20.89 1.55 6.40
C MET C 78 -20.54 0.86 7.72
N ALA C 79 -20.67 1.54 8.86
CA ALA C 79 -20.40 0.89 10.17
C ALA C 79 -21.37 -0.25 10.40
N ASP C 80 -22.64 -0.02 10.07
CA ASP C 80 -23.68 -1.01 10.26
C ASP C 80 -23.38 -2.26 9.41
N ALA C 81 -23.15 -2.04 8.11
CA ALA C 81 -22.75 -3.10 7.19
C ALA C 81 -21.56 -3.91 7.73
N VAL C 82 -20.52 -3.23 8.14
CA VAL C 82 -19.32 -3.93 8.62
C VAL C 82 -19.59 -4.76 9.89
N ALA C 83 -20.34 -4.18 10.82
CA ALA C 83 -20.78 -4.89 12.02
C ALA C 83 -21.56 -6.14 11.67
N ARG C 84 -22.52 -6.06 10.75
CA ARG C 84 -23.30 -7.23 10.37
C ARG C 84 -22.46 -8.29 9.66
N LEU C 85 -21.51 -7.88 8.82
CA LEU C 85 -20.69 -8.82 8.05
C LEU C 85 -19.57 -9.39 8.90
N GLY C 86 -19.27 -8.73 10.01
CA GLY C 86 -18.21 -9.16 10.90
C GLY C 86 -16.84 -8.79 10.37
N GLY C 87 -16.80 -7.82 9.45
CA GLY C 87 -15.56 -7.46 8.76
C GLY C 87 -15.86 -6.90 7.37
N LEU C 88 -14.83 -6.82 6.54
CA LEU C 88 -14.99 -6.34 5.16
C LEU C 88 -13.80 -6.75 4.33
N ASP C 89 -14.04 -7.52 3.27
CA ASP C 89 -13.03 -7.90 2.29
C ASP C 89 -13.16 -7.18 0.93
N ILE C 90 -14.39 -6.88 0.53
CA ILE C 90 -14.64 -6.36 -0.82
C ILE C 90 -15.63 -5.22 -0.81
N LEU C 91 -15.30 -4.12 -1.47
CA LEU C 91 -16.21 -3.01 -1.67
C LEU C 91 -16.34 -2.74 -3.17
N VAL C 92 -17.56 -2.74 -3.68
CA VAL C 92 -17.83 -2.31 -5.05
C VAL C 92 -18.59 -0.99 -4.98
N ALA C 93 -17.92 0.11 -5.29
CA ALA C 93 -18.54 1.43 -5.28
C ALA C 93 -19.16 1.71 -6.64
N GLY C 94 -20.43 1.35 -6.78
CA GLY C 94 -21.17 1.49 -8.05
C GLY C 94 -22.27 2.53 -8.09
N GLY C 95 -22.67 3.06 -6.91
CA GLY C 95 -23.72 4.06 -6.81
C GLY C 95 -23.35 5.33 -7.57
N ALA C 96 -24.27 5.82 -8.41
CA ALA C 96 -24.01 6.95 -9.28
C ALA C 96 -25.30 7.48 -9.94
N LEU C 97 -25.38 8.80 -10.06
CA LEU C 97 -26.34 9.46 -10.96
C LEU C 97 -25.83 9.34 -12.40
N LYS C 98 -26.71 8.98 -13.31
CA LYS C 98 -26.32 8.72 -14.70
C LYS C 98 -26.78 9.86 -15.59
N GLY C 99 -26.33 9.85 -16.83
CA GLY C 99 -26.94 10.66 -17.88
C GLY C 99 -26.54 12.12 -17.94
N GLY C 100 -27.20 12.84 -18.84
CA GLY C 100 -26.77 14.18 -19.28
C GLY C 100 -27.68 15.31 -18.87
N THR C 101 -27.23 16.51 -19.17
CA THR C 101 -27.92 17.75 -18.80
C THR C 101 -28.22 18.65 -20.00
N GLY C 102 -27.38 18.60 -21.01
CA GLY C 102 -27.34 19.60 -22.06
C GLY C 102 -25.94 20.13 -22.20
N ASN C 103 -25.80 21.18 -23.00
CA ASN C 103 -24.50 21.71 -23.38
C ASN C 103 -23.78 22.29 -22.18
N PHE C 104 -22.47 22.14 -22.15
CA PHE C 104 -21.62 22.75 -21.13
C PHE C 104 -21.94 24.23 -20.84
N LEU C 105 -22.22 25.00 -21.88
CA LEU C 105 -22.58 26.42 -21.72
C LEU C 105 -23.77 26.70 -20.81
N ASP C 106 -24.69 25.76 -20.72
CA ASP C 106 -25.94 25.91 -19.98
C ASP C 106 -25.96 25.08 -18.72
N LEU C 107 -24.82 24.49 -18.36
CA LEU C 107 -24.75 23.62 -17.22
C LEU C 107 -24.82 24.44 -15.92
N SER C 108 -25.83 24.16 -15.11
CA SER C 108 -26.06 24.89 -13.87
C SER C 108 -25.19 24.39 -12.70
N ASP C 109 -25.01 25.30 -11.74
CA ASP C 109 -24.34 24.99 -10.49
C ASP C 109 -24.99 23.78 -9.80
N ALA C 110 -26.31 23.79 -9.77
CA ALA C 110 -27.09 22.69 -9.18
C ALA C 110 -26.79 21.32 -9.80
N ASP C 111 -26.71 21.25 -11.13
CA ASP C 111 -26.40 19.98 -11.78
C ASP C 111 -24.98 19.55 -11.59
N TRP C 112 -24.05 20.48 -11.73
CA TRP C 112 -22.66 20.22 -11.47
C TRP C 112 -22.49 19.64 -10.10
N ASP C 113 -23.06 20.33 -9.10
CA ASP C 113 -22.88 19.92 -7.71
C ASP C 113 -23.47 18.54 -7.45
N ARG C 114 -24.62 18.26 -8.04
CA ARG C 114 -25.27 16.97 -7.82
C ARG C 114 -24.43 15.83 -8.33
N TYR C 115 -23.88 15.95 -9.53
CA TYR C 115 -23.03 14.91 -10.07
C TYR C 115 -21.73 14.77 -9.29
N VAL C 116 -21.07 15.88 -9.02
CA VAL C 116 -19.80 15.81 -8.29
C VAL C 116 -20.02 15.26 -6.86
N ASP C 117 -21.02 15.79 -6.16
CA ASP C 117 -21.25 15.40 -4.76
C ASP C 117 -21.63 13.92 -4.64
N VAL C 118 -22.56 13.47 -5.47
CA VAL C 118 -23.01 12.07 -5.40
C VAL C 118 -21.97 11.14 -6.02
N ASN C 119 -21.57 11.39 -7.28
CA ASN C 119 -20.72 10.42 -7.99
C ASN C 119 -19.26 10.42 -7.57
N MET C 120 -18.67 11.60 -7.36
CA MET C 120 -17.25 11.65 -7.02
C MET C 120 -17.03 11.61 -5.51
N THR C 121 -17.60 12.57 -4.79
CA THR C 121 -17.47 12.67 -3.33
C THR C 121 -18.13 11.48 -2.65
N GLY C 122 -19.27 11.06 -3.14
CA GLY C 122 -19.90 9.85 -2.61
C GLY C 122 -19.01 8.61 -2.72
N THR C 123 -18.28 8.50 -3.83
CA THR C 123 -17.37 7.38 -4.04
C THR C 123 -16.20 7.46 -3.08
N PHE C 124 -15.63 8.65 -2.94
CA PHE C 124 -14.54 8.92 -1.99
C PHE C 124 -14.92 8.54 -0.56
N LEU C 125 -16.09 9.00 -0.12
CA LEU C 125 -16.49 8.79 1.27
C LEU C 125 -16.80 7.30 1.53
N THR C 126 -17.44 6.65 0.59
CA THR C 126 -17.73 5.22 0.70
C THR C 126 -16.43 4.44 0.77
N CYS C 127 -15.49 4.76 -0.13
CA CYS C 127 -14.22 4.06 -0.18
C CYS C 127 -13.31 4.33 1.02
N ARG C 128 -13.33 5.54 1.57
CA ARG C 128 -12.47 5.85 2.72
C ARG C 128 -12.95 5.10 3.93
N ALA C 129 -14.27 5.01 4.10
CA ALA C 129 -14.83 4.23 5.19
C ALA C 129 -14.52 2.72 4.99
N GLY C 130 -14.73 2.24 3.77
CA GLY C 130 -14.50 0.86 3.45
C GLY C 130 -13.04 0.48 3.68
N ALA C 131 -12.13 1.35 3.24
CA ALA C 131 -10.72 1.12 3.40
C ALA C 131 -10.30 1.07 4.89
N ARG C 132 -10.89 1.96 5.70
CA ARG C 132 -10.62 1.98 7.14
C ARG C 132 -11.16 0.72 7.81
N ALA C 133 -12.32 0.26 7.41
CA ALA C 133 -12.88 -0.98 7.97
C ALA C 133 -11.99 -2.21 7.59
N MET C 134 -11.52 -2.23 6.35
CA MET C 134 -10.70 -3.32 5.85
C MET C 134 -9.43 -3.43 6.67
N VAL C 135 -8.77 -2.31 6.89
CA VAL C 135 -7.58 -2.26 7.73
C VAL C 135 -7.90 -2.67 9.17
N ALA C 136 -9.00 -2.19 9.73
CA ALA C 136 -9.43 -2.58 11.08
C ALA C 136 -9.76 -4.08 11.19
N ALA C 137 -10.24 -4.68 10.09
CA ALA C 137 -10.56 -6.11 10.03
C ALA C 137 -9.36 -7.01 9.75
N GLY C 138 -8.18 -6.42 9.54
CA GLY C 138 -6.93 -7.17 9.41
C GLY C 138 -6.24 -7.13 8.06
N ALA C 139 -6.75 -6.30 7.12
CA ALA C 139 -6.13 -6.16 5.80
C ALA C 139 -4.68 -5.68 5.95
N GLY C 140 -3.78 -6.35 5.26
CA GLY C 140 -2.36 -5.99 5.29
C GLY C 140 -1.58 -6.65 6.41
N LYS C 141 -2.21 -7.55 7.15
CA LYS C 141 -1.57 -8.30 8.25
C LYS C 141 -1.85 -9.79 8.06
N ASP C 142 -0.86 -10.63 8.36
CA ASP C 142 -0.99 -12.08 8.30
C ASP C 142 -1.40 -12.57 6.91
N GLY C 143 -0.87 -11.93 5.87
CA GLY C 143 -1.18 -12.29 4.48
C GLY C 143 -2.58 -11.94 4.02
N ARG C 144 -3.32 -11.19 4.85
CA ARG C 144 -4.70 -10.83 4.55
C ARG C 144 -4.74 -9.62 3.61
N SER C 145 -5.57 -9.69 2.56
CA SER C 145 -5.75 -8.59 1.61
C SER C 145 -7.24 -8.35 1.36
N ALA C 146 -7.54 -7.23 0.71
CA ALA C 146 -8.90 -6.78 0.51
C ALA C 146 -9.01 -6.12 -0.88
N ARG C 147 -10.19 -5.70 -1.25
CA ARG C 147 -10.45 -5.29 -2.62
C ARG C 147 -11.42 -4.15 -2.68
N ILE C 148 -11.02 -3.07 -3.36
CA ILE C 148 -11.91 -1.97 -3.67
C ILE C 148 -12.02 -1.88 -5.18
N ILE C 149 -13.26 -1.90 -5.66
CA ILE C 149 -13.56 -1.87 -7.06
C ILE C 149 -14.50 -0.72 -7.31
N THR C 150 -14.08 0.25 -8.12
CA THR C 150 -14.94 1.41 -8.44
C THR C 150 -15.61 1.14 -9.76
N ILE C 151 -16.84 1.61 -9.93
CA ILE C 151 -17.48 1.52 -11.24
C ILE C 151 -17.34 2.87 -11.93
N GLY C 152 -16.53 2.91 -12.96
CA GLY C 152 -16.32 4.14 -13.69
C GLY C 152 -17.16 4.10 -14.96
N SER C 153 -16.51 4.42 -16.08
CA SER C 153 -17.16 4.47 -17.38
C SER C 153 -16.07 4.72 -18.40
N VAL C 154 -16.35 4.43 -19.67
CA VAL C 154 -15.54 4.90 -20.80
C VAL C 154 -15.42 6.43 -20.72
N ASN C 155 -16.44 7.08 -20.16
CA ASN C 155 -16.44 8.49 -19.84
C ASN C 155 -15.38 8.95 -18.80
N SER C 156 -14.72 8.00 -18.15
CA SER C 156 -13.54 8.33 -17.36
C SER C 156 -12.32 8.79 -18.22
N PHE C 157 -12.35 8.51 -19.53
CA PHE C 157 -11.21 8.76 -20.42
C PHE C 157 -11.55 9.55 -21.69
N MET C 158 -12.74 9.29 -22.24
CA MET C 158 -13.22 10.01 -23.39
C MET C 158 -14.63 10.52 -23.10
N ALA C 159 -14.97 11.70 -23.61
CA ALA C 159 -16.24 12.37 -23.29
C ALA C 159 -17.32 12.15 -24.32
N GLU C 160 -18.49 11.70 -23.85
CA GLU C 160 -19.80 11.83 -24.48
C GLU C 160 -20.23 13.27 -24.52
N PRO C 161 -21.10 13.62 -25.48
CA PRO C 161 -21.59 15.02 -25.52
C PRO C 161 -22.58 15.32 -24.38
N GLU C 162 -22.66 16.55 -23.96
CA GLU C 162 -23.79 17.08 -23.17
C GLU C 162 -23.94 16.44 -21.81
N ALA C 163 -22.80 16.10 -21.20
CA ALA C 163 -22.81 15.47 -19.89
C ALA C 163 -21.58 15.81 -19.05
N ALA C 164 -21.17 17.09 -19.10
CA ALA C 164 -19.87 17.50 -18.59
C ALA C 164 -19.65 17.16 -17.12
N ALA C 165 -20.71 17.25 -16.32
CA ALA C 165 -20.61 17.01 -14.88
C ALA C 165 -20.42 15.52 -14.60
N TYR C 166 -21.20 14.71 -15.31
CA TYR C 166 -21.09 13.25 -15.21
C TYR C 166 -19.68 12.81 -15.65
N VAL C 167 -19.22 13.35 -16.79
CA VAL C 167 -17.92 12.98 -17.36
C VAL C 167 -16.77 13.43 -16.42
N ALA C 168 -16.83 14.69 -16.00
CA ALA C 168 -15.86 15.23 -15.06
C ALA C 168 -15.74 14.34 -13.82
N ALA C 169 -16.88 13.99 -13.23
CA ALA C 169 -16.87 13.17 -12.05
C ALA C 169 -16.32 11.74 -12.33
N LYS C 170 -16.56 11.20 -13.53
CA LYS C 170 -15.94 9.94 -13.92
C LYS C 170 -14.41 10.03 -14.02
N GLY C 171 -13.88 11.18 -14.46
CA GLY C 171 -12.45 11.36 -14.48
C GLY C 171 -11.93 11.41 -13.07
N GLY C 172 -12.64 12.13 -12.22
CA GLY C 172 -12.36 12.18 -10.82
C GLY C 172 -12.26 10.80 -10.20
N VAL C 173 -13.23 9.94 -10.47
CA VAL C 173 -13.19 8.59 -9.94
C VAL C 173 -12.01 7.78 -10.50
N ALA C 174 -11.69 7.95 -11.79
CA ALA C 174 -10.52 7.27 -12.39
C ALA C 174 -9.23 7.53 -11.63
N MET C 175 -9.00 8.81 -11.32
CA MET C 175 -7.77 9.17 -10.60
C MET C 175 -7.86 8.92 -9.08
N LEU C 176 -9.05 9.03 -8.49
CA LEU C 176 -9.23 8.59 -7.12
C LEU C 176 -8.84 7.10 -6.99
N THR C 177 -9.22 6.31 -7.99
CA THR C 177 -8.91 4.89 -8.01
C THR C 177 -7.42 4.64 -7.97
N ARG C 178 -6.68 5.32 -8.83
CA ARG C 178 -5.22 5.21 -8.80
C ARG C 178 -4.55 5.74 -7.53
N ALA C 179 -5.04 6.87 -7.01
CA ALA C 179 -4.53 7.43 -5.75
C ALA C 179 -4.72 6.40 -4.64
N MET C 180 -5.91 5.81 -4.58
CA MET C 180 -6.22 4.78 -3.57
C MET C 180 -5.34 3.55 -3.73
N ALA C 181 -5.12 3.11 -4.97
CA ALA C 181 -4.22 1.98 -5.23
C ALA C 181 -2.81 2.23 -4.68
N VAL C 182 -2.33 3.45 -4.87
CA VAL C 182 -0.99 3.79 -4.45
C VAL C 182 -0.89 3.84 -2.93
N ASP C 183 -1.79 4.57 -2.28
CA ASP C 183 -1.73 4.74 -0.86
C ASP C 183 -2.10 3.50 -0.07
N LEU C 184 -2.91 2.61 -0.64
CA LEU C 184 -3.42 1.47 0.11
C LEU C 184 -2.66 0.16 -0.18
N ALA C 185 -1.73 0.16 -1.14
CA ALA C 185 -0.93 -1.05 -1.42
C ALA C 185 -0.26 -1.58 -0.14
N ARG C 186 0.33 -0.70 0.64
CA ARG C 186 1.02 -1.12 1.86
C ARG C 186 0.05 -1.72 2.90
N HIS C 187 -1.24 -1.47 2.74
CA HIS C 187 -2.26 -2.01 3.64
C HIS C 187 -2.95 -3.20 3.10
N GLY C 188 -2.40 -3.75 2.01
CA GLY C 188 -2.94 -4.97 1.40
C GLY C 188 -4.30 -4.81 0.73
N ILE C 189 -4.63 -3.60 0.28
CA ILE C 189 -5.90 -3.40 -0.42
C ILE C 189 -5.61 -3.14 -1.89
N LEU C 190 -6.16 -3.95 -2.76
CA LEU C 190 -5.96 -3.74 -4.18
C LEU C 190 -7.19 -3.02 -4.75
N VAL C 191 -6.95 -1.98 -5.55
CA VAL C 191 -7.98 -1.05 -5.97
C VAL C 191 -7.93 -0.92 -7.48
N ASN C 192 -9.07 -1.16 -8.12
CA ASN C 192 -9.16 -1.13 -9.57
C ASN C 192 -10.52 -0.59 -9.95
N MET C 193 -10.64 -0.16 -11.22
CA MET C 193 -11.87 0.39 -11.78
C MET C 193 -12.40 -0.51 -12.89
N ILE C 194 -13.72 -0.54 -13.03
CA ILE C 194 -14.34 -1.17 -14.16
C ILE C 194 -14.93 -0.06 -15.00
N ALA C 195 -14.58 -0.02 -16.28
CA ALA C 195 -15.05 1.04 -17.18
C ALA C 195 -16.04 0.48 -18.22
N PRO C 196 -17.34 0.47 -17.90
CA PRO C 196 -18.33 -0.05 -18.87
C PRO C 196 -18.60 0.91 -20.01
N GLY C 197 -18.82 0.39 -21.20
CA GLY C 197 -19.36 1.16 -22.32
C GLY C 197 -20.86 1.23 -22.16
N PRO C 198 -21.61 1.32 -23.27
CA PRO C 198 -23.07 1.33 -23.13
C PRO C 198 -23.60 -0.01 -22.63
N VAL C 199 -24.41 0.02 -21.59
CA VAL C 199 -24.94 -1.18 -20.97
C VAL C 199 -26.44 -1.02 -20.82
N ASP C 200 -27.20 -1.94 -21.40
CA ASP C 200 -28.64 -1.90 -21.32
C ASP C 200 -29.10 -2.48 -19.97
N VAL C 201 -29.75 -1.65 -19.17
CA VAL C 201 -30.18 -2.02 -17.83
C VAL C 201 -31.69 -2.13 -17.70
N THR C 202 -32.41 -2.06 -18.81
CA THR C 202 -33.88 -2.08 -18.80
C THR C 202 -34.44 -3.47 -18.53
N GLY C 203 -33.68 -4.51 -18.87
CA GLY C 203 -34.17 -5.88 -18.82
C GLY C 203 -34.95 -6.28 -20.07
N ASN C 204 -35.11 -5.32 -20.96
CA ASN C 204 -36.11 -5.35 -22.02
C ASN C 204 -35.52 -5.15 -23.44
N ASN C 205 -34.21 -4.94 -23.52
CA ASN C 205 -33.53 -4.45 -24.72
C ASN C 205 -34.15 -3.16 -25.30
N THR C 206 -34.50 -2.21 -24.42
CA THR C 206 -35.12 -0.96 -24.84
C THR C 206 -34.29 0.27 -24.49
N GLY C 207 -33.11 0.06 -23.91
CA GLY C 207 -32.30 1.19 -23.41
C GLY C 207 -31.71 2.07 -24.51
N TYR C 208 -31.50 1.46 -25.68
CA TYR C 208 -30.79 2.12 -26.76
C TYR C 208 -31.58 2.03 -28.05
N SER C 209 -32.90 2.00 -27.92
CA SER C 209 -33.80 1.72 -29.05
C SER C 209 -34.12 2.97 -29.89
N GLU C 210 -33.93 4.15 -29.32
CA GLU C 210 -34.11 5.38 -30.07
C GLU C 210 -33.25 5.30 -31.36
N PRO C 211 -33.86 5.56 -32.54
CA PRO C 211 -33.21 5.23 -33.82
C PRO C 211 -31.81 5.78 -34.03
N ARG C 212 -31.61 7.07 -33.77
CA ARG C 212 -30.31 7.66 -33.93
C ARG C 212 -29.27 7.04 -32.97
N LEU C 213 -29.65 6.84 -31.71
CA LEU C 213 -28.78 6.21 -30.73
C LEU C 213 -28.45 4.79 -31.18
N ALA C 214 -29.49 4.08 -31.66
CA ALA C 214 -29.33 2.66 -32.11
C ALA C 214 -28.34 2.56 -33.27
N GLU C 215 -28.42 3.48 -34.22
CA GLU C 215 -27.50 3.55 -35.35
C GLU C 215 -26.07 3.83 -34.84
N GLN C 216 -25.94 4.71 -33.85
CA GLN C 216 -24.62 5.04 -33.29
C GLN C 216 -23.99 3.86 -32.52
N VAL C 217 -24.82 3.10 -31.82
CA VAL C 217 -24.36 1.88 -31.15
C VAL C 217 -23.79 0.91 -32.20
N LEU C 218 -24.50 0.71 -33.30
CA LEU C 218 -24.02 -0.14 -34.38
C LEU C 218 -22.68 0.34 -34.97
N ASP C 219 -22.50 1.65 -35.10
CA ASP C 219 -21.29 2.20 -35.71
C ASP C 219 -20.11 2.28 -34.76
N GLU C 220 -20.35 2.67 -33.52
CA GLU C 220 -19.26 2.99 -32.61
C GLU C 220 -18.84 1.84 -31.67
N VAL C 221 -19.71 0.85 -31.47
CA VAL C 221 -19.36 -0.33 -30.69
C VAL C 221 -19.02 -1.46 -31.67
N ALA C 222 -17.81 -1.99 -31.58
CA ALA C 222 -17.33 -3.03 -32.52
C ALA C 222 -18.30 -4.25 -32.52
N LEU C 223 -18.75 -4.64 -31.33
CA LEU C 223 -19.74 -5.72 -31.22
C LEU C 223 -21.15 -5.31 -31.65
N GLY C 224 -21.39 -4.01 -31.84
CA GLY C 224 -22.61 -3.52 -32.48
C GLY C 224 -23.87 -3.73 -31.64
N ARG C 225 -23.72 -3.66 -30.33
CA ARG C 225 -24.84 -3.76 -29.42
C ARG C 225 -24.47 -3.17 -28.07
N PRO C 226 -25.46 -2.81 -27.23
CA PRO C 226 -25.15 -2.47 -25.85
C PRO C 226 -24.77 -3.71 -25.06
N GLY C 227 -24.06 -3.53 -23.94
CA GLY C 227 -23.73 -4.67 -23.06
C GLY C 227 -24.90 -5.08 -22.18
N LEU C 228 -24.75 -6.19 -21.45
CA LEU C 228 -25.71 -6.58 -20.43
C LEU C 228 -25.04 -6.50 -19.08
N PRO C 229 -25.82 -6.25 -18.01
CA PRO C 229 -25.26 -6.14 -16.66
C PRO C 229 -24.29 -7.27 -16.25
N GLU C 230 -24.63 -8.50 -16.62
CA GLU C 230 -23.84 -9.68 -16.25
C GLU C 230 -22.47 -9.63 -16.86
N GLU C 231 -22.38 -9.03 -18.05
CA GLU C 231 -21.10 -8.83 -18.73
C GLU C 231 -20.18 -7.84 -18.00
N VAL C 232 -20.72 -7.04 -17.08
CA VAL C 232 -19.91 -6.16 -16.25
C VAL C 232 -19.63 -6.84 -14.90
N ALA C 233 -20.64 -7.52 -14.36
CA ALA C 233 -20.54 -8.19 -13.07
C ALA C 233 -19.43 -9.20 -13.04
N THR C 234 -19.21 -9.91 -14.15
CA THR C 234 -18.18 -10.93 -14.19
C THR C 234 -16.79 -10.36 -13.86
N ALA C 235 -16.51 -9.11 -14.29
CA ALA C 235 -15.25 -8.44 -13.94
C ALA C 235 -15.15 -8.11 -12.45
N ALA C 236 -16.28 -7.87 -11.78
CA ALA C 236 -16.30 -7.57 -10.36
C ALA C 236 -15.91 -8.80 -9.53
N VAL C 237 -16.36 -9.97 -9.95
CA VAL C 237 -15.90 -11.25 -9.37
C VAL C 237 -14.41 -11.47 -9.61
N PHE C 238 -13.97 -11.26 -10.86
CA PHE C 238 -12.56 -11.44 -11.23
C PHE C 238 -11.65 -10.56 -10.39
N LEU C 239 -11.95 -9.27 -10.31
CA LEU C 239 -11.12 -8.36 -9.51
C LEU C 239 -11.15 -8.70 -8.02
N ALA C 240 -12.29 -9.17 -7.53
CA ALA C 240 -12.44 -9.44 -6.10
C ALA C 240 -11.79 -10.75 -5.61
N GLU C 241 -11.56 -11.74 -6.47
CA GLU C 241 -11.05 -13.02 -6.01
C GLU C 241 -9.56 -12.99 -5.66
N ASP C 242 -9.11 -13.94 -4.83
CA ASP C 242 -7.72 -13.99 -4.35
C ASP C 242 -6.68 -14.07 -5.49
N GLY C 243 -7.02 -14.69 -6.60
CA GLY C 243 -6.11 -14.83 -7.72
C GLY C 243 -5.73 -13.53 -8.41
N SER C 244 -6.49 -12.45 -8.16
CA SER C 244 -6.15 -11.17 -8.78
C SER C 244 -5.17 -10.35 -7.90
N SER C 245 -4.20 -11.07 -7.33
CA SER C 245 -3.38 -10.50 -6.25
C SER C 245 -2.26 -9.59 -6.75
N PHE C 246 -2.05 -9.50 -8.06
CA PHE C 246 -1.06 -8.52 -8.59
C PHE C 246 -1.71 -7.43 -9.45
N ILE C 247 -3.01 -7.26 -9.33
CA ILE C 247 -3.75 -6.29 -10.12
C ILE C 247 -4.22 -5.15 -9.23
N THR C 248 -3.61 -3.99 -9.43
CA THR C 248 -3.99 -2.80 -8.69
C THR C 248 -3.66 -1.55 -9.48
N GLY C 249 -4.51 -0.53 -9.31
CA GLY C 249 -4.42 0.73 -10.04
C GLY C 249 -4.86 0.63 -11.50
N SER C 250 -5.50 -0.48 -11.87
CA SER C 250 -5.86 -0.72 -13.27
C SER C 250 -7.34 -0.51 -13.50
N THR C 251 -7.70 -0.47 -14.78
CA THR C 251 -9.09 -0.41 -15.25
C THR C 251 -9.30 -1.58 -16.20
N ILE C 252 -10.37 -2.33 -15.99
CA ILE C 252 -10.86 -3.32 -16.95
C ILE C 252 -11.99 -2.63 -17.72
N THR C 253 -11.81 -2.48 -19.02
CA THR C 253 -12.77 -1.79 -19.88
C THR C 253 -13.66 -2.81 -20.57
N ILE C 254 -14.98 -2.59 -20.46
CA ILE C 254 -15.99 -3.51 -20.90
C ILE C 254 -17.00 -2.76 -21.77
N ASP C 255 -16.66 -2.62 -23.04
CA ASP C 255 -17.37 -1.70 -23.91
C ASP C 255 -17.60 -2.17 -25.35
N GLY C 256 -17.41 -3.47 -25.63
CA GLY C 256 -17.66 -3.98 -26.98
C GLY C 256 -16.70 -3.38 -28.01
N GLY C 257 -15.60 -2.80 -27.53
CA GLY C 257 -14.59 -2.22 -28.43
C GLY C 257 -14.75 -0.74 -28.73
N LEU C 258 -15.69 -0.06 -28.05
CA LEU C 258 -15.99 1.34 -28.34
C LEU C 258 -14.73 2.18 -28.24
N SER C 259 -14.03 2.06 -27.11
CA SER C 259 -12.86 2.88 -26.85
C SER C 259 -11.62 2.43 -27.62
N ALA C 260 -11.70 1.31 -28.35
CA ALA C 260 -10.55 0.78 -29.08
C ALA C 260 -10.56 1.12 -30.55
N MET C 261 -11.68 1.68 -31.03
CA MET C 261 -11.96 1.83 -32.46
C MET C 261 -12.19 3.28 -32.87
N ILE C 262 -11.75 3.64 -34.06
CA ILE C 262 -12.15 4.90 -34.70
C ILE C 262 -12.70 4.62 -36.10
N PHE C 263 -13.59 5.50 -36.57
CA PHE C 263 -14.31 5.33 -37.82
C PHE C 263 -14.95 3.94 -37.92
N GLY C 264 -15.58 3.52 -36.83
CA GLY C 264 -16.29 2.25 -36.76
C GLY C 264 -17.36 2.19 -37.84
N GLY C 265 -17.97 3.33 -38.18
CA GLY C 265 -19.05 3.36 -39.18
C GLY C 265 -18.58 3.05 -40.58
N MET C 266 -17.25 3.08 -40.79
CA MET C 266 -16.69 2.74 -42.09
C MET C 266 -16.39 1.25 -42.24
N ARG C 267 -16.51 0.45 -41.18
CA ARG C 267 -16.10 -0.95 -41.29
C ARG C 267 -17.05 -1.78 -42.18
N GLU C 268 -16.51 -2.81 -42.84
CA GLU C 268 -17.36 -3.66 -43.69
C GLU C 268 -18.43 -4.26 -42.80
N GLY C 269 -19.66 -4.29 -43.30
CA GLY C 269 -20.82 -4.74 -42.56
C GLY C 269 -21.63 -3.54 -42.06
N ARG C 270 -20.96 -2.39 -41.87
CA ARG C 270 -21.63 -1.16 -41.46
C ARG C 270 -21.69 -0.08 -42.54
N ARG C 271 -20.62 0.10 -43.32
CA ARG C 271 -20.57 1.15 -44.35
C ARG C 271 -21.58 0.93 -45.51
N ARG D 8 -14.25 -35.39 -20.76
CA ARG D 8 -14.81 -34.01 -20.71
C ARG D 8 -14.74 -33.40 -19.27
N ARG D 9 -13.55 -32.94 -18.90
CA ARG D 9 -13.30 -32.30 -17.61
C ARG D 9 -14.18 -31.00 -17.39
N PRO D 10 -14.62 -30.74 -16.14
CA PRO D 10 -15.45 -29.58 -15.79
C PRO D 10 -14.64 -28.27 -15.62
N GLY D 11 -15.29 -27.14 -15.30
CA GLY D 11 -14.50 -25.92 -15.27
C GLY D 11 -15.04 -24.80 -16.11
N ARG D 12 -14.50 -23.61 -15.89
CA ARG D 12 -14.99 -22.41 -16.57
C ARG D 12 -14.71 -22.39 -18.07
N LEU D 13 -13.80 -23.25 -18.54
CA LEU D 13 -13.52 -23.40 -19.99
C LEU D 13 -13.87 -24.81 -20.51
N ALA D 14 -14.86 -25.46 -19.88
CA ALA D 14 -15.20 -26.85 -20.17
C ALA D 14 -15.52 -26.94 -21.65
N GLY D 15 -14.93 -27.92 -22.32
CA GLY D 15 -15.23 -28.20 -23.73
C GLY D 15 -14.54 -27.30 -24.75
N LYS D 16 -13.73 -26.35 -24.29
CA LYS D 16 -13.09 -25.39 -25.22
C LYS D 16 -11.81 -25.98 -25.76
N ALA D 17 -11.50 -25.63 -27.00
CA ALA D 17 -10.22 -25.96 -27.62
C ALA D 17 -9.29 -24.73 -27.63
N ALA D 18 -8.10 -24.85 -27.05
CA ALA D 18 -7.17 -23.73 -26.88
C ALA D 18 -5.78 -24.07 -27.41
N ILE D 19 -5.13 -23.06 -27.99
CA ILE D 19 -3.71 -23.10 -28.29
C ILE D 19 -3.04 -22.03 -27.43
N VAL D 20 -1.94 -22.37 -26.75
CA VAL D 20 -1.13 -21.42 -25.99
C VAL D 20 0.28 -21.44 -26.55
N THR D 21 0.75 -20.31 -27.08
CA THR D 21 2.13 -20.20 -27.52
C THR D 21 2.97 -19.62 -26.37
N GLY D 22 4.30 -19.77 -26.50
CA GLY D 22 5.22 -19.46 -25.42
C GLY D 22 4.98 -20.34 -24.23
N ALA D 23 4.51 -21.55 -24.50
CA ALA D 23 3.96 -22.43 -23.45
C ALA D 23 4.97 -23.10 -22.56
N ALA D 24 6.26 -23.00 -22.88
CA ALA D 24 7.35 -23.46 -22.01
C ALA D 24 7.82 -22.39 -21.06
N GLY D 25 7.44 -21.14 -21.31
CA GLY D 25 7.83 -20.04 -20.43
C GLY D 25 6.95 -19.96 -19.20
N GLY D 26 7.27 -19.02 -18.30
CA GLY D 26 6.54 -18.88 -17.01
C GLY D 26 5.07 -18.58 -17.21
N ILE D 27 4.75 -17.52 -17.93
CA ILE D 27 3.34 -17.16 -18.17
C ILE D 27 2.60 -18.25 -18.98
N GLY D 28 3.20 -18.70 -20.07
CA GLY D 28 2.60 -19.74 -20.90
C GLY D 28 2.37 -21.07 -20.17
N ARG D 29 3.35 -21.51 -19.38
CA ARG D 29 3.19 -22.73 -18.57
C ARG D 29 2.02 -22.60 -17.60
N ALA D 30 1.98 -21.49 -16.87
CA ALA D 30 0.89 -21.22 -15.92
C ALA D 30 -0.48 -21.16 -16.62
N THR D 31 -0.49 -20.60 -17.82
CA THR D 31 -1.73 -20.54 -18.61
C THR D 31 -2.20 -21.92 -19.12
N VAL D 32 -1.29 -22.70 -19.69
CA VAL D 32 -1.58 -24.10 -20.07
C VAL D 32 -2.21 -24.87 -18.90
N GLU D 33 -1.61 -24.77 -17.72
CA GLU D 33 -2.09 -25.43 -16.52
C GLU D 33 -3.43 -24.93 -16.06
N ALA D 34 -3.61 -23.62 -16.02
CA ALA D 34 -4.88 -23.06 -15.62
C ALA D 34 -5.99 -23.51 -16.58
N TYR D 35 -5.67 -23.53 -17.86
CA TYR D 35 -6.63 -23.93 -18.89
C TYR D 35 -7.04 -25.40 -18.74
N LEU D 36 -6.07 -26.30 -18.59
CA LEU D 36 -6.37 -27.70 -18.35
C LEU D 36 -7.20 -27.85 -17.10
N ARG D 37 -6.85 -27.10 -16.06
CA ARG D 37 -7.56 -27.16 -14.80
C ARG D 37 -9.01 -26.72 -14.98
N GLU D 38 -9.26 -25.79 -15.90
CA GLU D 38 -10.63 -25.31 -16.16
C GLU D 38 -11.36 -26.06 -17.27
N GLY D 39 -10.79 -27.18 -17.70
CA GLY D 39 -11.50 -28.12 -18.57
C GLY D 39 -11.27 -27.97 -20.06
N ALA D 40 -10.31 -27.14 -20.45
CA ALA D 40 -10.03 -26.95 -21.87
C ALA D 40 -9.15 -28.08 -22.38
N SER D 41 -9.24 -28.36 -23.67
CA SER D 41 -8.22 -29.16 -24.36
C SER D 41 -7.18 -28.14 -24.82
N VAL D 42 -5.90 -28.44 -24.61
CA VAL D 42 -4.85 -27.45 -24.80
C VAL D 42 -3.69 -27.98 -25.62
N VAL D 43 -3.37 -27.27 -26.70
CA VAL D 43 -2.13 -27.44 -27.44
C VAL D 43 -1.11 -26.45 -26.91
N ALA D 44 0.06 -26.94 -26.52
CA ALA D 44 1.15 -26.12 -26.00
C ALA D 44 2.20 -25.98 -27.07
N MET D 45 2.48 -24.74 -27.49
CA MET D 45 3.45 -24.47 -28.53
C MET D 45 4.61 -23.69 -27.94
N ASP D 46 5.83 -24.04 -28.35
CA ASP D 46 7.03 -23.31 -28.04
C ASP D 46 8.12 -23.92 -28.95
N LEU D 47 9.36 -23.49 -28.78
CA LEU D 47 10.47 -24.08 -29.48
C LEU D 47 10.60 -25.54 -29.08
N ALA D 48 11.02 -26.39 -30.01
CA ALA D 48 11.07 -27.84 -29.77
C ALA D 48 11.88 -28.24 -28.51
N PRO D 49 13.12 -27.74 -28.37
CA PRO D 49 13.89 -28.14 -27.16
C PRO D 49 13.26 -27.64 -25.88
N ARG D 50 12.60 -26.50 -25.93
CA ARG D 50 11.96 -25.96 -24.73
C ARG D 50 10.76 -26.85 -24.33
N LEU D 51 9.92 -27.18 -25.29
CA LEU D 51 8.82 -28.13 -25.03
C LEU D 51 9.32 -29.47 -24.47
N ALA D 52 10.42 -29.96 -25.04
CA ALA D 52 10.98 -31.25 -24.65
C ALA D 52 11.43 -31.28 -23.18
N ALA D 53 11.87 -30.14 -22.68
CA ALA D 53 12.30 -30.01 -21.29
C ALA D 53 11.22 -29.55 -20.33
N THR D 54 9.95 -29.42 -20.78
CA THR D 54 8.88 -28.91 -19.89
C THR D 54 7.88 -30.02 -19.56
N ARG D 55 7.55 -30.14 -18.28
CA ARG D 55 6.51 -31.06 -17.84
C ARG D 55 5.50 -30.25 -17.08
N TYR D 56 4.22 -30.44 -17.37
CA TYR D 56 3.20 -29.59 -16.79
C TYR D 56 2.70 -30.22 -15.50
N GLU D 57 2.33 -29.37 -14.55
CA GLU D 57 1.77 -29.84 -13.28
C GLU D 57 0.35 -30.42 -13.46
N GLU D 58 -0.24 -30.25 -14.65
CA GLU D 58 -1.51 -30.87 -15.01
C GLU D 58 -1.29 -31.68 -16.30
N PRO D 59 -1.95 -32.84 -16.40
CA PRO D 59 -1.79 -33.67 -17.59
C PRO D 59 -2.74 -33.32 -18.74
N GLY D 60 -2.37 -33.72 -19.94
CA GLY D 60 -3.25 -33.63 -21.08
C GLY D 60 -2.86 -32.63 -22.14
N ALA D 61 -1.79 -31.89 -21.91
CA ALA D 61 -1.32 -30.91 -22.89
C ALA D 61 -0.80 -31.61 -24.11
N ILE D 62 -1.10 -31.06 -25.28
CA ILE D 62 -0.63 -31.62 -26.54
C ILE D 62 0.52 -30.74 -27.03
N PRO D 63 1.77 -31.22 -26.85
CA PRO D 63 2.88 -30.35 -27.25
C PRO D 63 3.10 -30.36 -28.75
N ILE D 64 3.16 -29.17 -29.35
CA ILE D 64 3.46 -29.01 -30.77
C ILE D 64 4.52 -27.92 -30.95
N ALA D 65 5.67 -28.32 -31.48
CA ALA D 65 6.79 -27.43 -31.67
C ALA D 65 6.44 -26.39 -32.73
N CYS D 66 6.82 -25.14 -32.48
CA CYS D 66 6.60 -24.08 -33.47
C CYS D 66 7.52 -22.91 -33.26
N ASP D 67 8.52 -22.81 -34.12
CA ASP D 67 9.44 -21.68 -34.13
C ASP D 67 8.80 -20.45 -34.78
N LEU D 68 8.61 -19.40 -34.01
CA LEU D 68 7.96 -18.18 -34.52
C LEU D 68 8.73 -17.48 -35.65
N ALA D 69 10.03 -17.73 -35.75
CA ALA D 69 10.85 -17.17 -36.84
C ALA D 69 10.65 -17.89 -38.19
N ASP D 70 10.01 -19.05 -38.18
CA ASP D 70 9.79 -19.82 -39.39
C ASP D 70 8.33 -19.69 -39.80
N ARG D 71 8.06 -18.92 -40.86
CA ARG D 71 6.70 -18.59 -41.26
C ARG D 71 5.91 -19.79 -41.76
N ALA D 72 6.55 -20.65 -42.56
CA ALA D 72 5.90 -21.88 -42.99
C ALA D 72 5.56 -22.78 -41.77
N ALA D 73 6.43 -22.84 -40.77
CA ALA D 73 6.16 -23.65 -39.59
C ALA D 73 4.97 -23.15 -38.79
N ILE D 74 4.78 -21.83 -38.76
CA ILE D 74 3.64 -21.27 -38.03
C ILE D 74 2.36 -21.84 -38.62
N ASP D 75 2.21 -21.77 -39.94
CA ASP D 75 0.97 -22.28 -40.58
C ASP D 75 0.76 -23.78 -40.41
N ALA D 76 1.83 -24.56 -40.62
CA ALA D 76 1.78 -26.02 -40.49
C ALA D 76 1.43 -26.44 -39.06
N ALA D 77 2.08 -25.81 -38.07
CA ALA D 77 1.83 -26.16 -36.68
C ALA D 77 0.42 -25.76 -36.25
N MET D 78 -0.06 -24.62 -36.75
CA MET D 78 -1.43 -24.19 -36.50
C MET D 78 -2.44 -25.17 -37.13
N ALA D 79 -2.23 -25.60 -38.38
CA ALA D 79 -3.16 -26.57 -38.99
C ALA D 79 -3.17 -27.89 -38.22
N ASP D 80 -2.00 -28.34 -37.79
CA ASP D 80 -1.85 -29.60 -37.05
C ASP D 80 -2.57 -29.51 -35.71
N ALA D 81 -2.33 -28.42 -34.97
CA ALA D 81 -3.04 -28.14 -33.74
C ALA D 81 -4.54 -28.19 -33.91
N VAL D 82 -5.06 -27.45 -34.89
CA VAL D 82 -6.50 -27.37 -35.13
C VAL D 82 -7.11 -28.74 -35.48
N ALA D 83 -6.45 -29.47 -36.35
CA ALA D 83 -6.87 -30.84 -36.69
C ALA D 83 -6.92 -31.70 -35.42
N ARG D 84 -5.91 -31.62 -34.57
CA ARG D 84 -5.93 -32.44 -33.36
C ARG D 84 -6.96 -32.03 -32.32
N LEU D 85 -7.28 -30.75 -32.24
CA LEU D 85 -8.30 -30.26 -31.30
C LEU D 85 -9.71 -30.40 -31.86
N GLY D 86 -9.82 -30.53 -33.17
CA GLY D 86 -11.12 -30.63 -33.86
C GLY D 86 -11.78 -29.26 -34.00
N GLY D 87 -10.98 -28.20 -33.96
CA GLY D 87 -11.50 -26.83 -34.00
C GLY D 87 -10.60 -25.89 -33.20
N LEU D 88 -11.10 -24.68 -32.94
CA LEU D 88 -10.34 -23.71 -32.18
C LEU D 88 -11.28 -22.65 -31.63
N ASP D 89 -11.23 -22.48 -30.29
CA ASP D 89 -12.01 -21.48 -29.57
C ASP D 89 -11.16 -20.38 -28.99
N ILE D 90 -9.94 -20.71 -28.54
CA ILE D 90 -9.09 -19.80 -27.80
C ILE D 90 -7.65 -19.85 -28.28
N LEU D 91 -7.07 -18.68 -28.52
CA LEU D 91 -5.64 -18.54 -28.84
C LEU D 91 -4.98 -17.57 -27.87
N VAL D 92 -3.96 -18.03 -27.17
CA VAL D 92 -3.17 -17.15 -26.34
C VAL D 92 -1.83 -17.04 -27.03
N ALA D 93 -1.55 -15.86 -27.59
CA ALA D 93 -0.29 -15.60 -28.26
C ALA D 93 0.73 -15.03 -27.27
N GLY D 94 1.49 -15.90 -26.63
CA GLY D 94 2.45 -15.52 -25.59
C GLY D 94 3.92 -15.66 -25.96
N GLY D 95 4.23 -16.33 -27.05
CA GLY D 95 5.63 -16.56 -27.48
C GLY D 95 6.33 -15.25 -27.82
N ALA D 96 7.52 -15.05 -27.25
CA ALA D 96 8.22 -13.77 -27.34
C ALA D 96 9.67 -13.85 -26.87
N LEU D 97 10.57 -13.17 -27.57
CA LEU D 97 11.93 -12.93 -27.06
C LEU D 97 11.86 -11.84 -26.00
N LYS D 98 12.53 -12.02 -24.88
CA LYS D 98 12.46 -11.02 -23.79
C LYS D 98 13.74 -10.18 -23.74
N GLY D 99 13.68 -9.13 -22.93
CA GLY D 99 14.90 -8.44 -22.46
C GLY D 99 15.52 -7.42 -23.40
N GLY D 100 16.70 -6.95 -23.00
CA GLY D 100 17.30 -5.74 -23.57
C GLY D 100 18.55 -5.97 -24.36
N THR D 101 19.01 -4.90 -25.02
CA THR D 101 20.16 -4.94 -25.88
C THR D 101 21.24 -3.94 -25.43
N GLY D 102 20.83 -2.84 -24.80
CA GLY D 102 21.67 -1.69 -24.65
C GLY D 102 21.00 -0.45 -25.23
N ASN D 103 21.75 0.64 -25.30
CA ASN D 103 21.24 1.92 -25.70
C ASN D 103 20.77 1.90 -27.15
N PHE D 104 19.73 2.65 -27.45
CA PHE D 104 19.19 2.80 -28.80
C PHE D 104 20.26 3.12 -29.83
N LEU D 105 21.21 3.97 -29.46
CA LEU D 105 22.25 4.40 -30.40
C LEU D 105 23.08 3.24 -30.93
N ASP D 106 23.19 2.18 -30.13
CA ASP D 106 24.00 1.02 -30.46
C ASP D 106 23.18 -0.18 -30.89
N LEU D 107 21.90 0.03 -31.16
CA LEU D 107 21.02 -1.08 -31.50
C LEU D 107 21.28 -1.50 -32.93
N SER D 108 21.64 -2.77 -33.09
CA SER D 108 21.98 -3.30 -34.42
C SER D 108 20.73 -3.71 -35.21
N ASP D 109 20.86 -3.71 -36.54
CA ASP D 109 19.82 -4.26 -37.45
C ASP D 109 19.41 -5.69 -37.04
N ALA D 110 20.38 -6.52 -36.73
CA ALA D 110 20.16 -7.91 -36.33
C ALA D 110 19.23 -8.05 -35.10
N ASP D 111 19.45 -7.24 -34.08
CA ASP D 111 18.61 -7.30 -32.88
C ASP D 111 17.23 -6.69 -33.15
N TRP D 112 17.19 -5.54 -33.80
CA TRP D 112 15.90 -4.98 -34.22
C TRP D 112 15.07 -6.02 -34.95
N ASP D 113 15.66 -6.68 -35.93
CA ASP D 113 14.93 -7.66 -36.77
C ASP D 113 14.45 -8.85 -35.97
N ARG D 114 15.29 -9.36 -35.08
CA ARG D 114 14.91 -10.50 -34.27
C ARG D 114 13.68 -10.20 -33.40
N TYR D 115 13.68 -9.07 -32.73
CA TYR D 115 12.54 -8.72 -31.89
C TYR D 115 11.29 -8.43 -32.72
N VAL D 116 11.41 -7.63 -33.78
CA VAL D 116 10.25 -7.38 -34.62
C VAL D 116 9.73 -8.68 -35.27
N ASP D 117 10.61 -9.49 -35.83
CA ASP D 117 10.20 -10.67 -36.60
C ASP D 117 9.57 -11.72 -35.73
N VAL D 118 10.15 -11.99 -34.56
CA VAL D 118 9.63 -12.99 -33.65
C VAL D 118 8.44 -12.44 -32.88
N ASN D 119 8.60 -11.29 -32.22
CA ASN D 119 7.58 -10.83 -31.26
C ASN D 119 6.37 -10.17 -31.92
N MET D 120 6.59 -9.37 -32.96
CA MET D 120 5.49 -8.69 -33.60
C MET D 120 4.90 -9.53 -34.76
N THR D 121 5.72 -9.81 -35.78
CA THR D 121 5.31 -10.56 -36.96
C THR D 121 4.88 -12.00 -36.61
N GLY D 122 5.61 -12.62 -35.67
CA GLY D 122 5.23 -13.93 -35.17
C GLY D 122 3.86 -13.95 -34.54
N THR D 123 3.51 -12.88 -33.80
CA THR D 123 2.19 -12.74 -33.18
C THR D 123 1.12 -12.56 -34.27
N PHE D 124 1.41 -11.68 -35.24
CA PHE D 124 0.52 -11.45 -36.36
C PHE D 124 0.19 -12.77 -37.12
N LEU D 125 1.24 -13.50 -37.47
CA LEU D 125 1.08 -14.72 -38.26
C LEU D 125 0.32 -15.79 -37.49
N THR D 126 0.64 -15.95 -36.20
CA THR D 126 -0.08 -16.89 -35.33
C THR D 126 -1.56 -16.53 -35.27
N CYS D 127 -1.83 -15.26 -35.03
CA CYS D 127 -3.19 -14.80 -34.84
C CYS D 127 -4.03 -14.84 -36.10
N ARG D 128 -3.40 -14.55 -37.25
CA ARG D 128 -4.13 -14.61 -38.52
C ARG D 128 -4.51 -16.04 -38.83
N ALA D 129 -3.61 -16.98 -38.59
CA ALA D 129 -3.93 -18.39 -38.80
C ALA D 129 -4.99 -18.83 -37.80
N GLY D 130 -4.83 -18.47 -36.53
CA GLY D 130 -5.82 -18.83 -35.49
C GLY D 130 -7.20 -18.29 -35.84
N ALA D 131 -7.26 -17.01 -36.20
CA ALA D 131 -8.52 -16.33 -36.53
C ALA D 131 -9.22 -17.05 -37.68
N ARG D 132 -8.46 -17.39 -38.73
CA ARG D 132 -9.02 -18.13 -39.88
C ARG D 132 -9.55 -19.53 -39.51
N ALA D 133 -8.87 -20.19 -38.59
CA ALA D 133 -9.32 -21.47 -38.07
C ALA D 133 -10.61 -21.36 -37.24
N MET D 134 -10.70 -20.29 -36.44
CA MET D 134 -11.87 -20.02 -35.61
C MET D 134 -13.09 -19.83 -36.46
N VAL D 135 -12.95 -19.01 -37.50
CA VAL D 135 -14.03 -18.78 -38.44
C VAL D 135 -14.40 -20.09 -39.13
N ALA D 136 -13.41 -20.83 -39.63
CA ALA D 136 -13.68 -22.16 -40.29
C ALA D 136 -14.35 -23.18 -39.35
N ALA D 137 -14.10 -23.05 -38.05
CA ALA D 137 -14.74 -23.92 -37.04
C ALA D 137 -16.11 -23.44 -36.57
N GLY D 138 -16.59 -22.30 -37.08
CA GLY D 138 -17.94 -21.82 -36.80
C GLY D 138 -18.07 -20.54 -36.00
N ALA D 139 -16.95 -19.89 -35.68
CA ALA D 139 -16.99 -18.59 -34.97
C ALA D 139 -17.81 -17.56 -35.77
N GLY D 140 -18.76 -16.93 -35.10
CA GLY D 140 -19.61 -15.90 -35.70
C GLY D 140 -20.90 -16.42 -36.30
N LYS D 141 -21.14 -17.72 -36.13
CA LYS D 141 -22.32 -18.41 -36.65
C LYS D 141 -23.00 -19.20 -35.53
N ASP D 142 -24.32 -19.15 -35.47
CA ASP D 142 -25.13 -19.89 -34.50
C ASP D 142 -24.76 -19.51 -33.05
N GLY D 143 -24.52 -18.22 -32.82
CA GLY D 143 -24.14 -17.73 -31.48
C GLY D 143 -22.74 -18.12 -31.00
N ARG D 144 -21.94 -18.75 -31.87
CA ARG D 144 -20.62 -19.23 -31.50
C ARG D 144 -19.65 -18.06 -31.52
N SER D 145 -18.80 -17.98 -30.49
CA SER D 145 -17.73 -16.98 -30.43
C SER D 145 -16.41 -17.61 -30.02
N ALA D 146 -15.33 -16.86 -30.20
CA ALA D 146 -13.98 -17.34 -30.00
C ALA D 146 -13.20 -16.23 -29.29
N ARG D 147 -11.93 -16.49 -28.99
CA ARG D 147 -11.13 -15.60 -28.17
C ARG D 147 -9.65 -15.60 -28.60
N ILE D 148 -9.12 -14.40 -28.84
CA ILE D 148 -7.69 -14.21 -29.07
C ILE D 148 -7.17 -13.29 -28.00
N ILE D 149 -6.15 -13.76 -27.30
CA ILE D 149 -5.54 -13.07 -26.18
C ILE D 149 -4.06 -12.93 -26.47
N THR D 150 -3.59 -11.68 -26.55
CA THR D 150 -2.16 -11.44 -26.80
C THR D 150 -1.49 -11.16 -25.46
N ILE D 151 -0.24 -11.58 -25.30
CA ILE D 151 0.53 -11.22 -24.13
C ILE D 151 1.43 -10.04 -24.51
N GLY D 152 1.10 -8.88 -24.00
CA GLY D 152 1.90 -7.71 -24.26
C GLY D 152 2.78 -7.46 -23.07
N SER D 153 2.78 -6.22 -22.61
CA SER D 153 3.62 -5.80 -21.51
C SER D 153 3.22 -4.38 -21.16
N VAL D 154 3.60 -3.94 -19.95
CA VAL D 154 3.58 -2.53 -19.60
C VAL D 154 4.39 -1.73 -20.63
N ASN D 155 5.42 -2.38 -21.19
CA ASN D 155 6.21 -1.84 -22.31
C ASN D 155 5.46 -1.60 -23.61
N SER D 156 4.20 -2.04 -23.69
CA SER D 156 3.29 -1.66 -24.80
C SER D 156 2.87 -0.19 -24.72
N PHE D 157 3.04 0.44 -23.56
CA PHE D 157 2.59 1.81 -23.35
C PHE D 157 3.63 2.77 -22.80
N MET D 158 4.54 2.27 -21.96
CA MET D 158 5.61 3.07 -21.39
C MET D 158 6.93 2.29 -21.49
N ALA D 159 8.03 2.98 -21.72
CA ALA D 159 9.31 2.31 -22.10
C ALA D 159 10.30 2.16 -20.95
N GLU D 160 10.76 0.92 -20.78
CA GLU D 160 11.95 0.58 -20.05
C GLU D 160 13.16 1.12 -20.78
N PRO D 161 14.26 1.39 -20.04
CA PRO D 161 15.50 1.73 -20.74
C PRO D 161 16.17 0.56 -21.44
N GLU D 162 16.86 0.87 -22.53
CA GLU D 162 17.79 -0.06 -23.19
C GLU D 162 17.13 -1.31 -23.74
N ALA D 163 15.95 -1.14 -24.31
CA ALA D 163 15.22 -2.25 -24.89
C ALA D 163 14.32 -1.82 -26.03
N ALA D 164 14.80 -0.91 -26.87
CA ALA D 164 13.96 -0.25 -27.86
C ALA D 164 13.23 -1.17 -28.83
N ALA D 165 13.87 -2.27 -29.23
CA ALA D 165 13.27 -3.23 -30.18
C ALA D 165 12.15 -4.00 -29.47
N TYR D 166 12.44 -4.50 -28.28
CA TYR D 166 11.42 -5.19 -27.49
C TYR D 166 10.23 -4.26 -27.22
N VAL D 167 10.49 -3.01 -26.87
CA VAL D 167 9.45 -2.05 -26.53
C VAL D 167 8.61 -1.65 -27.74
N ALA D 168 9.30 -1.35 -28.85
CA ALA D 168 8.65 -1.07 -30.12
C ALA D 168 7.71 -2.22 -30.51
N ALA D 169 8.22 -3.46 -30.42
CA ALA D 169 7.41 -4.60 -30.82
C ALA D 169 6.19 -4.79 -29.92
N LYS D 170 6.32 -4.50 -28.63
CA LYS D 170 5.19 -4.54 -27.72
C LYS D 170 4.15 -3.47 -28.02
N GLY D 171 4.55 -2.34 -28.54
CA GLY D 171 3.60 -1.33 -29.02
C GLY D 171 2.90 -1.81 -30.28
N GLY D 172 3.67 -2.40 -31.18
CA GLY D 172 3.13 -3.09 -32.34
C GLY D 172 2.05 -4.08 -32.00
N VAL D 173 2.29 -4.91 -30.99
CA VAL D 173 1.32 -5.90 -30.57
C VAL D 173 0.09 -5.24 -29.95
N ALA D 174 0.28 -4.18 -29.14
CA ALA D 174 -0.87 -3.43 -28.58
C ALA D 174 -1.85 -3.00 -29.65
N MET D 175 -1.34 -2.38 -30.72
CA MET D 175 -2.21 -1.90 -31.78
C MET D 175 -2.70 -2.98 -32.72
N LEU D 176 -1.90 -4.02 -32.95
CA LEU D 176 -2.39 -5.22 -33.64
C LEU D 176 -3.61 -5.79 -32.93
N THR D 177 -3.53 -5.85 -31.60
CA THR D 177 -4.64 -6.32 -30.80
C THR D 177 -5.92 -5.53 -31.10
N ARG D 178 -5.85 -4.20 -31.04
CA ARG D 178 -7.02 -3.40 -31.32
C ARG D 178 -7.50 -3.51 -32.78
N ALA D 179 -6.58 -3.58 -33.74
CA ALA D 179 -6.97 -3.76 -35.16
C ALA D 179 -7.73 -5.09 -35.36
N MET D 180 -7.22 -6.13 -34.73
CA MET D 180 -7.84 -7.43 -34.77
C MET D 180 -9.19 -7.39 -34.10
N ALA D 181 -9.31 -6.75 -32.94
CA ALA D 181 -10.61 -6.61 -32.27
C ALA D 181 -11.65 -5.93 -33.19
N VAL D 182 -11.23 -4.89 -33.92
CA VAL D 182 -12.16 -4.16 -34.76
C VAL D 182 -12.60 -5.06 -35.95
N ASP D 183 -11.64 -5.67 -36.64
CA ASP D 183 -11.91 -6.42 -37.86
C ASP D 183 -12.57 -7.78 -37.61
N LEU D 184 -12.41 -8.33 -36.41
CA LEU D 184 -12.92 -9.63 -36.12
C LEU D 184 -14.18 -9.59 -35.26
N ALA D 185 -14.64 -8.42 -34.85
CA ALA D 185 -15.90 -8.37 -34.11
C ALA D 185 -17.05 -9.05 -34.87
N ARG D 186 -17.15 -8.77 -36.16
CA ARG D 186 -18.26 -9.28 -36.96
C ARG D 186 -18.18 -10.77 -37.12
N HIS D 187 -17.02 -11.37 -36.82
CA HIS D 187 -16.83 -12.81 -36.91
C HIS D 187 -16.94 -13.50 -35.57
N GLY D 188 -17.37 -12.75 -34.56
CA GLY D 188 -17.57 -13.30 -33.24
C GLY D 188 -16.28 -13.63 -32.48
N ILE D 189 -15.18 -12.99 -32.84
CA ILE D 189 -13.91 -13.23 -32.13
C ILE D 189 -13.59 -12.01 -31.29
N LEU D 190 -13.46 -12.19 -29.97
CA LEU D 190 -13.10 -11.12 -29.10
C LEU D 190 -11.59 -11.18 -28.82
N VAL D 191 -10.95 -10.02 -28.92
CA VAL D 191 -9.50 -9.90 -28.94
C VAL D 191 -9.08 -8.89 -27.89
N ASN D 192 -8.22 -9.33 -26.97
CA ASN D 192 -7.74 -8.47 -25.88
C ASN D 192 -6.28 -8.79 -25.60
N MET D 193 -5.62 -7.88 -24.89
CA MET D 193 -4.23 -8.04 -24.48
C MET D 193 -4.10 -8.11 -22.98
N ILE D 194 -3.12 -8.87 -22.52
CA ILE D 194 -2.73 -8.87 -21.11
C ILE D 194 -1.38 -8.16 -21.04
N ALA D 195 -1.29 -7.14 -20.19
CA ALA D 195 -0.07 -6.35 -20.07
C ALA D 195 0.58 -6.59 -18.71
N PRO D 196 1.48 -7.61 -18.62
CA PRO D 196 2.18 -7.86 -17.34
C PRO D 196 3.24 -6.86 -17.01
N GLY D 197 3.37 -6.53 -15.73
CA GLY D 197 4.52 -5.79 -15.22
C GLY D 197 5.66 -6.78 -14.99
N PRO D 198 6.54 -6.52 -14.04
CA PRO D 198 7.60 -7.50 -13.78
C PRO D 198 7.03 -8.78 -13.20
N VAL D 199 7.40 -9.90 -13.81
CA VAL D 199 6.91 -11.19 -13.38
C VAL D 199 8.07 -12.13 -13.22
N ASP D 200 8.23 -12.69 -12.03
CA ASP D 200 9.35 -13.58 -11.76
C ASP D 200 9.01 -14.95 -12.31
N VAL D 201 9.81 -15.44 -13.26
CA VAL D 201 9.58 -16.74 -13.93
C VAL D 201 10.65 -17.78 -13.59
N THR D 202 11.49 -17.50 -12.59
CA THR D 202 12.56 -18.42 -12.19
C THR D 202 12.05 -19.60 -11.38
N GLY D 203 10.92 -19.45 -10.70
CA GLY D 203 10.43 -20.49 -9.77
C GLY D 203 11.13 -20.42 -8.43
N ASN D 204 12.04 -19.47 -8.28
CA ASN D 204 13.01 -19.47 -7.22
C ASN D 204 13.07 -18.16 -6.45
N ASN D 205 12.21 -17.21 -6.80
CA ASN D 205 12.32 -15.79 -6.39
C ASN D 205 13.69 -15.16 -6.65
N THR D 206 14.32 -15.48 -7.78
CA THR D 206 15.65 -14.96 -8.10
C THR D 206 15.66 -14.05 -9.33
N GLY D 207 14.52 -13.82 -9.94
CA GLY D 207 14.48 -13.03 -11.18
C GLY D 207 14.89 -11.56 -10.99
N TYR D 208 14.62 -11.01 -9.81
CA TYR D 208 14.78 -9.60 -9.57
C TYR D 208 15.61 -9.37 -8.35
N SER D 209 16.58 -10.27 -8.12
CA SER D 209 17.37 -10.27 -6.89
C SER D 209 18.61 -9.36 -6.93
N GLU D 210 19.07 -9.00 -8.13
CA GLU D 210 20.12 -8.03 -8.29
C GLU D 210 19.72 -6.78 -7.49
N PRO D 211 20.61 -6.32 -6.60
CA PRO D 211 20.24 -5.27 -5.65
C PRO D 211 19.59 -4.02 -6.22
N ARG D 212 20.17 -3.42 -7.24
CA ARG D 212 19.65 -2.20 -7.78
C ARG D 212 18.25 -2.45 -8.37
N LEU D 213 18.10 -3.54 -9.12
CA LEU D 213 16.80 -3.92 -9.65
C LEU D 213 15.81 -4.22 -8.52
N ALA D 214 16.29 -4.92 -7.48
CA ALA D 214 15.46 -5.19 -6.30
C ALA D 214 14.95 -3.92 -5.62
N GLU D 215 15.80 -2.92 -5.48
CA GLU D 215 15.41 -1.62 -4.90
C GLU D 215 14.37 -0.93 -5.79
N GLN D 216 14.56 -0.99 -7.11
CA GLN D 216 13.65 -0.37 -8.06
C GLN D 216 12.27 -1.03 -8.07
N VAL D 217 12.22 -2.35 -7.93
CA VAL D 217 10.94 -3.06 -7.81
C VAL D 217 10.21 -2.53 -6.55
N LEU D 218 10.91 -2.41 -5.43
CA LEU D 218 10.28 -1.88 -4.23
C LEU D 218 9.76 -0.46 -4.40
N ASP D 219 10.47 0.36 -5.16
CA ASP D 219 10.06 1.77 -5.36
C ASP D 219 8.99 1.97 -6.42
N GLU D 220 9.06 1.24 -7.52
CA GLU D 220 8.22 1.52 -8.69
C GLU D 220 6.97 0.62 -8.81
N VAL D 221 6.95 -0.52 -8.11
CA VAL D 221 5.76 -1.37 -8.04
C VAL D 221 5.06 -1.10 -6.70
N ALA D 222 3.81 -0.67 -6.73
CA ALA D 222 3.04 -0.32 -5.51
C ALA D 222 3.01 -1.52 -4.54
N LEU D 223 2.78 -2.72 -5.04
CA LEU D 223 2.82 -3.92 -4.19
C LEU D 223 4.25 -4.29 -3.74
N GLY D 224 5.28 -3.73 -4.37
CA GLY D 224 6.66 -3.88 -3.89
C GLY D 224 7.30 -5.25 -4.09
N ARG D 225 6.90 -5.94 -5.16
CA ARG D 225 7.46 -7.21 -5.49
C ARG D 225 7.16 -7.50 -6.95
N PRO D 226 7.87 -8.47 -7.57
CA PRO D 226 7.49 -8.93 -8.89
C PRO D 226 6.23 -9.82 -8.82
N GLY D 227 5.51 -9.95 -9.94
CA GLY D 227 4.39 -10.87 -10.02
C GLY D 227 4.81 -12.33 -10.13
N LEU D 228 3.84 -13.23 -9.98
CA LEU D 228 4.05 -14.65 -10.24
C LEU D 228 3.27 -15.05 -11.52
N PRO D 229 3.73 -16.07 -12.24
CA PRO D 229 3.03 -16.50 -13.46
C PRO D 229 1.52 -16.75 -13.30
N GLU D 230 1.11 -17.33 -12.19
CA GLU D 230 -0.31 -17.64 -11.93
C GLU D 230 -1.15 -16.38 -11.83
N GLU D 231 -0.55 -15.30 -11.32
CA GLU D 231 -1.22 -14.00 -11.27
C GLU D 231 -1.48 -13.38 -12.65
N VAL D 232 -0.82 -13.89 -13.70
CA VAL D 232 -1.12 -13.48 -15.08
C VAL D 232 -2.08 -14.49 -15.78
N ALA D 233 -1.85 -15.78 -15.52
CA ALA D 233 -2.67 -16.84 -16.08
C ALA D 233 -4.15 -16.65 -15.76
N THR D 234 -4.46 -16.19 -14.56
CA THR D 234 -5.83 -16.04 -14.15
C THR D 234 -6.62 -15.07 -15.05
N ALA D 235 -5.94 -14.05 -15.57
CA ALA D 235 -6.53 -13.15 -16.54
C ALA D 235 -6.79 -13.83 -17.90
N ALA D 236 -5.97 -14.80 -18.28
CA ALA D 236 -6.17 -15.55 -19.53
C ALA D 236 -7.42 -16.46 -19.46
N VAL D 237 -7.68 -17.04 -18.28
CA VAL D 237 -8.93 -17.78 -18.05
C VAL D 237 -10.12 -16.80 -18.15
N PHE D 238 -10.02 -15.66 -17.45
CA PHE D 238 -11.09 -14.65 -17.41
C PHE D 238 -11.46 -14.16 -18.81
N LEU D 239 -10.48 -13.73 -19.59
CA LEU D 239 -10.75 -13.29 -20.96
C LEU D 239 -11.31 -14.38 -21.85
N ALA D 240 -10.86 -15.62 -21.67
CA ALA D 240 -11.29 -16.76 -22.50
C ALA D 240 -12.71 -17.29 -22.26
N GLU D 241 -13.24 -17.11 -21.07
CA GLU D 241 -14.54 -17.72 -20.75
C GLU D 241 -15.73 -17.01 -21.41
N ASP D 242 -16.85 -17.73 -21.50
CA ASP D 242 -18.05 -17.19 -22.18
C ASP D 242 -18.54 -15.87 -21.56
N GLY D 243 -18.36 -15.71 -20.25
CA GLY D 243 -18.86 -14.52 -19.54
C GLY D 243 -18.21 -13.20 -19.98
N SER D 244 -17.05 -13.28 -20.63
CA SER D 244 -16.34 -12.06 -21.02
C SER D 244 -16.78 -11.62 -22.42
N SER D 245 -18.08 -11.78 -22.70
CA SER D 245 -18.63 -11.65 -24.05
C SER D 245 -18.77 -10.20 -24.51
N PHE D 246 -18.56 -9.22 -23.64
CA PHE D 246 -18.56 -7.78 -24.06
C PHE D 246 -17.19 -7.11 -23.97
N ILE D 247 -16.13 -7.90 -23.78
CA ILE D 247 -14.78 -7.39 -23.61
C ILE D 247 -13.99 -7.68 -24.89
N THR D 248 -13.65 -6.62 -25.61
CA THR D 248 -12.81 -6.74 -26.78
C THR D 248 -12.11 -5.43 -27.05
N GLY D 249 -10.94 -5.55 -27.60
CA GLY D 249 -10.08 -4.39 -27.85
C GLY D 249 -9.42 -3.79 -26.61
N SER D 250 -9.51 -4.49 -25.48
CA SER D 250 -9.02 -3.96 -24.20
C SER D 250 -7.73 -4.61 -23.76
N THR D 251 -7.12 -4.00 -22.74
CA THR D 251 -5.95 -4.54 -22.09
C THR D 251 -6.25 -4.70 -20.60
N ILE D 252 -5.93 -5.87 -20.06
CA ILE D 252 -5.91 -6.04 -18.60
C ILE D 252 -4.47 -5.92 -18.15
N THR D 253 -4.22 -4.98 -17.26
CA THR D 253 -2.85 -4.69 -16.84
C THR D 253 -2.60 -5.29 -15.49
N ILE D 254 -1.53 -6.10 -15.39
CA ILE D 254 -1.22 -6.91 -14.24
C ILE D 254 0.21 -6.63 -13.79
N ASP D 255 0.37 -5.56 -13.01
CA ASP D 255 1.66 -5.01 -12.74
C ASP D 255 1.91 -4.45 -11.34
N GLY D 256 1.09 -4.84 -10.36
CA GLY D 256 1.26 -4.41 -8.98
C GLY D 256 1.20 -2.90 -8.80
N GLY D 257 0.61 -2.20 -9.79
CA GLY D 257 0.46 -0.74 -9.73
C GLY D 257 1.55 0.07 -10.40
N LEU D 258 2.50 -0.62 -11.02
CA LEU D 258 3.62 0.08 -11.66
C LEU D 258 3.15 1.21 -12.56
N SER D 259 2.28 0.90 -13.51
CA SER D 259 1.86 1.88 -14.50
C SER D 259 0.86 2.91 -13.95
N ALA D 260 0.40 2.74 -12.72
CA ALA D 260 -0.59 3.62 -12.10
C ALA D 260 0.03 4.71 -11.23
N MET D 261 1.32 4.59 -10.98
CA MET D 261 1.99 5.34 -9.90
C MET D 261 3.17 6.15 -10.46
N ILE D 262 3.35 7.36 -9.93
CA ILE D 262 4.57 8.12 -10.13
C ILE D 262 5.17 8.51 -8.79
N PHE D 263 6.50 8.66 -8.74
CA PHE D 263 7.24 8.90 -7.49
C PHE D 263 6.89 7.90 -6.39
N GLY D 264 6.80 6.64 -6.80
CA GLY D 264 6.59 5.55 -5.89
C GLY D 264 7.61 5.50 -4.77
N GLY D 265 8.83 5.93 -5.04
CA GLY D 265 9.91 5.89 -4.05
C GLY D 265 9.74 6.90 -2.94
N MET D 266 8.83 7.85 -3.13
CA MET D 266 8.51 8.82 -2.11
C MET D 266 7.40 8.36 -1.15
N ARG D 267 6.77 7.21 -1.37
CA ARG D 267 5.63 6.87 -0.53
C ARG D 267 6.10 6.48 0.89
N GLU D 268 5.24 6.67 1.88
CA GLU D 268 5.51 6.20 3.25
C GLU D 268 5.74 4.70 3.23
N GLY D 269 6.76 4.25 3.95
CA GLY D 269 7.16 2.84 3.93
C GLY D 269 8.37 2.66 3.04
N ARG D 270 8.52 3.51 2.01
CA ARG D 270 9.67 3.43 1.10
C ARG D 270 10.69 4.51 1.30
N ARG D 271 10.28 5.77 1.52
CA ARG D 271 11.29 6.86 1.66
C ARG D 271 12.06 6.82 2.95
N PRO E 10 6.09 39.94 -35.84
CA PRO E 10 4.83 40.22 -35.11
C PRO E 10 4.54 39.19 -33.98
N GLY E 11 3.90 39.60 -32.89
CA GLY E 11 3.67 38.62 -31.83
C GLY E 11 2.64 37.59 -32.26
N ARG E 12 2.83 36.34 -31.83
CA ARG E 12 1.99 35.22 -32.28
C ARG E 12 0.56 35.29 -31.73
N LEU E 13 0.34 36.13 -30.72
CA LEU E 13 -1.01 36.36 -30.15
C LEU E 13 -1.44 37.83 -30.29
N ALA E 14 -0.92 38.50 -31.32
CA ALA E 14 -1.18 39.93 -31.55
C ALA E 14 -2.68 40.17 -31.60
N GLY E 15 -3.15 41.12 -30.79
CA GLY E 15 -4.58 41.52 -30.80
C GLY E 15 -5.53 40.61 -30.02
N LYS E 16 -5.01 39.57 -29.35
CA LYS E 16 -5.87 38.64 -28.62
C LYS E 16 -6.11 39.13 -27.22
N ALA E 17 -7.29 38.87 -26.70
CA ALA E 17 -7.66 39.17 -25.33
C ALA E 17 -7.62 37.88 -24.48
N ALA E 18 -6.80 37.87 -23.43
CA ALA E 18 -6.53 36.67 -22.63
C ALA E 18 -6.76 36.91 -21.15
N ILE E 19 -7.27 35.91 -20.48
CA ILE E 19 -7.32 35.86 -19.03
C ILE E 19 -6.46 34.67 -18.61
N VAL E 20 -5.56 34.89 -17.65
CA VAL E 20 -4.76 33.83 -17.05
C VAL E 20 -5.06 33.79 -15.56
N THR E 21 -5.56 32.64 -15.07
CA THR E 21 -5.74 32.48 -13.63
C THR E 21 -4.51 31.78 -13.03
N GLY E 22 -4.38 31.81 -11.71
CA GLY E 22 -3.19 31.33 -11.04
C GLY E 22 -1.98 32.13 -11.43
N ALA E 23 -2.22 33.39 -11.76
CA ALA E 23 -1.24 34.24 -12.44
C ALA E 23 -0.12 34.79 -11.58
N ALA E 24 -0.21 34.62 -10.26
CA ALA E 24 0.91 34.94 -9.34
C ALA E 24 1.84 33.78 -9.14
N GLY E 25 1.41 32.57 -9.51
CA GLY E 25 2.24 31.38 -9.38
C GLY E 25 3.27 31.28 -10.48
N GLY E 26 4.12 30.25 -10.42
CA GLY E 26 5.23 30.07 -11.38
C GLY E 26 4.75 29.92 -12.80
N ILE E 27 3.90 28.93 -13.05
CA ILE E 27 3.38 28.71 -14.41
C ILE E 27 2.53 29.90 -14.89
N GLY E 28 1.62 30.37 -14.06
CA GLY E 28 0.77 31.51 -14.43
C GLY E 28 1.54 32.80 -14.73
N ARG E 29 2.55 33.10 -13.90
CA ARG E 29 3.41 34.28 -14.14
C ARG E 29 4.14 34.15 -15.47
N ALA E 30 4.77 33.00 -15.68
CA ALA E 30 5.47 32.76 -16.94
C ALA E 30 4.54 32.85 -18.17
N THR E 31 3.30 32.39 -18.00
CA THR E 31 2.31 32.49 -19.08
C THR E 31 1.84 33.94 -19.35
N VAL E 32 1.55 34.69 -18.28
CA VAL E 32 1.21 36.13 -18.42
C VAL E 32 2.30 36.85 -19.20
N GLU E 33 3.56 36.60 -18.83
CA GLU E 33 4.69 37.23 -19.49
C GLU E 33 4.84 36.81 -20.95
N ALA E 34 4.72 35.51 -21.22
CA ALA E 34 4.86 35.01 -22.57
C ALA E 34 3.74 35.61 -23.45
N TYR E 35 2.55 35.68 -22.89
CA TYR E 35 1.39 36.23 -23.60
C TYR E 35 1.59 37.72 -23.94
N LEU E 36 1.99 38.53 -22.96
CA LEU E 36 2.28 39.95 -23.19
C LEU E 36 3.37 40.10 -24.24
N ARG E 37 4.41 39.27 -24.12
CA ARG E 37 5.49 39.26 -25.08
C ARG E 37 4.99 38.96 -26.52
N GLU E 38 3.99 38.10 -26.64
CA GLU E 38 3.45 37.75 -27.96
C GLU E 38 2.28 38.63 -28.42
N GLY E 39 2.07 39.73 -27.70
CA GLY E 39 1.19 40.81 -28.17
C GLY E 39 -0.26 40.75 -27.67
N ALA E 40 -0.53 39.89 -26.69
CA ALA E 40 -1.89 39.77 -26.18
C ALA E 40 -2.14 40.87 -25.15
N SER E 41 -3.40 41.24 -24.99
CA SER E 41 -3.83 41.97 -23.79
C SER E 41 -4.16 40.91 -22.76
N VAL E 42 -3.68 41.07 -21.53
CA VAL E 42 -3.78 40.02 -20.52
C VAL E 42 -4.34 40.52 -19.21
N VAL E 43 -5.39 39.88 -18.73
CA VAL E 43 -5.86 40.01 -17.36
C VAL E 43 -5.23 38.88 -16.54
N ALA E 44 -4.63 39.25 -15.42
CA ALA E 44 -3.99 38.32 -14.53
C ALA E 44 -4.85 38.19 -13.29
N MET E 45 -5.30 36.97 -13.01
CA MET E 45 -6.13 36.67 -11.86
C MET E 45 -5.40 35.78 -10.89
N ASP E 46 -5.55 36.08 -9.60
CA ASP E 46 -5.08 35.24 -8.51
C ASP E 46 -5.71 35.81 -7.25
N LEU E 47 -5.35 35.27 -6.10
CA LEU E 47 -5.79 35.81 -4.82
C LEU E 47 -5.27 37.22 -4.70
N ALA E 48 -6.03 38.09 -4.04
CA ALA E 48 -5.66 39.51 -3.94
C ALA E 48 -4.25 39.78 -3.35
N PRO E 49 -3.93 39.17 -2.19
CA PRO E 49 -2.58 39.42 -1.66
C PRO E 49 -1.46 38.87 -2.58
N ARG E 50 -1.73 37.78 -3.28
CA ARG E 50 -0.71 37.22 -4.17
C ARG E 50 -0.47 38.18 -5.34
N LEU E 51 -1.55 38.65 -5.97
CA LEU E 51 -1.43 39.67 -7.04
C LEU E 51 -0.69 40.93 -6.58
N ALA E 52 -0.99 41.38 -5.36
CA ALA E 52 -0.39 42.58 -4.80
C ALA E 52 1.13 42.45 -4.67
N ALA E 53 1.61 41.24 -4.41
CA ALA E 53 3.06 40.98 -4.26
C ALA E 53 3.76 40.58 -5.55
N THR E 54 3.06 40.59 -6.69
CA THR E 54 3.68 40.10 -7.92
C THR E 54 3.90 41.24 -8.91
N ARG E 55 5.10 41.31 -9.46
CA ARG E 55 5.43 42.30 -10.50
C ARG E 55 5.91 41.51 -11.69
N TYR E 56 5.40 41.83 -12.87
CA TYR E 56 5.71 41.01 -14.04
C TYR E 56 6.91 41.57 -14.79
N GLU E 57 7.76 40.68 -15.33
CA GLU E 57 8.95 41.12 -16.07
C GLU E 57 8.56 41.80 -17.40
N GLU E 58 7.27 41.75 -17.77
CA GLU E 58 6.71 42.49 -18.90
C GLU E 58 5.56 43.36 -18.40
N PRO E 59 5.39 44.55 -18.98
CA PRO E 59 4.36 45.48 -18.51
C PRO E 59 3.04 45.37 -19.29
N GLY E 60 1.97 45.78 -18.64
CA GLY E 60 0.67 45.83 -19.29
C GLY E 60 -0.38 44.87 -18.76
N ALA E 61 -0.02 44.03 -17.78
CA ALA E 61 -0.95 43.08 -17.20
C ALA E 61 -2.01 43.85 -16.45
N ILE E 62 -3.26 43.39 -16.55
CA ILE E 62 -4.35 43.99 -15.79
C ILE E 62 -4.68 43.05 -14.65
N PRO E 63 -4.23 43.37 -13.42
CA PRO E 63 -4.50 42.48 -12.30
C PRO E 63 -5.95 42.59 -11.81
N ILE E 64 -6.62 41.44 -11.69
CA ILE E 64 -7.97 41.37 -11.13
C ILE E 64 -8.02 40.21 -10.14
N ALA E 65 -8.29 40.55 -8.87
CA ALA E 65 -8.34 39.58 -7.81
C ALA E 65 -9.55 38.66 -8.02
N CYS E 66 -9.36 37.37 -7.75
CA CYS E 66 -10.45 36.40 -7.87
C CYS E 66 -10.18 35.15 -7.07
N ASP E 67 -10.84 35.03 -5.94
CA ASP E 67 -10.76 33.84 -5.10
C ASP E 67 -11.62 32.71 -5.66
N LEU E 68 -10.99 31.62 -6.08
CA LEU E 68 -11.71 30.49 -6.70
C LEU E 68 -12.74 29.81 -5.79
N ALA E 69 -12.57 29.94 -4.48
CA ALA E 69 -13.52 29.40 -3.50
C ALA E 69 -14.83 30.24 -3.38
N ASP E 70 -14.84 31.45 -3.92
CA ASP E 70 -16.01 32.30 -3.87
C ASP E 70 -16.68 32.34 -5.24
N ARG E 71 -17.82 31.65 -5.36
CA ARG E 71 -18.49 31.45 -6.64
C ARG E 71 -19.02 32.73 -7.25
N ALA E 72 -19.62 33.58 -6.44
CA ALA E 72 -20.06 34.91 -6.91
C ALA E 72 -18.86 35.73 -7.43
N ALA E 73 -17.72 35.67 -6.74
CA ALA E 73 -16.54 36.42 -7.17
C ALA E 73 -16.01 35.96 -8.50
N ILE E 74 -16.13 34.67 -8.80
CA ILE E 74 -15.66 34.13 -10.08
C ILE E 74 -16.42 34.82 -11.20
N ASP E 75 -17.76 34.89 -11.10
CA ASP E 75 -18.57 35.54 -12.14
C ASP E 75 -18.32 37.04 -12.28
N ALA E 76 -18.25 37.74 -11.15
CA ALA E 76 -18.01 39.19 -11.12
C ALA E 76 -16.64 39.53 -11.69
N ALA E 77 -15.62 38.77 -11.30
CA ALA E 77 -14.27 39.04 -11.78
C ALA E 77 -14.14 38.71 -13.27
N MET E 78 -14.82 37.66 -13.72
CA MET E 78 -14.85 37.33 -15.16
C MET E 78 -15.57 38.42 -15.98
N ALA E 79 -16.70 38.93 -15.50
CA ALA E 79 -17.43 39.99 -16.24
C ALA E 79 -16.57 41.26 -16.30
N ASP E 80 -15.89 41.57 -15.21
CA ASP E 80 -15.04 42.76 -15.11
C ASP E 80 -13.87 42.64 -16.12
N ALA E 81 -13.17 41.50 -16.08
CA ALA E 81 -12.11 41.21 -17.04
C ALA E 81 -12.58 41.36 -18.50
N VAL E 82 -13.71 40.73 -18.83
CA VAL E 82 -14.21 40.78 -20.19
C VAL E 82 -14.57 42.21 -20.63
N ALA E 83 -15.24 42.96 -19.76
CA ALA E 83 -15.53 44.37 -20.03
C ALA E 83 -14.22 45.17 -20.27
N ARG E 84 -13.20 44.95 -19.45
CA ARG E 84 -11.94 45.69 -19.65
C ARG E 84 -11.19 45.29 -20.91
N LEU E 85 -11.26 44.02 -21.30
CA LEU E 85 -10.57 43.53 -22.49
C LEU E 85 -11.39 43.83 -23.75
N GLY E 86 -12.68 44.07 -23.58
CA GLY E 86 -13.56 44.31 -24.71
C GLY E 86 -13.95 43.02 -25.43
N GLY E 87 -13.83 41.89 -24.75
CA GLY E 87 -14.07 40.56 -25.33
C GLY E 87 -13.24 39.49 -24.63
N LEU E 88 -13.15 38.32 -25.26
CA LEU E 88 -12.33 37.24 -24.72
C LEU E 88 -12.03 36.21 -25.79
N ASP E 89 -10.74 36.01 -26.07
CA ASP E 89 -10.25 35.00 -27.03
C ASP E 89 -9.60 33.79 -26.34
N ILE E 90 -8.92 34.02 -25.21
CA ILE E 90 -8.11 32.98 -24.58
C ILE E 90 -8.31 32.96 -23.08
N LEU E 91 -8.55 31.77 -22.53
CA LEU E 91 -8.61 31.57 -21.09
C LEU E 91 -7.62 30.48 -20.69
N VAL E 92 -6.71 30.79 -19.78
CA VAL E 92 -5.83 29.78 -19.20
C VAL E 92 -6.23 29.58 -17.76
N ALA E 93 -6.82 28.43 -17.45
CA ALA E 93 -7.30 28.16 -16.12
C ALA E 93 -6.20 27.43 -15.36
N GLY E 94 -5.35 28.20 -14.69
CA GLY E 94 -4.20 27.66 -13.98
C GLY E 94 -4.26 27.72 -12.47
N GLY E 95 -5.21 28.45 -11.90
CA GLY E 95 -5.36 28.57 -10.44
C GLY E 95 -5.69 27.26 -9.76
N ALA E 96 -4.91 26.91 -8.73
CA ALA E 96 -5.01 25.59 -8.07
C ALA E 96 -4.29 25.56 -6.73
N LEU E 97 -4.84 24.83 -5.76
CA LEU E 97 -4.09 24.45 -4.55
C LEU E 97 -3.17 23.30 -4.90
N LYS E 98 -1.94 23.33 -4.43
CA LYS E 98 -0.97 22.27 -4.79
C LYS E 98 -0.77 21.31 -3.61
N GLY E 99 -0.04 20.21 -3.88
CA GLY E 99 0.58 19.41 -2.82
C GLY E 99 -0.32 18.40 -2.10
N GLY E 100 0.24 17.82 -1.05
CA GLY E 100 -0.31 16.62 -0.42
C GLY E 100 -0.83 16.81 0.97
N THR E 101 -1.47 15.75 1.47
CA THR E 101 -2.11 15.76 2.76
C THR E 101 -1.57 14.65 3.67
N GLY E 102 -1.14 13.55 3.08
CA GLY E 102 -0.91 12.32 3.81
C GLY E 102 -1.69 11.17 3.17
N ASN E 103 -1.71 10.04 3.87
CA ASN E 103 -2.31 8.82 3.35
C ASN E 103 -3.82 8.95 3.14
N PHE E 104 -4.33 8.31 2.11
CA PHE E 104 -5.77 8.30 1.83
C PHE E 104 -6.61 7.96 3.05
N LEU E 105 -6.15 7.04 3.88
CA LEU E 105 -6.92 6.61 5.06
C LEU E 105 -7.20 7.76 6.03
N ASP E 106 -6.31 8.73 6.09
CA ASP E 106 -6.39 9.84 7.02
C ASP E 106 -6.87 11.11 6.35
N LEU E 107 -7.36 11.02 5.13
CA LEU E 107 -7.76 12.22 4.39
C LEU E 107 -9.09 12.73 4.95
N SER E 108 -9.08 13.98 5.41
CA SER E 108 -10.28 14.56 6.04
C SER E 108 -11.25 15.10 5.00
N ASP E 109 -12.53 15.23 5.39
CA ASP E 109 -13.54 15.90 4.58
C ASP E 109 -13.09 17.32 4.17
N ALA E 110 -12.57 18.06 5.14
CA ALA E 110 -12.10 19.44 4.92
C ALA E 110 -11.04 19.53 3.77
N ASP E 111 -10.06 18.65 3.78
CA ASP E 111 -9.03 18.68 2.74
C ASP E 111 -9.59 18.23 1.39
N TRP E 112 -10.34 17.14 1.39
CA TRP E 112 -11.03 16.71 0.18
C TRP E 112 -11.81 17.87 -0.43
N ASP E 113 -12.63 18.53 0.38
CA ASP E 113 -13.50 19.60 -0.11
C ASP E 113 -12.69 20.75 -0.67
N ARG E 114 -11.62 21.13 0.01
CA ARG E 114 -10.81 22.26 -0.43
C ARG E 114 -10.23 21.99 -1.83
N TYR E 115 -9.67 20.80 -2.02
CA TYR E 115 -9.07 20.50 -3.32
C TYR E 115 -10.13 20.36 -4.43
N VAL E 116 -11.23 19.66 -4.15
CA VAL E 116 -12.29 19.56 -5.14
C VAL E 116 -12.95 20.92 -5.44
N ASP E 117 -13.25 21.69 -4.40
CA ASP E 117 -13.96 22.96 -4.58
C ASP E 117 -13.11 23.99 -5.30
N VAL E 118 -11.84 24.13 -4.92
CA VAL E 118 -10.97 25.11 -5.55
C VAL E 118 -10.46 24.64 -6.89
N ASN E 119 -9.90 23.43 -6.97
CA ASN E 119 -9.21 22.99 -8.18
C ASN E 119 -10.16 22.48 -9.26
N MET E 120 -11.17 21.70 -8.89
CA MET E 120 -12.07 21.15 -9.89
C MET E 120 -13.25 22.11 -10.19
N THR E 121 -14.04 22.43 -9.18
CA THR E 121 -15.21 23.30 -9.32
C THR E 121 -14.81 24.72 -9.72
N GLY E 122 -13.72 25.22 -9.14
CA GLY E 122 -13.19 26.52 -9.52
C GLY E 122 -12.81 26.59 -10.99
N THR E 123 -12.22 25.51 -11.52
CA THR E 123 -11.89 25.41 -12.95
C THR E 123 -13.18 25.37 -13.80
N PHE E 124 -14.14 24.55 -13.39
CA PHE E 124 -15.44 24.49 -14.07
C PHE E 124 -16.12 25.86 -14.16
N LEU E 125 -16.23 26.54 -13.03
CA LEU E 125 -16.90 27.83 -12.97
C LEU E 125 -16.18 28.92 -13.80
N THR E 126 -14.86 28.97 -13.70
CA THR E 126 -14.06 29.90 -14.48
C THR E 126 -14.30 29.65 -15.99
N CYS E 127 -14.22 28.38 -16.36
CA CYS E 127 -14.30 28.01 -17.78
C CYS E 127 -15.74 28.19 -18.33
N ARG E 128 -16.76 27.94 -17.51
CA ARG E 128 -18.13 28.17 -18.00
C ARG E 128 -18.37 29.64 -18.25
N ALA E 129 -17.92 30.47 -17.33
CA ALA E 129 -18.04 31.92 -17.52
C ALA E 129 -17.25 32.40 -18.73
N GLY E 130 -16.01 31.92 -18.86
CA GLY E 130 -15.16 32.27 -19.99
C GLY E 130 -15.77 31.85 -21.32
N ALA E 131 -16.25 30.61 -21.36
CA ALA E 131 -16.86 30.05 -22.55
C ALA E 131 -18.06 30.90 -23.00
N ARG E 132 -18.88 31.32 -22.03
CA ARG E 132 -20.07 32.13 -22.31
C ARG E 132 -19.70 33.50 -22.83
N ALA E 133 -18.60 34.04 -22.30
CA ALA E 133 -18.10 35.34 -22.76
C ALA E 133 -17.54 35.24 -24.19
N MET E 134 -16.85 34.14 -24.47
CA MET E 134 -16.26 33.92 -25.79
C MET E 134 -17.35 33.90 -26.83
N VAL E 135 -18.41 33.17 -26.54
CA VAL E 135 -19.54 33.08 -27.45
C VAL E 135 -20.18 34.44 -27.61
N ALA E 136 -20.42 35.15 -26.50
CA ALA E 136 -21.01 36.52 -26.53
C ALA E 136 -20.16 37.51 -27.33
N ALA E 137 -18.83 37.29 -27.34
CA ALA E 137 -17.92 38.14 -28.09
C ALA E 137 -17.76 37.75 -29.57
N GLY E 138 -18.41 36.66 -30.00
CA GLY E 138 -18.43 36.27 -31.41
C GLY E 138 -17.76 34.96 -31.77
N ALA E 139 -17.31 34.18 -30.78
CA ALA E 139 -16.70 32.87 -31.07
C ALA E 139 -17.72 31.98 -31.77
N GLY E 140 -17.28 31.38 -32.87
CA GLY E 140 -18.12 30.45 -33.63
C GLY E 140 -18.90 31.11 -34.76
N LYS E 141 -18.69 32.41 -34.93
CA LYS E 141 -19.35 33.20 -35.97
C LYS E 141 -18.30 33.94 -36.79
N ASP E 142 -18.50 34.02 -38.10
CA ASP E 142 -17.62 34.78 -39.01
C ASP E 142 -16.18 34.27 -38.98
N GLY E 143 -16.01 32.94 -38.88
CA GLY E 143 -14.66 32.34 -38.80
C GLY E 143 -13.90 32.60 -37.49
N ARG E 144 -14.56 33.20 -36.50
CA ARG E 144 -13.92 33.56 -35.23
C ARG E 144 -13.86 32.33 -34.33
N SER E 145 -12.69 32.11 -33.72
CA SER E 145 -12.51 31.04 -32.73
C SER E 145 -11.82 31.53 -31.45
N ALA E 146 -11.86 30.72 -30.42
CA ALA E 146 -11.40 31.06 -29.10
C ALA E 146 -10.67 29.85 -28.52
N ARG E 147 -10.10 30.00 -27.32
CA ARG E 147 -9.21 28.99 -26.75
C ARG E 147 -9.34 28.90 -25.26
N ILE E 148 -9.58 27.69 -24.76
CA ILE E 148 -9.58 27.43 -23.33
C ILE E 148 -8.51 26.39 -23.09
N ILE E 149 -7.60 26.71 -22.17
CA ILE E 149 -6.44 25.87 -21.84
C ILE E 149 -6.46 25.63 -20.35
N THR E 150 -6.57 24.38 -19.93
CA THR E 150 -6.58 24.05 -18.51
C THR E 150 -5.17 23.62 -18.13
N ILE E 151 -4.75 23.97 -16.91
CA ILE E 151 -3.48 23.44 -16.39
C ILE E 151 -3.79 22.23 -15.52
N GLY E 152 -3.42 21.06 -16.01
CA GLY E 152 -3.65 19.83 -15.25
C GLY E 152 -2.38 19.43 -14.57
N SER E 153 -1.97 18.18 -14.81
CA SER E 153 -0.78 17.62 -14.21
C SER E 153 -0.63 16.22 -14.76
N VAL E 154 0.56 15.64 -14.64
CA VAL E 154 0.78 14.21 -14.84
C VAL E 154 -0.14 13.44 -13.88
N ASN E 155 -0.44 14.05 -12.72
CA ASN E 155 -1.42 13.53 -11.78
C ASN E 155 -2.88 13.44 -12.30
N SER E 156 -3.13 13.97 -13.50
CA SER E 156 -4.43 13.73 -14.17
C SER E 156 -4.55 12.31 -14.70
N PHE E 157 -3.43 11.59 -14.81
CA PHE E 157 -3.40 10.25 -15.38
C PHE E 157 -2.75 9.15 -14.53
N MET E 158 -1.72 9.51 -13.76
CA MET E 158 -1.04 8.59 -12.85
C MET E 158 -0.85 9.30 -11.50
N ALA E 159 -0.91 8.56 -10.40
CA ALA E 159 -0.99 9.14 -9.06
C ALA E 159 0.34 9.13 -8.32
N GLU E 160 0.68 10.31 -7.81
CA GLU E 160 1.65 10.51 -6.75
C GLU E 160 1.11 9.92 -5.48
N PRO E 161 1.99 9.50 -4.56
CA PRO E 161 1.52 9.11 -3.22
C PRO E 161 1.06 10.27 -2.36
N GLU E 162 0.09 9.99 -1.48
CA GLU E 162 -0.31 10.89 -0.38
C GLU E 162 -0.87 12.18 -0.83
N ALA E 163 -1.66 12.17 -1.89
CA ALA E 163 -2.27 13.39 -2.41
C ALA E 163 -3.58 13.10 -3.13
N ALA E 164 -4.40 12.23 -2.56
CA ALA E 164 -5.58 11.69 -3.26
C ALA E 164 -6.56 12.74 -3.71
N ALA E 165 -6.79 13.78 -2.90
CA ALA E 165 -7.75 14.86 -3.24
C ALA E 165 -7.19 15.67 -4.43
N TYR E 166 -5.91 16.04 -4.36
CA TYR E 166 -5.26 16.77 -5.45
C TYR E 166 -5.30 15.93 -6.75
N VAL E 167 -5.00 14.65 -6.63
CA VAL E 167 -4.95 13.76 -7.79
C VAL E 167 -6.34 13.54 -8.40
N ALA E 168 -7.31 13.28 -7.55
CA ALA E 168 -8.71 13.12 -7.97
C ALA E 168 -9.19 14.35 -8.74
N ALA E 169 -8.94 15.52 -8.19
CA ALA E 169 -9.36 16.76 -8.81
C ALA E 169 -8.64 16.97 -10.15
N LYS E 170 -7.38 16.58 -10.27
CA LYS E 170 -6.69 16.64 -11.57
C LYS E 170 -7.29 15.69 -12.62
N GLY E 171 -7.81 14.56 -12.20
CA GLY E 171 -8.54 13.67 -13.10
C GLY E 171 -9.88 14.27 -13.52
N GLY E 172 -10.56 14.88 -12.54
CA GLY E 172 -11.72 15.70 -12.80
C GLY E 172 -11.49 16.72 -13.89
N VAL E 173 -10.40 17.48 -13.77
CA VAL E 173 -10.07 18.50 -14.75
C VAL E 173 -9.75 17.91 -16.10
N ALA E 174 -9.02 16.81 -16.16
CA ALA E 174 -8.75 16.11 -17.44
C ALA E 174 -10.02 15.82 -18.23
N MET E 175 -11.00 15.22 -17.56
CA MET E 175 -12.24 14.89 -18.24
C MET E 175 -13.19 16.07 -18.46
N LEU E 176 -13.16 17.07 -17.57
CA LEU E 176 -13.83 18.34 -17.82
C LEU E 176 -13.30 18.96 -19.12
N THR E 177 -11.99 18.89 -19.30
CA THR E 177 -11.35 19.42 -20.49
C THR E 177 -11.97 18.77 -21.73
N ARG E 178 -12.05 17.44 -21.74
CA ARG E 178 -12.60 16.73 -22.88
C ARG E 178 -14.10 16.99 -23.13
N ALA E 179 -14.88 17.04 -22.05
CA ALA E 179 -16.31 17.37 -22.15
C ALA E 179 -16.53 18.78 -22.75
N MET E 180 -15.73 19.72 -22.31
CA MET E 180 -15.77 21.06 -22.84
C MET E 180 -15.38 21.07 -24.29
N ALA E 181 -14.31 20.34 -24.66
CA ALA E 181 -13.89 20.28 -26.06
C ALA E 181 -15.03 19.76 -26.94
N VAL E 182 -15.74 18.74 -26.46
CA VAL E 182 -16.81 18.13 -27.26
C VAL E 182 -18.00 19.10 -27.39
N ASP E 183 -18.42 19.69 -26.28
CA ASP E 183 -19.59 20.56 -26.28
C ASP E 183 -19.37 21.93 -26.92
N LEU E 184 -18.13 22.40 -26.93
CA LEU E 184 -17.83 23.73 -27.39
C LEU E 184 -17.26 23.76 -28.80
N ALA E 185 -16.99 22.60 -29.40
CA ALA E 185 -16.48 22.58 -30.79
C ALA E 185 -17.39 23.37 -31.74
N ARG E 186 -18.70 23.20 -31.58
CA ARG E 186 -19.65 23.82 -32.49
C ARG E 186 -19.66 25.33 -32.31
N HIS E 187 -19.13 25.82 -31.18
CA HIS E 187 -19.05 27.26 -30.88
C HIS E 187 -17.72 27.84 -31.18
N GLY E 188 -16.88 27.08 -31.87
CA GLY E 188 -15.57 27.55 -32.26
C GLY E 188 -14.55 27.74 -31.13
N ILE E 189 -14.76 27.06 -30.01
CA ILE E 189 -13.81 27.14 -28.89
C ILE E 189 -13.03 25.84 -28.79
N LEU E 190 -11.70 25.92 -28.94
CA LEU E 190 -10.86 24.74 -28.81
C LEU E 190 -10.35 24.66 -27.38
N VAL E 191 -10.40 23.46 -26.81
CA VAL E 191 -10.16 23.23 -25.40
C VAL E 191 -9.15 22.12 -25.24
N ASN E 192 -8.05 22.42 -24.55
CA ASN E 192 -6.95 21.47 -24.33
C ASN E 192 -6.37 21.64 -22.95
N MET E 193 -5.65 20.63 -22.50
CA MET E 193 -4.97 20.65 -21.21
C MET E 193 -3.47 20.60 -21.36
N ILE E 194 -2.76 21.27 -20.42
CA ILE E 194 -1.32 21.13 -20.32
C ILE E 194 -1.03 20.32 -19.05
N ALA E 195 -0.27 19.24 -19.19
CA ALA E 195 0.02 18.35 -18.06
C ALA E 195 1.48 18.45 -17.67
N PRO E 196 1.82 19.38 -16.75
CA PRO E 196 3.22 19.49 -16.31
C PRO E 196 3.66 18.39 -15.38
N GLY E 197 4.90 17.95 -15.52
CA GLY E 197 5.55 17.09 -14.53
C GLY E 197 6.03 17.96 -13.38
N PRO E 198 7.10 17.56 -12.70
CA PRO E 198 7.64 18.43 -11.66
C PRO E 198 8.23 19.72 -12.26
N VAL E 199 7.81 20.85 -11.71
CA VAL E 199 8.24 22.15 -12.19
C VAL E 199 8.68 22.98 -11.01
N ASP E 200 9.93 23.46 -11.06
CA ASP E 200 10.46 24.22 -9.94
C ASP E 200 9.98 25.65 -10.08
N VAL E 201 9.25 26.14 -9.08
CA VAL E 201 8.66 27.50 -9.11
C VAL E 201 9.28 28.45 -8.07
N THR E 202 10.38 28.02 -7.44
CA THR E 202 11.03 28.81 -6.40
C THR E 202 11.84 29.96 -6.97
N GLY E 203 12.27 29.87 -8.23
CA GLY E 203 13.18 30.87 -8.83
C GLY E 203 14.61 30.67 -8.40
N ASN E 204 14.84 29.62 -7.60
CA ASN E 204 16.06 29.44 -6.84
C ASN E 204 16.71 28.07 -7.00
N ASN E 205 16.11 27.21 -7.84
CA ASN E 205 16.43 25.78 -7.91
C ASN E 205 16.38 25.05 -6.56
N THR E 206 15.44 25.42 -5.70
CA THR E 206 15.33 24.81 -4.37
C THR E 206 14.05 23.99 -4.17
N GLY E 207 13.22 23.88 -5.20
CA GLY E 207 11.95 23.21 -5.05
C GLY E 207 12.08 21.71 -4.79
N TYR E 208 13.13 21.10 -5.31
CA TYR E 208 13.27 19.67 -5.30
C TYR E 208 14.62 19.31 -4.73
N SER E 209 15.08 20.09 -3.76
CA SER E 209 16.44 19.93 -3.21
C SER E 209 16.51 18.92 -2.05
N GLU E 210 15.38 18.63 -1.43
CA GLU E 210 15.35 17.55 -0.43
C GLU E 210 15.95 16.27 -1.03
N PRO E 211 16.95 15.68 -0.33
CA PRO E 211 17.76 14.63 -0.94
C PRO E 211 16.99 13.47 -1.56
N ARG E 212 16.05 12.91 -0.82
CA ARG E 212 15.30 11.79 -1.33
C ARG E 212 14.50 12.18 -2.58
N LEU E 213 13.81 13.33 -2.52
CA LEU E 213 13.08 13.87 -3.67
C LEU E 213 14.02 14.17 -4.83
N ALA E 214 15.21 14.68 -4.52
CA ALA E 214 16.22 14.98 -5.55
C ALA E 214 16.68 13.71 -6.28
N GLU E 215 16.91 12.64 -5.53
CA GLU E 215 17.28 11.35 -6.10
C GLU E 215 16.18 10.79 -6.99
N GLN E 216 14.94 10.91 -6.53
CA GLN E 216 13.77 10.44 -7.28
C GLN E 216 13.56 11.22 -8.56
N VAL E 217 13.80 12.52 -8.56
CA VAL E 217 13.73 13.32 -9.80
C VAL E 217 14.78 12.79 -10.80
N LEU E 218 16.00 12.52 -10.35
CA LEU E 218 17.01 11.98 -11.22
C LEU E 218 16.60 10.61 -11.80
N ASP E 219 15.94 9.78 -11.00
CA ASP E 219 15.58 8.42 -11.45
C ASP E 219 14.32 8.39 -12.31
N GLU E 220 13.32 9.19 -11.97
CA GLU E 220 12.01 9.06 -12.60
C GLU E 220 11.76 10.06 -13.75
N VAL E 221 12.51 11.16 -13.82
CA VAL E 221 12.42 12.09 -14.94
C VAL E 221 13.58 11.75 -15.90
N ALA E 222 13.27 11.43 -17.16
CA ALA E 222 14.30 11.08 -18.15
C ALA E 222 15.36 12.19 -18.28
N LEU E 223 14.92 13.44 -18.32
CA LEU E 223 15.86 14.58 -18.37
C LEU E 223 16.60 14.81 -17.04
N GLY E 224 16.13 14.21 -15.95
CA GLY E 224 16.87 14.23 -14.68
C GLY E 224 16.87 15.54 -13.93
N ARG E 225 15.83 16.34 -14.10
CA ARG E 225 15.69 17.61 -13.43
C ARG E 225 14.23 18.00 -13.41
N PRO E 226 13.86 18.93 -12.51
CA PRO E 226 12.55 19.52 -12.59
C PRO E 226 12.46 20.52 -13.78
N GLY E 227 11.26 20.77 -14.27
CA GLY E 227 11.05 21.78 -15.34
C GLY E 227 11.11 23.20 -14.80
N LEU E 228 11.18 24.18 -15.70
CA LEU E 228 11.07 25.60 -15.34
C LEU E 228 9.74 26.15 -15.87
N PRO E 229 9.19 27.18 -15.22
CA PRO E 229 7.88 27.72 -15.63
C PRO E 229 7.76 28.09 -17.12
N GLU E 230 8.83 28.61 -17.71
CA GLU E 230 8.84 29.01 -19.12
C GLU E 230 8.71 27.82 -20.04
N GLU E 231 9.19 26.66 -19.59
CA GLU E 231 9.02 25.42 -20.35
C GLU E 231 7.56 24.92 -20.40
N VAL E 232 6.71 25.46 -19.51
CA VAL E 232 5.27 25.17 -19.56
C VAL E 232 4.51 26.26 -20.31
N ALA E 233 4.91 27.51 -20.07
CA ALA E 233 4.31 28.68 -20.70
C ALA E 233 4.34 28.59 -22.22
N THR E 234 5.43 28.08 -22.78
CA THR E 234 5.56 28.01 -24.21
C THR E 234 4.40 27.19 -24.83
N ALA E 235 3.96 26.14 -24.14
CA ALA E 235 2.81 25.36 -24.62
C ALA E 235 1.51 26.17 -24.56
N ALA E 236 1.40 27.09 -23.61
CA ALA E 236 0.19 27.94 -23.52
C ALA E 236 0.09 28.91 -24.70
N VAL E 237 1.23 29.38 -25.20
CA VAL E 237 1.29 30.22 -26.42
C VAL E 237 0.91 29.37 -27.61
N PHE E 238 1.53 28.19 -27.72
CA PHE E 238 1.25 27.26 -28.84
C PHE E 238 -0.22 26.89 -28.98
N LEU E 239 -0.85 26.48 -27.88
CA LEU E 239 -2.27 26.16 -27.89
C LEU E 239 -3.17 27.34 -28.20
N ALA E 240 -2.80 28.53 -27.71
CA ALA E 240 -3.60 29.74 -27.92
C ALA E 240 -3.54 30.36 -29.33
N GLU E 241 -2.49 30.12 -30.10
CA GLU E 241 -2.36 30.81 -31.39
C GLU E 241 -3.28 30.25 -32.49
N ASP E 242 -3.55 31.05 -33.52
CA ASP E 242 -4.48 30.67 -34.60
C ASP E 242 -4.08 29.37 -35.29
N GLY E 243 -2.78 29.11 -35.39
CA GLY E 243 -2.27 27.91 -36.06
C GLY E 243 -2.70 26.56 -35.42
N SER E 244 -3.10 26.58 -34.16
CA SER E 244 -3.47 25.35 -33.46
C SER E 244 -4.96 25.05 -33.65
N SER E 245 -5.47 25.30 -34.87
CA SER E 245 -6.89 25.33 -35.14
C SER E 245 -7.49 23.95 -35.29
N PHE E 246 -6.68 22.87 -35.32
CA PHE E 246 -7.21 21.48 -35.34
C PHE E 246 -6.93 20.70 -34.05
N ILE E 247 -6.49 21.37 -32.99
CA ILE E 247 -6.10 20.74 -31.76
C ILE E 247 -7.16 21.06 -30.71
N THR E 248 -7.91 20.04 -30.30
CA THR E 248 -8.91 20.17 -29.26
C THR E 248 -9.15 18.84 -28.60
N GLY E 249 -9.49 18.91 -27.33
CA GLY E 249 -9.64 17.71 -26.52
C GLY E 249 -8.34 17.02 -26.14
N SER E 250 -7.19 17.65 -26.43
CA SER E 250 -5.90 16.99 -26.23
C SER E 250 -5.20 17.49 -24.99
N THR E 251 -4.12 16.77 -24.63
CA THR E 251 -3.22 17.15 -23.58
C THR E 251 -1.81 17.23 -24.17
N ILE E 252 -1.11 18.32 -23.85
CA ILE E 252 0.32 18.40 -24.08
C ILE E 252 1.02 18.11 -22.76
N THR E 253 1.82 17.08 -22.73
CA THR E 253 2.50 16.69 -21.52
C THR E 253 3.91 17.20 -21.51
N ILE E 254 4.27 17.86 -20.39
CA ILE E 254 5.52 18.57 -20.26
C ILE E 254 6.19 18.17 -18.97
N ASP E 255 6.90 17.02 -19.02
CA ASP E 255 7.35 16.33 -17.82
C ASP E 255 8.73 15.66 -17.87
N GLY E 256 9.56 16.02 -18.85
CA GLY E 256 10.90 15.52 -18.96
C GLY E 256 10.97 14.02 -19.15
N GLY E 257 9.85 13.44 -19.60
CA GLY E 257 9.75 12.01 -19.87
C GLY E 257 9.23 11.18 -18.71
N LEU E 258 8.82 11.82 -17.63
CA LEU E 258 8.36 11.07 -16.46
C LEU E 258 7.31 10.01 -16.82
N SER E 259 6.23 10.47 -17.45
CA SER E 259 5.12 9.60 -17.75
C SER E 259 5.39 8.63 -18.92
N ALA E 260 6.52 8.76 -19.60
CA ALA E 260 6.86 7.93 -20.73
C ALA E 260 7.73 6.73 -20.35
N MET E 261 8.25 6.74 -19.13
CA MET E 261 9.32 5.84 -18.73
C MET E 261 8.94 4.99 -17.52
N ILE E 262 9.42 3.74 -17.54
CA ILE E 262 9.40 2.89 -16.34
C ILE E 262 10.81 2.36 -16.04
N PHE E 263 11.07 2.10 -14.76
CA PHE E 263 12.40 1.71 -14.28
C PHE E 263 13.49 2.69 -14.75
N GLY E 264 13.17 3.98 -14.68
CA GLY E 264 14.11 5.00 -14.99
C GLY E 264 15.39 4.87 -14.19
N GLY E 265 15.31 4.37 -12.96
CA GLY E 265 16.48 4.24 -12.10
C GLY E 265 17.44 3.16 -12.52
N MET E 266 17.01 2.33 -13.44
CA MET E 266 17.88 1.32 -14.03
C MET E 266 18.66 1.79 -15.27
N ARG E 267 18.41 3.00 -15.77
CA ARG E 267 19.04 3.38 -17.02
C ARG E 267 20.55 3.65 -16.81
N GLU E 268 21.36 3.46 -17.85
CA GLU E 268 22.79 3.80 -17.82
C GLU E 268 22.92 5.26 -17.49
N GLY E 269 23.84 5.58 -16.59
CA GLY E 269 24.02 6.95 -16.11
C GLY E 269 23.39 7.11 -14.75
N ARG E 270 22.35 6.30 -14.45
CA ARG E 270 21.67 6.36 -13.15
C ARG E 270 21.95 5.16 -12.26
N ARG E 271 21.98 3.94 -12.80
CA ARG E 271 22.16 2.75 -11.94
CA ARG E 271 22.16 2.77 -11.93
C ARG E 271 23.60 2.63 -11.44
N PRO F 10 15.27 35.34 -40.23
CA PRO F 10 14.70 35.41 -38.87
C PRO F 10 13.97 34.10 -38.58
N GLY F 11 13.52 33.86 -37.32
CA GLY F 11 12.67 32.72 -37.07
C GLY F 11 12.92 31.90 -35.82
N ARG F 12 11.91 31.12 -35.43
CA ARG F 12 11.96 30.30 -34.21
C ARG F 12 12.90 29.11 -34.32
N LEU F 13 13.32 28.74 -35.52
CA LEU F 13 14.32 27.69 -35.73
C LEU F 13 15.59 28.24 -36.44
N ALA F 14 15.88 29.52 -36.23
CA ALA F 14 17.03 30.19 -36.92
C ALA F 14 18.29 29.43 -36.66
N GLY F 15 19.02 29.14 -37.73
CA GLY F 15 20.32 28.46 -37.60
C GLY F 15 20.26 26.94 -37.44
N LYS F 16 19.07 26.34 -37.35
CA LYS F 16 18.96 24.91 -37.11
C LYS F 16 19.07 24.10 -38.39
N ALA F 17 19.67 22.92 -38.29
CA ALA F 17 19.78 21.99 -39.40
C ALA F 17 18.77 20.87 -39.25
N ALA F 18 17.87 20.74 -40.23
CA ALA F 18 16.74 19.81 -40.14
C ALA F 18 16.65 18.88 -41.33
N ILE F 19 16.25 17.63 -41.07
CA ILE F 19 15.89 16.68 -42.10
C ILE F 19 14.41 16.33 -41.89
N VAL F 20 13.62 16.39 -42.97
CA VAL F 20 12.22 16.00 -42.96
C VAL F 20 12.02 14.88 -43.98
N THR F 21 11.62 13.68 -43.51
CA THR F 21 11.26 12.59 -44.42
C THR F 21 9.77 12.61 -44.67
N GLY F 22 9.35 11.93 -45.74
CA GLY F 22 8.00 12.03 -46.26
C GLY F 22 7.69 13.39 -46.78
N ALA F 23 8.72 14.09 -47.25
CA ALA F 23 8.64 15.54 -47.52
C ALA F 23 7.90 15.95 -48.80
N ALA F 24 7.54 14.98 -49.63
CA ALA F 24 6.70 15.25 -50.80
C ALA F 24 5.24 15.16 -50.42
N GLY F 25 4.92 14.55 -49.27
CA GLY F 25 3.51 14.38 -48.85
C GLY F 25 2.93 15.65 -48.26
N GLY F 26 1.68 15.60 -47.86
CA GLY F 26 0.97 16.76 -47.34
C GLY F 26 1.62 17.30 -46.08
N ILE F 27 1.71 16.45 -45.06
CA ILE F 27 2.30 16.87 -43.80
C ILE F 27 3.77 17.24 -43.94
N GLY F 28 4.53 16.42 -44.65
CA GLY F 28 5.97 16.70 -44.85
C GLY F 28 6.25 17.99 -45.65
N ARG F 29 5.48 18.22 -46.71
CA ARG F 29 5.62 19.46 -47.48
C ARG F 29 5.33 20.67 -46.57
N ALA F 30 4.22 20.63 -45.84
CA ALA F 30 3.87 21.73 -44.94
C ALA F 30 4.96 21.92 -43.86
N THR F 31 5.59 20.84 -43.41
CA THR F 31 6.65 20.93 -42.40
C THR F 31 7.93 21.56 -42.98
N VAL F 32 8.34 21.09 -44.16
CA VAL F 32 9.47 21.68 -44.86
C VAL F 32 9.29 23.19 -44.98
N GLU F 33 8.12 23.61 -45.43
CA GLU F 33 7.84 25.02 -45.62
C GLU F 33 7.83 25.84 -44.31
N ALA F 34 7.20 25.29 -43.28
CA ALA F 34 7.15 25.96 -42.00
C ALA F 34 8.57 26.09 -41.47
N TYR F 35 9.35 25.03 -41.61
CA TYR F 35 10.74 25.03 -41.14
C TYR F 35 11.61 26.08 -41.87
N LEU F 36 11.54 26.12 -43.20
CA LEU F 36 12.25 27.16 -43.97
C LEU F 36 11.79 28.54 -43.56
N ARG F 37 10.48 28.70 -43.39
CA ARG F 37 9.91 29.96 -42.95
C ARG F 37 10.44 30.39 -41.58
N GLU F 38 10.75 29.42 -40.70
CA GLU F 38 11.28 29.72 -39.36
C GLU F 38 12.81 29.71 -39.28
N GLY F 39 13.46 29.70 -40.44
CA GLY F 39 14.90 29.98 -40.52
C GLY F 39 15.78 28.78 -40.48
N ALA F 40 15.22 27.57 -40.58
CA ALA F 40 16.01 26.35 -40.56
C ALA F 40 16.61 26.09 -41.94
N SER F 41 17.73 25.37 -41.97
CA SER F 41 18.21 24.77 -43.21
C SER F 41 17.60 23.39 -43.27
N VAL F 42 17.01 23.03 -44.41
CA VAL F 42 16.16 21.84 -44.47
C VAL F 42 16.52 20.94 -45.64
N VAL F 43 16.79 19.68 -45.32
CA VAL F 43 16.91 18.61 -46.31
C VAL F 43 15.54 17.93 -46.37
N ALA F 44 15.02 17.77 -47.58
CA ALA F 44 13.72 17.14 -47.82
C ALA F 44 13.94 15.77 -48.43
N MET F 45 13.46 14.73 -47.76
CA MET F 45 13.67 13.35 -48.22
C MET F 45 12.34 12.71 -48.54
N ASP F 46 12.31 11.96 -49.63
CA ASP F 46 11.14 11.17 -50.05
C ASP F 46 11.63 10.30 -51.22
N LEU F 47 10.74 9.52 -51.82
CA LEU F 47 11.08 8.76 -53.00
C LEU F 47 11.50 9.72 -54.12
N ALA F 48 12.44 9.28 -54.95
CA ALA F 48 13.00 10.14 -56.00
C ALA F 48 11.94 10.75 -56.92
N PRO F 49 11.04 9.95 -57.51
CA PRO F 49 10.04 10.57 -58.38
C PRO F 49 9.09 11.54 -57.64
N ARG F 50 8.84 11.28 -56.37
CA ARG F 50 7.97 12.16 -55.62
C ARG F 50 8.62 13.50 -55.35
N LEU F 51 9.89 13.50 -54.94
CA LEU F 51 10.68 14.75 -54.84
C LEU F 51 10.72 15.49 -56.16
N ALA F 52 10.92 14.76 -57.26
CA ALA F 52 11.12 15.40 -58.58
C ALA F 52 9.87 16.17 -59.00
N ALA F 53 8.72 15.73 -58.53
CA ALA F 53 7.45 16.37 -58.85
C ALA F 53 6.98 17.34 -57.79
N THR F 54 7.78 17.63 -56.77
CA THR F 54 7.33 18.59 -55.74
C THR F 54 8.12 19.88 -55.83
N ARG F 55 7.41 21.01 -55.75
CA ARG F 55 8.01 22.32 -55.64
C ARG F 55 7.46 22.90 -54.34
N TYR F 56 8.33 23.50 -53.54
CA TYR F 56 7.92 24.04 -52.26
C TYR F 56 7.52 25.48 -52.43
N GLU F 57 6.54 25.92 -51.64
CA GLU F 57 6.12 27.32 -51.63
C GLU F 57 7.12 28.23 -50.89
N GLU F 58 8.19 27.65 -50.33
CA GLU F 58 9.35 28.41 -49.84
C GLU F 58 10.62 27.83 -50.44
N PRO F 59 11.59 28.69 -50.80
CA PRO F 59 12.81 28.19 -51.42
C PRO F 59 13.86 27.73 -50.40
N GLY F 60 14.80 26.92 -50.87
CA GLY F 60 16.01 26.58 -50.10
C GLY F 60 16.06 25.14 -49.63
N ALA F 61 15.00 24.36 -49.91
CA ALA F 61 15.00 22.96 -49.52
C ALA F 61 16.04 22.21 -50.33
N ILE F 62 16.76 21.31 -49.67
CA ILE F 62 17.76 20.48 -50.31
C ILE F 62 17.14 19.11 -50.48
N PRO F 63 16.72 18.77 -51.72
CA PRO F 63 16.06 17.49 -51.92
C PRO F 63 17.05 16.34 -52.02
N ILE F 64 16.85 15.32 -51.18
CA ILE F 64 17.69 14.11 -51.21
C ILE F 64 16.81 12.90 -51.23
N ALA F 65 16.91 12.10 -52.31
CA ALA F 65 16.09 10.90 -52.47
C ALA F 65 16.45 9.84 -51.44
N CYS F 66 15.44 9.18 -50.88
CA CYS F 66 15.70 8.10 -49.93
C CYS F 66 14.54 7.17 -49.83
N ASP F 67 14.69 5.98 -50.43
CA ASP F 67 13.69 4.94 -50.33
C ASP F 67 13.79 4.23 -48.98
N LEU F 68 12.74 4.34 -48.17
CA LEU F 68 12.76 3.73 -46.81
C LEU F 68 12.88 2.22 -46.80
N ALA F 69 12.48 1.56 -47.89
CA ALA F 69 12.61 0.09 -48.06
C ALA F 69 14.05 -0.38 -48.32
N ASP F 70 14.95 0.54 -48.66
CA ASP F 70 16.35 0.22 -48.94
C ASP F 70 17.26 0.68 -47.80
N ARG F 71 17.72 -0.27 -46.99
CA ARG F 71 18.42 0.02 -45.74
C ARG F 71 19.75 0.71 -45.95
N ALA F 72 20.50 0.26 -46.94
CA ALA F 72 21.76 0.91 -47.29
C ALA F 72 21.51 2.36 -47.73
N ALA F 73 20.43 2.61 -48.47
CA ALA F 73 20.12 3.96 -48.96
C ALA F 73 19.77 4.90 -47.79
N ILE F 74 19.13 4.38 -46.74
CA ILE F 74 18.81 5.17 -45.58
C ILE F 74 20.10 5.73 -44.96
N ASP F 75 21.10 4.89 -44.76
CA ASP F 75 22.39 5.35 -44.19
C ASP F 75 23.13 6.32 -45.09
N ALA F 76 23.20 5.99 -46.38
CA ALA F 76 23.91 6.84 -47.34
C ALA F 76 23.26 8.23 -47.46
N ALA F 77 21.92 8.26 -47.56
CA ALA F 77 21.20 9.52 -47.71
C ALA F 77 21.29 10.37 -46.43
N MET F 78 21.25 9.71 -45.27
CA MET F 78 21.44 10.39 -43.99
C MET F 78 22.85 10.98 -43.89
N ALA F 79 23.89 10.22 -44.26
CA ALA F 79 25.26 10.75 -44.23
C ALA F 79 25.41 11.94 -45.17
N ASP F 80 24.83 11.83 -46.36
CA ASP F 80 24.89 12.90 -47.36
C ASP F 80 24.22 14.19 -46.82
N ALA F 81 22.99 14.04 -46.34
CA ALA F 81 22.23 15.12 -45.71
C ALA F 81 23.03 15.81 -44.60
N VAL F 82 23.60 15.03 -43.71
CA VAL F 82 24.35 15.60 -42.58
C VAL F 82 25.56 16.37 -43.05
N ALA F 83 26.31 15.78 -43.98
CA ALA F 83 27.49 16.45 -44.56
C ALA F 83 27.07 17.78 -45.20
N ARG F 84 25.99 17.80 -45.98
CA ARG F 84 25.54 19.06 -46.60
C ARG F 84 25.05 20.11 -45.59
N LEU F 85 24.41 19.67 -44.50
CA LEU F 85 23.92 20.59 -43.48
C LEU F 85 25.02 21.03 -42.55
N GLY F 86 26.10 20.26 -42.49
CA GLY F 86 27.19 20.55 -41.57
C GLY F 86 26.86 20.13 -40.13
N GLY F 87 25.92 19.20 -39.98
CA GLY F 87 25.45 18.76 -38.66
C GLY F 87 23.98 18.33 -38.73
N LEU F 88 23.37 18.20 -37.55
CA LEU F 88 21.95 17.84 -37.48
C LEU F 88 21.37 18.22 -36.12
N ASP F 89 20.34 19.06 -36.13
CA ASP F 89 19.61 19.42 -34.92
C ASP F 89 18.20 18.78 -34.83
N ILE F 90 17.54 18.64 -35.97
CA ILE F 90 16.15 18.23 -36.00
C ILE F 90 15.92 17.16 -37.05
N LEU F 91 15.21 16.10 -36.67
CA LEU F 91 14.77 15.06 -37.59
C LEU F 91 13.26 14.93 -37.45
N VAL F 92 12.53 15.05 -38.55
CA VAL F 92 11.09 14.74 -38.57
C VAL F 92 10.93 13.46 -39.43
N ALA F 93 10.60 12.34 -38.77
CA ALA F 93 10.42 11.08 -39.46
C ALA F 93 8.97 10.92 -39.85
N GLY F 94 8.62 11.38 -41.05
CA GLY F 94 7.22 11.42 -41.53
C GLY F 94 6.92 10.46 -42.67
N GLY F 95 7.94 9.86 -43.28
CA GLY F 95 7.77 8.96 -44.40
C GLY F 95 7.00 7.70 -44.02
N ALA F 96 5.93 7.39 -44.79
CA ALA F 96 5.04 6.32 -44.44
C ALA F 96 4.11 5.92 -45.59
N LEU F 97 3.88 4.61 -45.73
CA LEU F 97 2.78 4.10 -46.54
C LEU F 97 1.46 4.26 -45.78
N LYS F 98 0.42 4.74 -46.45
CA LYS F 98 -0.85 5.07 -45.78
C LYS F 98 -1.89 4.05 -46.14
N GLY F 99 -3.01 4.11 -45.44
CA GLY F 99 -4.23 3.41 -45.89
C GLY F 99 -4.33 1.94 -45.59
N GLY F 100 -5.40 1.33 -46.12
CA GLY F 100 -5.86 0.02 -45.71
C GLY F 100 -5.72 -1.06 -46.75
N THR F 101 -6.05 -2.28 -46.35
CA THR F 101 -5.90 -3.48 -47.18
C THR F 101 -7.19 -4.28 -47.31
N GLY F 102 -8.04 -4.20 -46.28
CA GLY F 102 -9.11 -5.14 -46.11
C GLY F 102 -9.03 -5.77 -44.74
N ASN F 103 -9.89 -6.76 -44.51
CA ASN F 103 -10.06 -7.35 -43.22
C ASN F 103 -8.79 -8.08 -42.78
N PHE F 104 -8.54 -8.07 -41.49
CA PHE F 104 -7.42 -8.80 -40.90
C PHE F 104 -7.32 -10.23 -41.41
N LEU F 105 -8.44 -10.94 -41.47
CA LEU F 105 -8.46 -12.33 -41.94
C LEU F 105 -7.79 -12.58 -43.31
N ASP F 106 -7.83 -11.57 -44.18
CA ASP F 106 -7.33 -11.65 -45.55
C ASP F 106 -6.03 -10.90 -45.76
N LEU F 107 -5.43 -10.44 -44.67
CA LEU F 107 -4.23 -9.65 -44.75
C LEU F 107 -3.04 -10.54 -45.10
N SER F 108 -2.41 -10.24 -46.25
CA SER F 108 -1.31 -11.05 -46.76
C SER F 108 0.05 -10.70 -46.13
N ASP F 109 0.94 -11.70 -46.17
CA ASP F 109 2.32 -11.53 -45.72
C ASP F 109 2.95 -10.31 -46.40
N ALA F 110 2.76 -10.20 -47.71
CA ALA F 110 3.29 -9.09 -48.50
C ALA F 110 2.85 -7.70 -48.01
N ASP F 111 1.57 -7.55 -47.68
CA ASP F 111 1.10 -6.27 -47.18
C ASP F 111 1.60 -6.00 -45.78
N TRP F 112 1.53 -6.99 -44.90
CA TRP F 112 2.08 -6.86 -43.57
C TRP F 112 3.51 -6.40 -43.63
N ASP F 113 4.31 -7.07 -44.44
CA ASP F 113 5.75 -6.78 -44.50
C ASP F 113 6.02 -5.38 -45.02
N ARG F 114 5.23 -4.94 -46.00
CA ARG F 114 5.43 -3.65 -46.60
C ARG F 114 5.19 -2.54 -45.60
N TYR F 115 4.10 -2.63 -44.85
CA TYR F 115 3.81 -1.63 -43.84
C TYR F 115 4.82 -1.66 -42.69
N VAL F 116 5.11 -2.83 -42.16
CA VAL F 116 6.09 -2.90 -41.06
C VAL F 116 7.48 -2.42 -41.53
N ASP F 117 7.95 -2.92 -42.67
CA ASP F 117 9.31 -2.61 -43.13
C ASP F 117 9.46 -1.12 -43.42
N VAL F 118 8.50 -0.54 -44.15
CA VAL F 118 8.61 0.88 -44.51
C VAL F 118 8.29 1.75 -43.30
N ASN F 119 7.11 1.56 -42.71
CA ASN F 119 6.64 2.51 -41.69
C ASN F 119 7.32 2.36 -40.34
N MET F 120 7.54 1.14 -39.87
CA MET F 120 8.13 0.96 -38.53
C MET F 120 9.67 0.87 -38.61
N THR F 121 10.18 -0.11 -39.34
CA THR F 121 11.62 -0.30 -39.52
C THR F 121 12.28 0.89 -40.22
N GLY F 122 11.62 1.43 -41.23
CA GLY F 122 12.12 2.64 -41.87
C GLY F 122 12.28 3.80 -40.89
N THR F 123 11.31 3.96 -39.98
CA THR F 123 11.38 5.00 -38.98
C THR F 123 12.55 4.75 -38.02
N PHE F 124 12.69 3.50 -37.58
CA PHE F 124 13.79 3.10 -36.66
C PHE F 124 15.16 3.40 -37.29
N LEU F 125 15.32 3.01 -38.54
CA LEU F 125 16.61 3.15 -39.20
C LEU F 125 16.96 4.63 -39.44
N THR F 126 15.96 5.41 -39.86
CA THR F 126 16.15 6.83 -40.08
C THR F 126 16.53 7.49 -38.74
N CYS F 127 15.82 7.15 -37.70
CA CYS F 127 16.03 7.77 -36.37
C CYS F 127 17.34 7.34 -35.71
N ARG F 128 17.76 6.11 -35.89
CA ARG F 128 19.03 5.67 -35.32
C ARG F 128 20.19 6.36 -36.00
N ALA F 129 20.11 6.55 -37.31
CA ALA F 129 21.17 7.27 -38.02
C ALA F 129 21.16 8.76 -37.60
N GLY F 130 19.97 9.35 -37.56
CA GLY F 130 19.80 10.73 -37.17
C GLY F 130 20.33 10.99 -35.77
N ALA F 131 19.96 10.12 -34.84
CA ALA F 131 20.42 10.21 -33.45
C ALA F 131 21.96 10.14 -33.36
N ARG F 132 22.55 9.22 -34.14
CA ARG F 132 24.02 9.07 -34.13
C ARG F 132 24.68 10.31 -34.69
N ALA F 133 24.10 10.91 -35.72
CA ALA F 133 24.66 12.16 -36.29
C ALA F 133 24.54 13.35 -35.32
N MET F 134 23.43 13.41 -34.59
CA MET F 134 23.18 14.46 -33.62
C MET F 134 24.27 14.43 -32.55
N VAL F 135 24.51 13.23 -32.03
CA VAL F 135 25.52 13.04 -31.01
C VAL F 135 26.89 13.37 -31.52
N ALA F 136 27.20 12.93 -32.76
CA ALA F 136 28.47 13.26 -33.41
C ALA F 136 28.64 14.77 -33.65
N ALA F 137 27.53 15.48 -33.86
CA ALA F 137 27.53 16.93 -34.09
C ALA F 137 27.55 17.76 -32.81
N GLY F 138 27.50 17.10 -31.65
CA GLY F 138 27.65 17.78 -30.35
C GLY F 138 26.45 17.75 -29.41
N ALA F 139 25.39 17.04 -29.80
CA ALA F 139 24.19 16.92 -28.95
C ALA F 139 24.55 16.29 -27.61
N GLY F 140 24.10 16.93 -26.52
CA GLY F 140 24.38 16.45 -25.16
C GLY F 140 25.68 16.98 -24.57
N LYS F 141 26.38 17.85 -25.29
CA LYS F 141 27.62 18.48 -24.80
C LYS F 141 27.49 20.00 -24.93
N ASP F 142 28.06 20.73 -23.96
CA ASP F 142 28.07 22.20 -23.98
C ASP F 142 26.66 22.82 -24.08
N GLY F 143 25.70 22.20 -23.42
CA GLY F 143 24.32 22.68 -23.43
C GLY F 143 23.58 22.47 -24.75
N ARG F 144 24.19 21.73 -25.67
CA ARG F 144 23.64 21.50 -27.01
C ARG F 144 22.59 20.38 -26.94
N SER F 145 21.42 20.61 -27.54
CA SER F 145 20.35 19.59 -27.62
C SER F 145 19.82 19.48 -29.04
N ALA F 146 19.06 18.40 -29.28
CA ALA F 146 18.58 18.04 -30.60
C ALA F 146 17.15 17.49 -30.46
N ARG F 147 16.51 17.22 -31.59
CA ARG F 147 15.09 16.96 -31.61
C ARG F 147 14.75 15.89 -32.62
N ILE F 148 14.09 14.83 -32.18
CA ILE F 148 13.52 13.81 -33.07
C ILE F 148 12.01 13.80 -32.89
N ILE F 149 11.31 13.97 -34.01
CA ILE F 149 9.88 14.07 -34.04
C ILE F 149 9.38 13.02 -34.99
N THR F 150 8.58 12.07 -34.48
CA THR F 150 8.00 11.03 -35.32
C THR F 150 6.62 11.44 -35.73
N ILE F 151 6.20 11.11 -36.95
CA ILE F 151 4.80 11.32 -37.32
C ILE F 151 4.07 10.01 -37.14
N GLY F 152 3.20 9.96 -36.15
CA GLY F 152 2.41 8.78 -35.89
C GLY F 152 1.02 8.98 -36.46
N SER F 153 0.01 8.63 -35.65
CA SER F 153 -1.41 8.75 -36.03
C SER F 153 -2.24 8.49 -34.79
N VAL F 154 -3.52 8.90 -34.84
CA VAL F 154 -4.51 8.45 -33.85
C VAL F 154 -4.52 6.92 -33.81
N ASN F 155 -4.20 6.32 -34.97
CA ASN F 155 -4.00 4.88 -35.11
C ASN F 155 -2.84 4.28 -34.30
N SER F 156 -2.03 5.13 -33.68
CA SER F 156 -1.05 4.67 -32.70
C SER F 156 -1.70 4.17 -31.39
N PHE F 157 -2.97 4.51 -31.17
CA PHE F 157 -3.65 4.24 -29.91
C PHE F 157 -5.01 3.58 -30.06
N MET F 158 -5.73 3.95 -31.10
CA MET F 158 -7.00 3.37 -31.40
C MET F 158 -7.01 2.96 -32.90
N ALA F 159 -7.71 1.86 -33.21
CA ALA F 159 -7.69 1.26 -34.53
C ALA F 159 -8.89 1.63 -35.42
N GLU F 160 -8.58 2.16 -36.59
CA GLU F 160 -9.45 2.17 -37.75
C GLU F 160 -9.69 0.76 -38.25
N PRO F 161 -10.82 0.51 -38.92
CA PRO F 161 -11.07 -0.83 -39.51
C PRO F 161 -10.17 -1.09 -40.73
N GLU F 162 -9.88 -2.36 -40.97
CA GLU F 162 -9.35 -2.84 -42.25
C GLU F 162 -7.97 -2.27 -42.62
N ALA F 163 -7.15 -2.05 -41.60
CA ALA F 163 -5.82 -1.52 -41.82
C ALA F 163 -4.82 -2.05 -40.81
N ALA F 164 -4.90 -3.34 -40.48
CA ALA F 164 -4.18 -3.88 -39.32
C ALA F 164 -2.67 -3.63 -39.35
N ALA F 165 -2.07 -3.71 -40.53
CA ALA F 165 -0.62 -3.58 -40.69
C ALA F 165 -0.21 -2.11 -40.47
N TYR F 166 -0.96 -1.20 -41.06
CA TYR F 166 -0.72 0.23 -40.87
C TYR F 166 -0.85 0.59 -39.37
N VAL F 167 -1.90 0.07 -38.72
CA VAL F 167 -2.21 0.38 -37.33
C VAL F 167 -1.11 -0.22 -36.43
N ALA F 168 -0.82 -1.50 -36.63
CA ALA F 168 0.21 -2.16 -35.87
C ALA F 168 1.50 -1.37 -35.92
N ALA F 169 1.90 -0.97 -37.12
CA ALA F 169 3.15 -0.24 -37.30
C ALA F 169 3.10 1.16 -36.65
N LYS F 170 1.91 1.76 -36.60
CA LYS F 170 1.76 3.01 -35.86
C LYS F 170 1.93 2.83 -34.36
N GLY F 171 1.52 1.69 -33.83
CA GLY F 171 1.73 1.40 -32.43
C GLY F 171 3.22 1.18 -32.19
N GLY F 172 3.85 0.44 -33.08
CA GLY F 172 5.26 0.28 -33.09
C GLY F 172 6.01 1.59 -33.02
N VAL F 173 5.63 2.54 -33.86
CA VAL F 173 6.26 3.86 -33.82
C VAL F 173 6.00 4.64 -32.53
N ALA F 174 4.79 4.53 -31.96
CA ALA F 174 4.46 5.15 -30.67
C ALA F 174 5.41 4.72 -29.56
N MET F 175 5.65 3.41 -29.43
CA MET F 175 6.56 2.91 -28.41
C MET F 175 8.04 3.05 -28.78
N LEU F 176 8.37 3.00 -30.06
CA LEU F 176 9.75 3.36 -30.48
C LEU F 176 10.08 4.77 -30.00
N THR F 177 9.09 5.65 -30.12
CA THR F 177 9.26 7.05 -29.75
C THR F 177 9.59 7.19 -28.27
N ARG F 178 8.84 6.49 -27.43
CA ARG F 178 9.15 6.51 -25.99
C ARG F 178 10.47 5.85 -25.63
N ALA F 179 10.79 4.72 -26.27
CA ALA F 179 12.09 4.05 -26.04
C ALA F 179 13.23 5.02 -26.38
N MET F 180 13.09 5.71 -27.51
CA MET F 180 14.12 6.66 -27.97
C MET F 180 14.22 7.84 -26.99
N ALA F 181 13.09 8.36 -26.52
CA ALA F 181 13.09 9.43 -25.51
C ALA F 181 13.89 8.99 -24.27
N VAL F 182 13.63 7.77 -23.81
CA VAL F 182 14.27 7.27 -22.60
C VAL F 182 15.79 7.12 -22.81
N ASP F 183 16.20 6.45 -23.87
CA ASP F 183 17.60 6.17 -24.10
C ASP F 183 18.43 7.39 -24.54
N LEU F 184 17.78 8.36 -25.17
CA LEU F 184 18.49 9.48 -25.71
C LEU F 184 18.44 10.76 -24.84
N ALA F 185 17.69 10.74 -23.72
CA ALA F 185 17.66 11.88 -22.79
C ALA F 185 19.06 12.27 -22.37
N ARG F 186 19.89 11.30 -22.02
CA ARG F 186 21.26 11.57 -21.53
C ARG F 186 22.13 12.17 -22.62
N HIS F 187 21.72 12.04 -23.88
CA HIS F 187 22.46 12.60 -25.00
C HIS F 187 21.87 13.87 -25.50
N GLY F 188 20.96 14.45 -24.72
CA GLY F 188 20.36 15.76 -25.02
C GLY F 188 19.43 15.75 -26.23
N ILE F 189 18.88 14.60 -26.60
CA ILE F 189 17.94 14.55 -27.73
C ILE F 189 16.53 14.34 -27.20
N LEU F 190 15.64 15.26 -27.50
CA LEU F 190 14.27 15.14 -27.05
C LEU F 190 13.43 14.56 -28.20
N VAL F 191 12.63 13.55 -27.86
CA VAL F 191 11.93 12.72 -28.84
C VAL F 191 10.45 12.72 -28.51
N ASN F 192 9.63 13.12 -29.47
CA ASN F 192 8.21 13.19 -29.31
C ASN F 192 7.50 12.76 -30.62
N MET F 193 6.21 12.45 -30.51
CA MET F 193 5.38 12.04 -31.64
C MET F 193 4.27 13.03 -31.89
N ILE F 194 3.88 13.16 -33.14
CA ILE F 194 2.70 13.93 -33.50
C ILE F 194 1.69 12.91 -33.96
N ALA F 195 0.49 12.92 -33.35
CA ALA F 195 -0.57 12.00 -33.75
C ALA F 195 -1.71 12.73 -34.49
N PRO F 196 -1.65 12.78 -35.84
CA PRO F 196 -2.73 13.43 -36.58
C PRO F 196 -3.96 12.57 -36.71
N GLY F 197 -5.13 13.20 -36.66
CA GLY F 197 -6.38 12.56 -37.02
C GLY F 197 -6.49 12.59 -38.53
N PRO F 198 -7.74 12.66 -39.06
CA PRO F 198 -7.88 12.75 -40.51
C PRO F 198 -7.39 14.11 -41.03
N VAL F 199 -6.50 14.07 -42.02
CA VAL F 199 -5.90 15.26 -42.60
C VAL F 199 -6.06 15.20 -44.10
N ASP F 200 -6.71 16.21 -44.66
CA ASP F 200 -6.88 16.27 -46.11
C ASP F 200 -5.62 16.79 -46.78
N VAL F 201 -4.99 15.95 -47.61
CA VAL F 201 -3.73 16.27 -48.28
C VAL F 201 -3.89 16.49 -49.79
N THR F 202 -5.12 16.57 -50.27
CA THR F 202 -5.39 16.72 -51.71
C THR F 202 -5.09 18.14 -52.20
N GLY F 203 -5.19 19.13 -51.32
CA GLY F 203 -5.12 20.53 -51.71
C GLY F 203 -6.46 21.05 -52.23
N ASN F 204 -7.44 20.17 -52.29
CA ASN F 204 -8.67 20.35 -53.07
C ASN F 204 -9.96 20.23 -52.22
N ASN F 205 -9.81 19.93 -50.94
CA ASN F 205 -10.89 19.46 -50.08
C ASN F 205 -11.67 18.27 -50.67
N THR F 206 -10.96 17.29 -51.24
CA THR F 206 -11.58 16.11 -51.85
C THR F 206 -11.18 14.80 -51.18
N GLY F 207 -10.37 14.87 -50.10
CA GLY F 207 -9.83 13.67 -49.48
C GLY F 207 -10.86 12.81 -48.73
N TYR F 208 -11.93 13.47 -48.28
CA TYR F 208 -12.93 12.84 -47.43
C TYR F 208 -14.34 13.09 -47.96
N SER F 209 -14.45 13.20 -49.27
CA SER F 209 -15.70 13.63 -49.92
C SER F 209 -16.70 12.48 -50.15
N GLU F 210 -16.20 11.24 -50.16
CA GLU F 210 -17.06 10.08 -50.27
C GLU F 210 -18.16 10.16 -49.17
N PRO F 211 -19.44 10.04 -49.56
CA PRO F 211 -20.53 10.40 -48.65
C PRO F 211 -20.52 9.76 -47.27
N ARG F 212 -20.33 8.44 -47.23
CA ARG F 212 -20.30 7.75 -45.96
C ARG F 212 -19.10 8.22 -45.06
N LEU F 213 -17.93 8.38 -45.68
CA LEU F 213 -16.77 8.87 -44.97
C LEU F 213 -17.05 10.31 -44.49
N ALA F 214 -17.65 11.14 -45.36
CA ALA F 214 -17.97 12.55 -45.03
C ALA F 214 -18.89 12.66 -43.81
N GLU F 215 -19.91 11.80 -43.76
CA GLU F 215 -20.85 11.75 -42.65
C GLU F 215 -20.12 11.30 -41.37
N GLN F 216 -19.19 10.35 -41.48
CA GLN F 216 -18.42 9.88 -40.34
C GLN F 216 -17.46 10.98 -39.79
N VAL F 217 -16.86 11.74 -40.68
CA VAL F 217 -16.02 12.86 -40.27
C VAL F 217 -16.84 13.88 -39.50
N LEU F 218 -18.06 14.17 -39.95
CA LEU F 218 -18.95 15.06 -39.22
C LEU F 218 -19.34 14.50 -37.82
N ASP F 219 -19.53 13.20 -37.72
CA ASP F 219 -19.95 12.60 -36.45
C ASP F 219 -18.81 12.37 -35.48
N GLU F 220 -17.67 11.92 -35.97
CA GLU F 220 -16.60 11.45 -35.10
C GLU F 220 -15.50 12.53 -34.78
N VAL F 221 -15.39 13.55 -35.60
CA VAL F 221 -14.46 14.64 -35.33
C VAL F 221 -15.26 15.78 -34.73
N ALA F 222 -14.90 16.22 -33.53
CA ALA F 222 -15.65 17.27 -32.81
C ALA F 222 -15.72 18.56 -33.66
N LEU F 223 -14.63 18.90 -34.33
CA LEU F 223 -14.61 20.06 -35.22
C LEU F 223 -15.32 19.82 -36.54
N GLY F 224 -15.65 18.54 -36.84
CA GLY F 224 -16.56 18.23 -37.96
C GLY F 224 -15.96 18.46 -39.32
N ARG F 225 -14.65 18.28 -39.44
CA ARG F 225 -13.96 18.39 -40.70
C ARG F 225 -12.62 17.69 -40.61
N PRO F 226 -12.01 17.35 -41.78
CA PRO F 226 -10.62 16.90 -41.76
C PRO F 226 -9.66 18.05 -41.47
N GLY F 227 -8.47 17.74 -40.96
CA GLY F 227 -7.44 18.78 -40.75
C GLY F 227 -6.77 19.19 -42.06
N LEU F 228 -5.93 20.23 -42.00
CA LEU F 228 -5.09 20.65 -43.12
C LEU F 228 -3.63 20.43 -42.72
N PRO F 229 -2.74 20.17 -43.69
CA PRO F 229 -1.33 19.91 -43.40
C PRO F 229 -0.64 20.93 -42.50
N GLU F 230 -0.98 22.20 -42.64
CA GLU F 230 -0.36 23.29 -41.87
C GLU F 230 -0.72 23.15 -40.41
N GLU F 231 -1.91 22.60 -40.14
CA GLU F 231 -2.37 22.36 -38.77
C GLU F 231 -1.58 21.24 -38.10
N VAL F 232 -0.82 20.48 -38.85
CA VAL F 232 0.04 19.47 -38.25
C VAL F 232 1.45 20.00 -38.17
N ALA F 233 1.88 20.73 -39.22
CA ALA F 233 3.22 21.32 -39.33
C ALA F 233 3.53 22.22 -38.15
N THR F 234 2.54 22.98 -37.69
CA THR F 234 2.79 23.95 -36.61
C THR F 234 3.35 23.25 -35.38
N ALA F 235 2.88 22.03 -35.10
CA ALA F 235 3.37 21.25 -33.98
C ALA F 235 4.79 20.78 -34.18
N ALA F 236 5.21 20.58 -35.42
CA ALA F 236 6.62 20.20 -35.71
C ALA F 236 7.60 21.33 -35.42
N VAL F 237 7.18 22.57 -35.66
CA VAL F 237 7.93 23.75 -35.28
C VAL F 237 7.99 23.85 -33.75
N PHE F 238 6.84 23.73 -33.11
CA PHE F 238 6.74 23.81 -31.64
C PHE F 238 7.67 22.80 -30.95
N LEU F 239 7.59 21.54 -31.35
CA LEU F 239 8.45 20.53 -30.75
C LEU F 239 9.95 20.78 -31.04
N ALA F 240 10.26 21.25 -32.25
CA ALA F 240 11.65 21.47 -32.65
C ALA F 240 12.34 22.66 -31.98
N GLU F 241 11.62 23.68 -31.53
CA GLU F 241 12.30 24.89 -31.03
C GLU F 241 12.93 24.70 -29.65
N ASP F 242 13.88 25.57 -29.32
CA ASP F 242 14.61 25.49 -28.04
C ASP F 242 13.69 25.55 -26.81
N GLY F 243 12.58 26.27 -26.90
CA GLY F 243 11.67 26.42 -25.77
C GLY F 243 10.98 25.14 -25.33
N SER F 244 10.98 24.11 -26.18
CA SER F 244 10.32 22.84 -25.83
C SER F 244 11.29 21.91 -25.11
N SER F 245 12.11 22.48 -24.25
CA SER F 245 13.27 21.81 -23.71
C SER F 245 12.92 20.86 -22.58
N PHE F 246 11.66 20.84 -22.10
CA PHE F 246 11.22 19.83 -21.11
C PHE F 246 10.20 18.83 -21.64
N ILE F 247 10.04 18.76 -22.96
CA ILE F 247 9.04 17.92 -23.58
C ILE F 247 9.74 16.78 -24.30
N THR F 248 9.56 15.57 -23.79
CA THR F 248 10.12 14.38 -24.35
C THR F 248 9.28 13.17 -23.95
N GLY F 249 9.21 12.22 -24.87
CA GLY F 249 8.42 11.00 -24.70
C GLY F 249 6.92 11.22 -24.82
N SER F 250 6.52 12.40 -25.32
CA SER F 250 5.11 12.77 -25.39
C SER F 250 4.60 12.69 -26.81
N THR F 251 3.28 12.78 -26.92
CA THR F 251 2.56 12.86 -28.18
C THR F 251 1.68 14.09 -28.13
N ILE F 252 1.76 14.92 -29.15
CA ILE F 252 0.79 15.98 -29.37
C ILE F 252 -0.19 15.42 -30.40
N THR F 253 -1.47 15.38 -30.00
CA THR F 253 -2.54 14.84 -30.82
C THR F 253 -3.31 15.96 -31.50
N ILE F 254 -3.46 15.84 -32.82
CA ILE F 254 -3.98 16.85 -33.69
C ILE F 254 -5.07 16.26 -34.55
N ASP F 255 -6.26 16.18 -33.97
CA ASP F 255 -7.33 15.38 -34.56
C ASP F 255 -8.76 15.96 -34.45
N GLY F 256 -8.90 17.24 -34.16
CA GLY F 256 -10.21 17.86 -34.14
C GLY F 256 -11.10 17.26 -33.05
N GLY F 257 -10.48 16.58 -32.07
CA GLY F 257 -11.24 15.98 -30.97
C GLY F 257 -11.66 14.55 -31.18
N LEU F 258 -11.23 13.91 -32.28
CA LEU F 258 -11.68 12.56 -32.59
C LEU F 258 -11.42 11.61 -31.42
N SER F 259 -10.18 11.59 -30.93
CA SER F 259 -9.79 10.65 -29.90
C SER F 259 -10.29 11.03 -28.51
N ALA F 260 -10.90 12.20 -28.38
CA ALA F 260 -11.36 12.71 -27.08
C ALA F 260 -12.84 12.45 -26.84
N MET F 261 -13.55 12.01 -27.88
CA MET F 261 -15.01 12.02 -27.91
C MET F 261 -15.58 10.62 -28.16
N ILE F 262 -16.70 10.32 -27.51
CA ILE F 262 -17.50 9.12 -27.85
C ILE F 262 -18.97 9.52 -28.12
N PHE F 263 -19.64 8.76 -28.96
CA PHE F 263 -21.00 9.10 -29.42
C PHE F 263 -21.12 10.53 -29.95
N GLY F 264 -20.13 10.93 -30.72
CA GLY F 264 -20.08 12.22 -31.34
C GLY F 264 -21.33 12.46 -32.18
N GLY F 265 -21.87 11.40 -32.80
CA GLY F 265 -23.04 11.50 -33.65
C GLY F 265 -24.30 11.88 -32.89
N MET F 266 -24.29 11.76 -31.58
CA MET F 266 -25.42 12.13 -30.75
C MET F 266 -25.39 13.60 -30.32
N ARG F 267 -24.32 14.35 -30.61
CA ARG F 267 -24.22 15.71 -30.09
C ARG F 267 -25.21 16.68 -30.78
N GLU F 268 -25.64 17.71 -30.07
CA GLU F 268 -26.54 18.70 -30.68
C GLU F 268 -25.82 19.33 -31.85
N GLY F 269 -26.55 19.46 -32.96
CA GLY F 269 -25.99 19.94 -34.21
C GLY F 269 -25.77 18.79 -35.17
N ARG F 270 -25.54 17.59 -34.64
CA ARG F 270 -25.36 16.39 -35.47
C ARG F 270 -26.55 15.44 -35.41
N ARG F 271 -27.11 15.19 -34.23
CA ARG F 271 -28.21 14.26 -34.07
C ARG F 271 -29.49 14.68 -34.83
N PRO G 10 34.19 -46.28 0.31
CA PRO G 10 34.01 -45.17 1.27
C PRO G 10 33.81 -43.83 0.53
N GLY G 11 33.04 -42.86 1.07
CA GLY G 11 32.99 -41.55 0.43
C GLY G 11 34.37 -40.89 0.49
N ARG G 12 34.71 -40.11 -0.54
CA ARG G 12 36.05 -39.52 -0.64
C ARG G 12 36.30 -38.38 0.38
N LEU G 13 35.23 -37.89 1.01
CA LEU G 13 35.35 -36.89 2.08
C LEU G 13 34.78 -37.40 3.42
N ALA G 14 34.86 -38.72 3.63
CA ALA G 14 34.23 -39.36 4.81
C ALA G 14 34.75 -38.70 6.07
N GLY G 15 33.86 -38.32 6.97
CA GLY G 15 34.27 -37.78 8.27
C GLY G 15 34.70 -36.32 8.24
N LYS G 16 34.70 -35.66 7.07
CA LYS G 16 35.18 -34.27 6.99
C LYS G 16 34.07 -33.29 7.33
N ALA G 17 34.46 -32.21 8.01
CA ALA G 17 33.52 -31.12 8.33
C ALA G 17 33.72 -29.98 7.32
N ALA G 18 32.65 -29.62 6.62
CA ALA G 18 32.70 -28.65 5.53
C ALA G 18 31.68 -27.51 5.71
N ILE G 19 32.09 -26.32 5.35
CA ILE G 19 31.20 -25.18 5.18
C ILE G 19 31.21 -24.81 3.69
N VAL G 20 30.02 -24.64 3.10
CA VAL G 20 29.89 -24.13 1.73
C VAL G 20 29.05 -22.86 1.73
N THR G 21 29.63 -21.73 1.34
CA THR G 21 28.87 -20.50 1.18
C THR G 21 28.34 -20.39 -0.26
N GLY G 22 27.36 -19.52 -0.45
CA GLY G 22 26.67 -19.42 -1.72
C GLY G 22 25.88 -20.69 -2.02
N ALA G 23 25.44 -21.35 -0.95
CA ALA G 23 24.94 -22.74 -1.01
C ALA G 23 23.56 -22.92 -1.58
N ALA G 24 22.81 -21.82 -1.75
CA ALA G 24 21.51 -21.82 -2.44
C ALA G 24 21.66 -21.66 -3.94
N GLY G 25 22.85 -21.23 -4.38
CA GLY G 25 23.09 -21.00 -5.82
C GLY G 25 23.38 -22.29 -6.56
N GLY G 26 23.50 -22.20 -7.89
CA GLY G 26 23.74 -23.40 -8.73
C GLY G 26 25.00 -24.18 -8.33
N ILE G 27 26.15 -23.51 -8.31
CA ILE G 27 27.41 -24.16 -7.95
C ILE G 27 27.45 -24.59 -6.46
N GLY G 28 27.03 -23.70 -5.57
CA GLY G 28 26.99 -24.06 -4.14
C GLY G 28 26.06 -25.24 -3.82
N ARG G 29 24.86 -25.25 -4.41
CA ARG G 29 23.93 -26.37 -4.18
C ARG G 29 24.57 -27.67 -4.65
N ALA G 30 25.12 -27.66 -5.87
CA ALA G 30 25.79 -28.84 -6.41
C ALA G 30 26.95 -29.32 -5.54
N THR G 31 27.66 -28.37 -4.96
CA THR G 31 28.77 -28.70 -4.07
C THR G 31 28.28 -29.30 -2.75
N VAL G 32 27.26 -28.69 -2.15
CA VAL G 32 26.67 -29.22 -0.92
C VAL G 32 26.28 -30.70 -1.15
N GLU G 33 25.61 -30.94 -2.27
CA GLU G 33 25.15 -32.29 -2.61
C GLU G 33 26.28 -33.28 -2.87
N ALA G 34 27.29 -32.85 -3.61
CA ALA G 34 28.44 -33.68 -3.90
C ALA G 34 29.17 -34.01 -2.60
N TYR G 35 29.28 -33.03 -1.72
CA TYR G 35 29.96 -33.22 -0.44
C TYR G 35 29.20 -34.21 0.48
N LEU G 36 27.88 -34.04 0.62
CA LEU G 36 27.08 -34.98 1.40
C LEU G 36 27.19 -36.39 0.81
N ARG G 37 27.10 -36.48 -0.52
CA ARG G 37 27.25 -37.74 -1.21
C ARG G 37 28.61 -38.42 -0.93
N GLU G 38 29.67 -37.63 -0.77
CA GLU G 38 31.00 -38.17 -0.45
C GLU G 38 31.32 -38.30 1.05
N GLY G 39 30.30 -38.13 1.89
CA GLY G 39 30.41 -38.47 3.32
C GLY G 39 30.77 -37.33 4.26
N ALA G 40 30.77 -36.09 3.77
CA ALA G 40 31.11 -34.95 4.59
C ALA G 40 29.90 -34.50 5.39
N SER G 41 30.13 -33.95 6.56
CA SER G 41 29.10 -33.19 7.26
C SER G 41 29.18 -31.78 6.67
N VAL G 42 28.05 -31.19 6.32
CA VAL G 42 28.04 -29.94 5.60
C VAL G 42 27.12 -28.88 6.14
N VAL G 43 27.69 -27.71 6.44
CA VAL G 43 26.92 -26.51 6.74
C VAL G 43 26.75 -25.75 5.42
N ALA G 44 25.50 -25.38 5.14
CA ALA G 44 25.19 -24.62 3.94
C ALA G 44 24.87 -23.20 4.34
N MET G 45 25.60 -22.24 3.78
CA MET G 45 25.40 -20.83 4.10
C MET G 45 24.96 -20.08 2.89
N ASP G 46 24.01 -19.18 3.08
CA ASP G 46 23.56 -18.25 2.05
C ASP G 46 22.63 -17.24 2.75
N LEU G 47 22.04 -16.33 1.99
CA LEU G 47 21.09 -15.40 2.56
C LEU G 47 19.89 -16.19 3.11
N ALA G 48 19.31 -15.69 4.21
CA ALA G 48 18.23 -16.40 4.90
C ALA G 48 17.07 -16.81 4.00
N PRO G 49 16.52 -15.87 3.21
CA PRO G 49 15.41 -16.27 2.35
C PRO G 49 15.81 -17.28 1.29
N ARG G 50 17.05 -17.23 0.82
CA ARG G 50 17.50 -18.14 -0.22
C ARG G 50 17.63 -19.56 0.33
N LEU G 51 18.26 -19.70 1.51
CA LEU G 51 18.28 -20.99 2.22
C LEU G 51 16.86 -21.55 2.49
N ALA G 52 15.96 -20.67 2.90
CA ALA G 52 14.60 -21.08 3.26
C ALA G 52 13.88 -21.70 2.06
N ALA G 53 14.21 -21.26 0.85
CA ALA G 53 13.60 -21.78 -0.38
C ALA G 53 14.38 -22.93 -1.04
N THR G 54 15.46 -23.40 -0.43
CA THR G 54 16.26 -24.44 -1.08
C THR G 54 16.11 -25.76 -0.34
N ARG G 55 15.89 -26.82 -1.12
CA ARG G 55 15.86 -28.20 -0.60
C ARG G 55 16.90 -28.98 -1.39
N TYR G 56 17.72 -29.73 -0.69
CA TYR G 56 18.83 -30.38 -1.35
C TYR G 56 18.40 -31.77 -1.80
N GLU G 57 18.95 -32.24 -2.91
CA GLU G 57 18.64 -33.60 -3.38
C GLU G 57 19.29 -34.67 -2.49
N GLU G 58 20.16 -34.27 -1.55
CA GLU G 58 20.72 -35.18 -0.53
C GLU G 58 20.39 -34.57 0.83
N PRO G 59 20.07 -35.42 1.82
CA PRO G 59 19.73 -34.94 3.16
C PRO G 59 20.93 -34.80 4.09
N GLY G 60 20.77 -33.94 5.10
CA GLY G 60 21.78 -33.76 6.14
C GLY G 60 22.47 -32.40 6.16
N ALA G 61 22.18 -31.54 5.20
CA ALA G 61 22.76 -30.21 5.20
C ALA G 61 22.27 -29.40 6.40
N ILE G 62 23.18 -28.67 7.04
CA ILE G 62 22.84 -27.82 8.17
C ILE G 62 22.78 -26.38 7.67
N PRO G 63 21.57 -25.86 7.43
CA PRO G 63 21.47 -24.48 6.93
C PRO G 63 21.72 -23.41 7.99
N ILE G 64 22.67 -22.53 7.72
CA ILE G 64 22.96 -21.40 8.58
C ILE G 64 23.05 -20.13 7.74
N ALA G 65 22.14 -19.20 8.02
CA ALA G 65 22.02 -17.94 7.29
C ALA G 65 23.23 -17.08 7.56
N CYS G 66 23.76 -16.43 6.53
CA CYS G 66 24.91 -15.53 6.69
C CYS G 66 24.97 -14.54 5.57
N ASP G 67 24.60 -13.30 5.85
CA ASP G 67 24.72 -12.22 4.89
C ASP G 67 26.18 -11.74 4.80
N LEU G 68 26.80 -11.89 3.64
CA LEU G 68 28.20 -11.49 3.44
C LEU G 68 28.45 -9.99 3.61
N ALA G 69 27.43 -9.16 3.46
CA ALA G 69 27.55 -7.69 3.70
C ALA G 69 27.60 -7.35 5.21
N ASP G 70 27.24 -8.28 6.07
CA ASP G 70 27.23 -8.02 7.52
C ASP G 70 28.42 -8.69 8.17
N ARG G 71 29.43 -7.88 8.55
CA ARG G 71 30.70 -8.41 9.02
C ARG G 71 30.59 -9.17 10.33
N ALA G 72 29.80 -8.63 11.26
CA ALA G 72 29.54 -9.32 12.53
C ALA G 72 28.87 -10.67 12.25
N ALA G 73 27.95 -10.70 11.29
CA ALA G 73 27.23 -11.95 10.99
C ALA G 73 28.18 -13.03 10.42
N ILE G 74 29.18 -12.60 9.66
CA ILE G 74 30.14 -13.53 9.11
C ILE G 74 30.84 -14.28 10.25
N ASP G 75 31.30 -13.55 11.24
CA ASP G 75 31.98 -14.16 12.39
C ASP G 75 31.05 -15.05 13.22
N ALA G 76 29.86 -14.55 13.53
CA ALA G 76 28.90 -15.27 14.36
C ALA G 76 28.47 -16.58 13.67
N ALA G 77 28.15 -16.49 12.37
CA ALA G 77 27.70 -17.68 11.62
C ALA G 77 28.84 -18.71 11.49
N MET G 78 30.06 -18.23 11.30
CA MET G 78 31.22 -19.12 11.26
C MET G 78 31.45 -19.81 12.61
N ALA G 79 31.34 -19.10 13.72
CA ALA G 79 31.55 -19.74 15.03
C ALA G 79 30.42 -20.76 15.31
N ASP G 80 29.21 -20.44 14.90
CA ASP G 80 28.04 -21.33 15.08
C ASP G 80 28.25 -22.61 14.26
N ALA G 81 28.58 -22.44 12.97
CA ALA G 81 28.92 -23.54 12.09
C ALA G 81 30.00 -24.46 12.67
N VAL G 82 31.09 -23.88 13.11
CA VAL G 82 32.20 -24.66 13.63
C VAL G 82 31.84 -25.41 14.92
N ALA G 83 31.10 -24.76 15.82
CA ALA G 83 30.59 -25.42 17.02
C ALA G 83 29.69 -26.60 16.65
N ARG G 84 28.79 -26.44 15.68
CA ARG G 84 27.91 -27.54 15.30
C ARG G 84 28.65 -28.68 14.59
N LEU G 85 29.68 -28.37 13.79
CA LEU G 85 30.43 -29.40 13.10
C LEU G 85 31.45 -30.07 14.02
N GLY G 86 31.79 -29.40 15.12
CA GLY G 86 32.82 -29.91 16.03
C GLY G 86 34.21 -29.70 15.48
N GLY G 87 34.37 -28.72 14.60
CA GLY G 87 35.65 -28.46 13.93
C GLY G 87 35.46 -27.89 12.52
N LEU G 88 36.50 -27.92 11.71
CA LEU G 88 36.43 -27.49 10.34
C LEU G 88 37.60 -28.03 9.51
N ASP G 89 37.29 -28.78 8.49
CA ASP G 89 38.30 -29.27 7.55
C ASP G 89 38.27 -28.56 6.18
N ILE G 90 37.09 -28.19 5.71
CA ILE G 90 36.92 -27.66 4.36
C ILE G 90 36.04 -26.43 4.35
N LEU G 91 36.48 -25.40 3.65
CA LEU G 91 35.68 -24.21 3.42
C LEU G 91 35.61 -23.97 1.91
N VAL G 92 34.40 -23.90 1.38
CA VAL G 92 34.21 -23.47 -0.01
C VAL G 92 33.57 -22.09 0.00
N ALA G 93 34.32 -21.06 -0.35
CA ALA G 93 33.81 -19.69 -0.36
C ALA G 93 33.25 -19.36 -1.74
N GLY G 94 31.94 -19.61 -1.91
CA GLY G 94 31.25 -19.46 -3.20
C GLY G 94 30.19 -18.37 -3.27
N GLY G 95 29.84 -17.78 -2.13
CA GLY G 95 28.89 -16.67 -2.10
C GLY G 95 29.36 -15.44 -2.85
N ALA G 96 28.51 -14.91 -3.72
CA ALA G 96 28.91 -13.80 -4.60
C ALA G 96 27.71 -13.18 -5.29
N LEU G 97 27.74 -11.88 -5.48
CA LEU G 97 26.84 -11.18 -6.42
C LEU G 97 27.36 -11.44 -7.84
N LYS G 98 26.46 -11.75 -8.76
CA LYS G 98 26.86 -12.02 -10.15
C LYS G 98 26.50 -10.83 -11.05
N GLY G 99 27.01 -10.88 -12.28
CA GLY G 99 26.49 -10.07 -13.38
C GLY G 99 27.02 -8.65 -13.49
N GLY G 100 26.44 -7.92 -14.43
CA GLY G 100 27.01 -6.67 -14.91
C GLY G 100 26.21 -5.44 -14.56
N THR G 101 26.78 -4.29 -14.88
CA THR G 101 26.21 -2.99 -14.52
C THR G 101 26.03 -2.11 -15.73
N GLY G 102 26.85 -2.30 -16.76
CA GLY G 102 26.99 -1.33 -17.85
C GLY G 102 28.43 -0.89 -17.97
N ASN G 103 28.65 0.15 -18.77
CA ASN G 103 30.01 0.56 -19.11
C ASN G 103 30.74 1.11 -17.89
N PHE G 104 32.05 0.88 -17.83
CA PHE G 104 32.91 1.41 -16.78
C PHE G 104 32.68 2.92 -16.52
N LEU G 105 32.50 3.70 -17.59
CA LEU G 105 32.30 5.14 -17.47
C LEU G 105 31.09 5.50 -16.59
N ASP G 106 30.09 4.65 -16.57
CA ASP G 106 28.87 4.92 -15.87
C ASP G 106 28.79 4.17 -14.58
N LEU G 107 29.86 3.52 -14.16
CA LEU G 107 29.82 2.64 -12.98
C LEU G 107 29.77 3.52 -11.71
N SER G 108 28.71 3.34 -10.93
CA SER G 108 28.52 4.14 -9.75
C SER G 108 29.31 3.60 -8.55
N ASP G 109 29.57 4.50 -7.59
CA ASP G 109 30.16 4.13 -6.29
C ASP G 109 29.40 3.00 -5.62
N ALA G 110 28.08 3.15 -5.59
CA ALA G 110 27.21 2.14 -4.98
C ALA G 110 27.43 0.71 -5.53
N ASP G 111 27.51 0.57 -6.86
CA ASP G 111 27.69 -0.72 -7.48
C ASP G 111 29.09 -1.22 -7.24
N TRP G 112 30.09 -0.39 -7.46
CA TRP G 112 31.46 -0.74 -7.12
C TRP G 112 31.56 -1.31 -5.72
N ASP G 113 31.03 -0.56 -4.75
CA ASP G 113 31.11 -0.97 -3.34
C ASP G 113 30.41 -2.30 -3.04
N ARG G 114 29.25 -2.52 -3.64
CA ARG G 114 28.51 -3.75 -3.42
C ARG G 114 29.31 -4.97 -3.88
N TYR G 115 29.87 -4.91 -5.09
CA TYR G 115 30.64 -6.03 -5.60
C TYR G 115 31.94 -6.26 -4.82
N VAL G 116 32.69 -5.19 -4.53
CA VAL G 116 33.90 -5.34 -3.73
C VAL G 116 33.62 -5.77 -2.27
N ASP G 117 32.60 -5.18 -1.64
CA ASP G 117 32.30 -5.53 -0.24
C ASP G 117 31.76 -6.96 -0.09
N VAL G 118 30.82 -7.34 -0.93
CA VAL G 118 30.27 -8.70 -0.86
C VAL G 118 31.24 -9.76 -1.42
N ASN G 119 31.73 -9.56 -2.65
CA ASN G 119 32.46 -10.63 -3.33
C ASN G 119 33.91 -10.73 -2.89
N MET G 120 34.59 -9.59 -2.70
CA MET G 120 36.00 -9.63 -2.31
C MET G 120 36.18 -9.65 -0.79
N THR G 121 35.68 -8.63 -0.11
CA THR G 121 35.79 -8.53 1.34
C THR G 121 35.03 -9.66 2.05
N GLY G 122 33.87 -10.01 1.52
CA GLY G 122 33.08 -11.12 2.07
C GLY G 122 33.83 -12.42 2.03
N THR G 123 34.57 -12.65 0.94
CA THR G 123 35.43 -13.83 0.79
C THR G 123 36.62 -13.81 1.76
N PHE G 124 37.27 -12.65 1.88
CA PHE G 124 38.35 -12.48 2.84
C PHE G 124 37.91 -12.77 4.28
N LEU G 125 36.78 -12.20 4.69
CA LEU G 125 36.32 -12.36 6.07
C LEU G 125 35.87 -13.80 6.37
N THR G 126 35.18 -14.42 5.42
CA THR G 126 34.79 -15.81 5.57
C THR G 126 36.05 -16.71 5.70
N CYS G 127 37.03 -16.47 4.83
CA CYS G 127 38.22 -17.30 4.78
C CYS G 127 39.13 -17.07 5.98
N ARG G 128 39.21 -15.84 6.48
CA ARG G 128 40.03 -15.58 7.65
C ARG G 128 39.43 -16.28 8.85
N ALA G 129 38.12 -16.21 9.00
CA ALA G 129 37.47 -16.89 10.12
C ALA G 129 37.66 -18.39 9.96
N GLY G 130 37.41 -18.91 8.76
CA GLY G 130 37.54 -20.38 8.51
C GLY G 130 38.97 -20.86 8.80
N ALA G 131 39.95 -20.10 8.31
CA ALA G 131 41.36 -20.47 8.50
C ALA G 131 41.72 -20.51 10.00
N ARG G 132 41.24 -19.51 10.77
CA ARG G 132 41.47 -19.48 12.21
C ARG G 132 40.81 -20.66 12.93
N ALA G 133 39.61 -21.04 12.49
CA ALA G 133 38.93 -22.23 13.07
C ALA G 133 39.69 -23.53 12.73
N MET G 134 40.19 -23.63 11.49
CA MET G 134 40.90 -24.81 11.07
C MET G 134 42.15 -25.01 11.98
N VAL G 135 42.87 -23.90 12.18
CA VAL G 135 44.05 -23.93 13.02
C VAL G 135 43.66 -24.31 14.44
N ALA G 136 42.64 -23.64 14.99
CA ALA G 136 42.14 -23.97 16.33
C ALA G 136 41.70 -25.44 16.46
N ALA G 137 41.19 -26.05 15.38
CA ALA G 137 40.74 -27.46 15.38
C ALA G 137 41.88 -28.47 15.08
N GLY G 138 43.09 -27.98 14.90
CA GLY G 138 44.25 -28.85 14.81
C GLY G 138 44.96 -28.90 13.47
N ALA G 139 44.54 -28.07 12.51
CA ALA G 139 45.21 -28.04 11.21
C ALA G 139 46.68 -27.65 11.41
N GLY G 140 47.58 -28.42 10.79
CA GLY G 140 49.02 -28.13 10.85
C GLY G 140 49.73 -28.82 12.00
N LYS G 141 49.01 -29.68 12.72
CA LYS G 141 49.56 -30.46 13.85
C LYS G 141 49.16 -31.92 13.67
N ASP G 142 50.07 -32.83 14.01
CA ASP G 142 49.80 -34.27 13.97
C ASP G 142 49.38 -34.77 12.58
N GLY G 143 50.00 -34.19 11.55
CA GLY G 143 49.70 -34.55 10.17
C GLY G 143 48.34 -34.08 9.65
N ARG G 144 47.64 -33.26 10.44
CA ARG G 144 46.29 -32.79 10.12
C ARG G 144 46.36 -31.62 9.13
N SER G 145 45.56 -31.70 8.06
CA SER G 145 45.48 -30.60 7.09
C SER G 145 44.03 -30.21 6.85
N ALA G 146 43.86 -29.08 6.14
CA ALA G 146 42.56 -28.49 5.89
C ALA G 146 42.56 -27.84 4.49
N ARG G 147 41.42 -27.31 4.07
CA ARG G 147 41.24 -26.96 2.68
C ARG G 147 40.38 -25.73 2.55
N ILE G 148 40.88 -24.71 1.87
CA ILE G 148 40.08 -23.56 1.51
C ILE G 148 40.02 -23.48 -0.01
N ILE G 149 38.79 -23.42 -0.54
CA ILE G 149 38.53 -23.41 -1.95
C ILE G 149 37.68 -22.18 -2.25
N THR G 150 38.19 -21.26 -3.06
CA THR G 150 37.45 -20.08 -3.42
C THR G 150 36.80 -20.37 -4.77
N ILE G 151 35.63 -19.79 -4.98
CA ILE G 151 35.02 -19.83 -6.32
C ILE G 151 35.26 -18.48 -6.99
N GLY G 152 36.11 -18.52 -8.01
CA GLY G 152 36.44 -17.34 -8.78
C GLY G 152 35.68 -17.40 -10.10
N SER G 153 36.39 -17.12 -11.19
CA SER G 153 35.76 -17.07 -12.49
C SER G 153 36.86 -16.95 -13.51
N VAL G 154 36.56 -17.26 -14.77
CA VAL G 154 37.43 -16.90 -15.88
C VAL G 154 37.70 -15.41 -15.83
N ASN G 155 36.74 -14.63 -15.32
CA ASN G 155 36.87 -13.19 -15.03
C ASN G 155 37.92 -12.78 -14.01
N SER G 156 38.49 -13.77 -13.29
CA SER G 156 39.69 -13.53 -12.47
C SER G 156 40.96 -13.19 -13.31
N PHE G 157 40.93 -13.54 -14.60
CA PHE G 157 42.10 -13.41 -15.47
C PHE G 157 41.85 -12.65 -16.76
N MET G 158 40.66 -12.79 -17.33
CA MET G 158 40.29 -12.05 -18.53
C MET G 158 38.91 -11.43 -18.30
N ALA G 159 38.69 -10.24 -18.85
CA ALA G 159 37.51 -9.44 -18.57
C ALA G 159 36.38 -9.60 -19.61
N GLU G 160 35.19 -9.99 -19.12
CA GLU G 160 33.91 -9.73 -19.82
C GLU G 160 33.65 -8.24 -19.96
N PRO G 161 32.89 -7.81 -20.98
CA PRO G 161 32.44 -6.40 -21.03
C PRO G 161 31.44 -6.02 -19.95
N GLU G 162 31.42 -4.74 -19.59
CA GLU G 162 30.35 -4.13 -18.82
C GLU G 162 30.13 -4.74 -17.44
N ALA G 163 31.21 -5.10 -16.76
CA ALA G 163 31.13 -5.70 -15.42
C ALA G 163 32.39 -5.42 -14.57
N ALA G 164 32.91 -4.20 -14.66
CA ALA G 164 34.23 -3.91 -14.13
C ALA G 164 34.36 -4.18 -12.61
N ALA G 165 33.28 -3.98 -11.86
CA ALA G 165 33.28 -4.19 -10.40
C ALA G 165 33.34 -5.69 -10.09
N TYR G 166 32.52 -6.47 -10.79
CA TYR G 166 32.54 -7.94 -10.66
C TYR G 166 33.90 -8.53 -11.06
N VAL G 167 34.45 -8.04 -12.17
CA VAL G 167 35.71 -8.51 -12.72
C VAL G 167 36.86 -8.14 -11.79
N ALA G 168 36.91 -6.89 -11.39
CA ALA G 168 37.92 -6.45 -10.42
C ALA G 168 37.91 -7.34 -9.19
N ALA G 169 36.74 -7.56 -8.62
CA ALA G 169 36.65 -8.34 -7.38
C ALA G 169 37.07 -9.80 -7.60
N LYS G 170 36.79 -10.36 -8.78
CA LYS G 170 37.30 -11.68 -9.12
C LYS G 170 38.83 -11.72 -9.21
N GLY G 171 39.44 -10.63 -9.64
CA GLY G 171 40.91 -10.57 -9.62
C GLY G 171 41.43 -10.48 -8.19
N GLY G 172 40.77 -9.66 -7.40
CA GLY G 172 41.02 -9.59 -5.99
C GLY G 172 40.99 -10.96 -5.33
N VAL G 173 39.98 -11.75 -5.64
CA VAL G 173 39.87 -13.11 -5.06
C VAL G 173 40.98 -14.03 -5.56
N ALA G 174 41.34 -13.94 -6.85
CA ALA G 174 42.47 -14.72 -7.41
C ALA G 174 43.72 -14.56 -6.58
N MET G 175 44.08 -13.31 -6.32
CA MET G 175 45.32 -13.03 -5.59
C MET G 175 45.18 -13.24 -4.11
N LEU G 176 44.00 -13.01 -3.54
CA LEU G 176 43.74 -13.38 -2.15
C LEU G 176 44.03 -14.87 -1.98
N THR G 177 43.55 -15.66 -2.92
CA THR G 177 43.72 -17.09 -2.88
C THR G 177 45.22 -17.46 -2.79
N ARG G 178 46.05 -16.87 -3.65
CA ARG G 178 47.51 -17.12 -3.62
C ARG G 178 48.21 -16.61 -2.35
N ALA G 179 47.79 -15.44 -1.84
CA ALA G 179 48.31 -14.91 -0.55
C ALA G 179 47.98 -15.86 0.57
N MET G 180 46.74 -16.30 0.62
CA MET G 180 46.33 -17.28 1.60
C MET G 180 47.12 -18.59 1.51
N ALA G 181 47.31 -19.11 0.30
CA ALA G 181 48.09 -20.32 0.09
C ALA G 181 49.51 -20.19 0.67
N VAL G 182 50.15 -19.04 0.41
CA VAL G 182 51.51 -18.80 0.87
C VAL G 182 51.60 -18.71 2.40
N ASP G 183 50.71 -17.91 3.00
CA ASP G 183 50.72 -17.68 4.46
C ASP G 183 50.20 -18.86 5.30
N LEU G 184 49.33 -19.68 4.72
CA LEU G 184 48.73 -20.76 5.45
C LEU G 184 49.39 -22.14 5.22
N ALA G 185 50.33 -22.23 4.29
CA ALA G 185 51.05 -23.49 4.01
C ALA G 185 51.65 -24.05 5.28
N ARG G 186 52.24 -23.20 6.11
CA ARG G 186 52.87 -23.66 7.36
C ARG G 186 51.85 -24.15 8.38
N HIS G 187 50.58 -23.79 8.18
CA HIS G 187 49.51 -24.21 9.07
C HIS G 187 48.73 -25.38 8.50
N GLY G 188 49.27 -26.01 7.46
CA GLY G 188 48.61 -27.18 6.86
C GLY G 188 47.27 -26.90 6.19
N ILE G 189 47.07 -25.71 5.69
CA ILE G 189 45.85 -25.42 4.97
C ILE G 189 46.22 -25.21 3.51
N LEU G 190 45.63 -26.00 2.62
CA LEU G 190 45.86 -25.83 1.18
C LEU G 190 44.73 -25.03 0.57
N VAL G 191 45.10 -24.03 -0.22
CA VAL G 191 44.17 -23.02 -0.70
C VAL G 191 44.26 -22.96 -2.20
N ASN G 192 43.11 -23.12 -2.86
CA ASN G 192 43.04 -23.08 -4.32
C ASN G 192 41.75 -22.41 -4.76
N MET G 193 41.70 -22.01 -6.04
CA MET G 193 40.51 -21.44 -6.63
C MET G 193 39.95 -22.31 -7.73
N ILE G 194 38.63 -22.26 -7.90
CA ILE G 194 37.97 -22.83 -9.05
C ILE G 194 37.49 -21.66 -9.93
N ALA G 195 37.89 -21.69 -11.21
CA ALA G 195 37.53 -20.62 -12.16
C ALA G 195 36.53 -21.15 -13.20
N PRO G 196 35.23 -21.13 -12.88
CA PRO G 196 34.23 -21.54 -13.89
C PRO G 196 34.09 -20.54 -15.07
N GLY G 197 33.86 -21.10 -16.26
CA GLY G 197 33.40 -20.33 -17.42
C GLY G 197 31.88 -20.14 -17.28
N PRO G 198 31.17 -20.00 -18.39
CA PRO G 198 29.71 -19.86 -18.31
C PRO G 198 29.07 -21.17 -17.79
N VAL G 199 28.23 -21.04 -16.78
CA VAL G 199 27.58 -22.15 -16.15
C VAL G 199 26.11 -21.86 -16.07
N ASP G 200 25.29 -22.73 -16.63
CA ASP G 200 23.86 -22.54 -16.60
C ASP G 200 23.33 -23.02 -15.27
N VAL G 201 22.72 -22.10 -14.50
CA VAL G 201 22.23 -22.41 -13.16
C VAL G 201 20.71 -22.35 -13.07
N THR G 202 20.02 -22.29 -14.22
CA THR G 202 18.56 -22.20 -14.26
C THR G 202 17.86 -23.54 -13.97
N GLY G 203 18.55 -24.65 -14.23
CA GLY G 203 17.94 -25.99 -14.15
C GLY G 203 17.13 -26.31 -15.39
N ASN G 204 17.10 -25.38 -16.32
CA ASN G 204 16.15 -25.36 -17.41
C ASN G 204 16.78 -25.22 -18.80
N ASN G 205 18.11 -25.18 -18.85
CA ASN G 205 18.84 -24.78 -20.06
C ASN G 205 18.36 -23.45 -20.66
N THR G 206 18.03 -22.47 -19.81
CA THR G 206 17.56 -21.16 -20.27
C THR G 206 18.50 -20.01 -19.90
N GLY G 207 19.64 -20.31 -19.29
CA GLY G 207 20.55 -19.26 -18.83
C GLY G 207 21.22 -18.48 -19.95
N TYR G 208 21.42 -19.11 -21.09
CA TYR G 208 22.19 -18.55 -22.18
C TYR G 208 21.40 -18.63 -23.48
N SER G 209 20.09 -18.51 -23.37
CA SER G 209 19.21 -18.75 -24.52
C SER G 209 19.04 -17.50 -25.40
N GLU G 210 19.33 -16.32 -24.86
CA GLU G 210 19.27 -15.10 -25.64
C GLU G 210 20.13 -15.31 -26.90
N PRO G 211 19.55 -15.04 -28.08
CA PRO G 211 20.22 -15.43 -29.34
C PRO G 211 21.66 -15.00 -29.49
N ARG G 212 21.94 -13.72 -29.28
CA ARG G 212 23.31 -13.22 -29.45
C ARG G 212 24.26 -13.93 -28.45
N LEU G 213 23.86 -14.03 -27.19
CA LEU G 213 24.63 -14.74 -26.17
C LEU G 213 24.78 -16.24 -26.53
N ALA G 214 23.71 -16.83 -27.06
CA ALA G 214 23.78 -18.22 -27.50
C ALA G 214 24.82 -18.42 -28.58
N GLU G 215 24.82 -17.54 -29.58
CA GLU G 215 25.79 -17.60 -30.68
C GLU G 215 27.20 -17.46 -30.12
N GLN G 216 27.41 -16.53 -29.19
CA GLN G 216 28.72 -16.28 -28.60
C GLN G 216 29.22 -17.48 -27.80
N VAL G 217 28.32 -18.16 -27.12
CA VAL G 217 28.69 -19.38 -26.40
C VAL G 217 29.20 -20.43 -27.38
N LEU G 218 28.51 -20.60 -28.52
CA LEU G 218 28.95 -21.55 -29.57
C LEU G 218 30.34 -21.15 -30.15
N ASP G 219 30.60 -19.86 -30.28
CA ASP G 219 31.86 -19.43 -30.90
C ASP G 219 33.03 -19.40 -29.93
N GLU G 220 32.80 -18.98 -28.70
CA GLU G 220 33.89 -18.73 -27.75
C GLU G 220 34.20 -19.91 -26.81
N VAL G 221 33.25 -20.81 -26.60
CA VAL G 221 33.47 -22.01 -25.76
C VAL G 221 33.75 -23.21 -26.68
N ALA G 222 34.91 -23.82 -26.54
CA ALA G 222 35.30 -24.92 -27.43
C ALA G 222 34.27 -26.04 -27.46
N LEU G 223 33.73 -26.38 -26.29
CA LEU G 223 32.69 -27.40 -26.18
C LEU G 223 31.34 -26.89 -26.67
N GLY G 224 31.21 -25.59 -26.91
CA GLY G 224 30.04 -25.03 -27.56
C GLY G 224 28.75 -25.07 -26.76
N ARG G 225 28.85 -24.96 -25.43
CA ARG G 225 27.68 -24.94 -24.53
C ARG G 225 28.08 -24.32 -23.20
N PRO G 226 27.10 -23.89 -22.40
CA PRO G 226 27.43 -23.51 -21.02
C PRO G 226 27.67 -24.76 -20.18
N GLY G 227 28.36 -24.62 -19.04
CA GLY G 227 28.57 -25.76 -18.11
C GLY G 227 27.34 -26.05 -17.29
N LEU G 228 27.37 -27.17 -16.56
CA LEU G 228 26.37 -27.46 -15.54
C LEU G 228 26.99 -27.41 -14.14
N PRO G 229 26.20 -27.07 -13.11
CA PRO G 229 26.74 -26.97 -11.76
C PRO G 229 27.57 -28.17 -11.27
N GLU G 230 27.12 -29.38 -11.58
CA GLU G 230 27.83 -30.59 -11.16
C GLU G 230 29.24 -30.65 -11.76
N GLU G 231 29.41 -30.11 -12.97
CA GLU G 231 30.71 -30.08 -13.63
C GLU G 231 31.70 -29.14 -12.90
N VAL G 232 31.21 -28.25 -12.02
CA VAL G 232 32.07 -27.40 -11.20
C VAL G 232 32.25 -28.05 -9.83
N ALA G 233 31.18 -28.62 -9.27
CA ALA G 233 31.19 -29.30 -7.96
C ALA G 233 32.25 -30.40 -7.86
N THR G 234 32.45 -31.13 -8.96
CA THR G 234 33.37 -32.25 -8.96
C THR G 234 34.78 -31.81 -8.60
N ALA G 235 35.16 -30.62 -9.05
CA ALA G 235 36.46 -30.01 -8.70
C ALA G 235 36.55 -29.61 -7.22
N ALA G 236 35.43 -29.27 -6.60
CA ALA G 236 35.40 -28.96 -5.16
C ALA G 236 35.66 -30.18 -4.33
N VAL G 237 35.14 -31.34 -4.76
CA VAL G 237 35.42 -32.62 -4.11
C VAL G 237 36.91 -32.95 -4.28
N PHE G 238 37.39 -32.83 -5.52
CA PHE G 238 38.79 -33.15 -5.85
C PHE G 238 39.76 -32.34 -5.00
N LEU G 239 39.57 -31.02 -4.95
CA LEU G 239 40.48 -30.18 -4.16
C LEU G 239 40.38 -30.49 -2.68
N ALA G 240 39.19 -30.82 -2.20
CA ALA G 240 38.99 -31.04 -0.77
C ALA G 240 39.56 -32.38 -0.22
N GLU G 241 39.72 -33.40 -1.07
CA GLU G 241 40.09 -34.72 -0.56
C GLU G 241 41.57 -34.80 -0.15
N ASP G 242 41.89 -35.78 0.68
CA ASP G 242 43.27 -35.94 1.20
C ASP G 242 44.31 -36.10 0.10
N GLY G 243 43.92 -36.74 -1.01
CA GLY G 243 44.85 -37.00 -2.11
C GLY G 243 45.36 -35.74 -2.81
N SER G 244 44.72 -34.59 -2.57
CA SER G 244 45.20 -33.34 -3.23
C SER G 244 46.21 -32.59 -2.38
N SER G 245 47.10 -33.34 -1.72
CA SER G 245 47.91 -32.81 -0.64
C SER G 245 49.09 -32.00 -1.14
N PHE G 246 49.34 -31.99 -2.46
CA PHE G 246 50.42 -31.13 -3.00
C PHE G 246 49.90 -29.98 -3.86
N ILE G 247 48.60 -29.72 -3.81
CA ILE G 247 48.01 -28.73 -4.68
C ILE G 247 47.65 -27.55 -3.80
N THR G 248 48.31 -26.42 -4.02
CA THR G 248 47.98 -25.20 -3.29
C THR G 248 48.43 -24.00 -4.10
N GLY G 249 47.69 -22.92 -3.96
CA GLY G 249 47.94 -21.70 -4.73
C GLY G 249 47.55 -21.78 -6.19
N SER G 250 46.82 -22.83 -6.56
CA SER G 250 46.46 -23.08 -7.95
C SER G 250 45.00 -22.72 -8.26
N THR G 251 44.70 -22.70 -9.55
CA THR G 251 43.36 -22.57 -10.07
C THR G 251 43.06 -23.78 -11.00
N ILE G 252 41.91 -24.38 -10.79
CA ILE G 252 41.34 -25.31 -11.73
C ILE G 252 40.29 -24.55 -12.54
N THR G 253 40.53 -24.47 -13.85
CA THR G 253 39.64 -23.76 -14.74
C THR G 253 38.68 -24.71 -15.42
N ILE G 254 37.39 -24.38 -15.33
CA ILE G 254 36.30 -25.25 -15.78
C ILE G 254 35.37 -24.44 -16.70
N ASP G 255 35.78 -24.35 -17.97
CA ASP G 255 35.19 -23.38 -18.88
C ASP G 255 34.97 -23.85 -20.32
N GLY G 256 35.03 -25.15 -20.57
CA GLY G 256 34.77 -25.71 -21.92
C GLY G 256 35.80 -25.20 -22.94
N GLY G 257 36.93 -24.74 -22.45
CA GLY G 257 37.99 -24.24 -23.34
C GLY G 257 37.95 -22.76 -23.66
N LEU G 258 37.02 -22.01 -23.04
CA LEU G 258 36.89 -20.58 -23.34
C LEU G 258 38.25 -19.88 -23.25
N SER G 259 38.90 -19.99 -22.09
CA SER G 259 40.12 -19.27 -21.82
C SER G 259 41.35 -19.83 -22.57
N ALA G 260 41.19 -20.95 -23.27
CA ALA G 260 42.29 -21.62 -23.95
C ALA G 260 42.32 -21.30 -25.41
N MET G 261 41.28 -20.65 -25.91
CA MET G 261 41.06 -20.53 -27.35
C MET G 261 40.93 -19.05 -27.80
N ILE G 262 41.46 -18.76 -28.98
CA ILE G 262 41.19 -17.50 -29.68
C ILE G 262 40.66 -17.76 -31.09
N PHE G 263 39.86 -16.83 -31.60
CA PHE G 263 39.13 -16.97 -32.85
C PHE G 263 38.39 -18.27 -32.96
N GLY G 264 37.69 -18.63 -31.87
CA GLY G 264 36.89 -19.82 -31.80
C GLY G 264 35.80 -19.87 -32.85
N GLY G 265 35.32 -18.70 -33.26
CA GLY G 265 34.30 -18.62 -34.31
C GLY G 265 34.79 -19.03 -35.69
N MET G 266 36.11 -19.09 -35.87
CA MET G 266 36.70 -19.49 -37.14
C MET G 266 36.88 -20.99 -37.25
N ARG G 267 36.67 -21.76 -36.18
CA ARG G 267 36.95 -23.19 -36.24
C ARG G 267 35.94 -23.93 -37.14
N GLU G 268 36.38 -25.02 -37.76
CA GLU G 268 35.50 -25.83 -38.59
C GLU G 268 34.35 -26.30 -37.71
N GLY G 269 33.15 -26.24 -38.26
CA GLY G 269 31.91 -26.55 -37.53
C GLY G 269 31.19 -25.29 -37.11
N ARG G 270 31.94 -24.21 -36.88
CA ARG G 270 31.38 -22.91 -36.53
C ARG G 270 31.45 -21.90 -37.67
N ARG G 271 32.55 -21.86 -38.43
CA ARG G 271 32.70 -20.86 -39.48
C ARG G 271 31.68 -20.99 -40.65
N GLY H 11 -22.98 -6.57 22.00
CA GLY H 11 -24.02 -7.62 22.15
C GLY H 11 -23.90 -8.43 23.45
N ARG H 12 -24.98 -9.10 23.82
CA ARG H 12 -25.01 -9.88 25.09
C ARG H 12 -24.14 -11.14 25.03
N LEU H 13 -23.76 -11.58 23.83
CA LEU H 13 -22.85 -12.70 23.64
C LEU H 13 -21.54 -12.30 22.98
N ALA H 14 -21.13 -11.04 23.18
CA ALA H 14 -19.94 -10.48 22.52
C ALA H 14 -18.73 -11.34 22.80
N GLY H 15 -18.02 -11.71 21.74
CA GLY H 15 -16.78 -12.48 21.88
C GLY H 15 -16.95 -13.99 22.09
N LYS H 16 -18.18 -14.48 22.16
CA LYS H 16 -18.41 -15.92 22.45
C LYS H 16 -18.35 -16.75 21.17
N ALA H 17 -17.85 -17.96 21.30
CA ALA H 17 -17.77 -18.91 20.21
C ALA H 17 -18.88 -19.96 20.37
N ALA H 18 -19.74 -20.08 19.35
CA ALA H 18 -20.97 -20.89 19.44
C ALA H 18 -21.10 -21.83 18.28
N ILE H 19 -21.64 -23.03 18.56
CA ILE H 19 -22.06 -23.97 17.55
C ILE H 19 -23.57 -24.17 17.72
N VAL H 20 -24.32 -24.05 16.63
CA VAL H 20 -25.75 -24.35 16.63
C VAL H 20 -26.03 -25.46 15.64
N THR H 21 -26.57 -26.59 16.11
CA THR H 21 -26.98 -27.69 15.24
C THR H 21 -28.46 -27.54 14.93
N GLY H 22 -28.90 -28.18 13.88
CA GLY H 22 -30.23 -27.98 13.35
C GLY H 22 -30.43 -26.59 12.78
N ALA H 23 -29.34 -26.02 12.32
CA ALA H 23 -29.26 -24.60 12.00
C ALA H 23 -29.95 -24.20 10.71
N ALA H 24 -30.35 -25.17 9.88
CA ALA H 24 -31.15 -24.88 8.70
C ALA H 24 -32.63 -24.85 9.03
N GLY H 25 -33.01 -25.37 10.20
CA GLY H 25 -34.43 -25.43 10.58
C GLY H 25 -34.91 -24.13 11.15
N GLY H 26 -36.19 -24.06 11.50
CA GLY H 26 -36.78 -22.80 12.01
C GLY H 26 -36.17 -22.24 13.30
N ILE H 27 -36.16 -23.08 14.33
CA ILE H 27 -35.53 -22.69 15.60
C ILE H 27 -34.02 -22.46 15.45
N GLY H 28 -33.32 -23.37 14.76
CA GLY H 28 -31.87 -23.23 14.57
C GLY H 28 -31.48 -21.98 13.80
N ARG H 29 -32.19 -21.70 12.71
CA ARG H 29 -31.93 -20.49 11.91
C ARG H 29 -32.13 -19.23 12.76
N ALA H 30 -33.27 -19.16 13.46
CA ALA H 30 -33.56 -18.04 14.35
C ALA H 30 -32.47 -17.87 15.47
N THR H 31 -31.96 -18.97 15.98
CA THR H 31 -30.91 -18.94 17.00
C THR H 31 -29.55 -18.46 16.41
N VAL H 32 -29.17 -18.98 15.25
CA VAL H 32 -27.96 -18.52 14.56
C VAL H 32 -28.02 -17.00 14.41
N GLU H 33 -29.16 -16.50 13.94
CA GLU H 33 -29.35 -15.07 13.69
C GLU H 33 -29.31 -14.23 14.98
N ALA H 34 -30.01 -14.70 16.01
CA ALA H 34 -30.00 -14.01 17.30
C ALA H 34 -28.59 -13.98 17.87
N TYR H 35 -27.87 -15.09 17.73
CA TYR H 35 -26.50 -15.19 18.22
C TYR H 35 -25.53 -14.24 17.47
N LEU H 36 -25.57 -14.22 16.15
CA LEU H 36 -24.77 -13.26 15.38
C LEU H 36 -25.13 -11.84 15.77
N ARG H 37 -26.42 -11.56 15.88
CA ARG H 37 -26.90 -10.24 16.28
C ARG H 37 -26.35 -9.82 17.66
N GLU H 38 -26.15 -10.78 18.57
CA GLU H 38 -25.64 -10.49 19.91
C GLU H 38 -24.13 -10.61 20.06
N GLY H 39 -23.43 -10.71 18.92
CA GLY H 39 -21.99 -10.58 18.86
C GLY H 39 -21.20 -11.88 18.96
N ALA H 40 -21.84 -13.03 18.82
CA ALA H 40 -21.14 -14.30 18.89
C ALA H 40 -20.56 -14.65 17.54
N SER H 41 -19.48 -15.41 17.53
CA SER H 41 -19.05 -16.11 16.31
C SER H 41 -19.81 -17.41 16.28
N VAL H 42 -20.39 -17.76 15.13
CA VAL H 42 -21.31 -18.91 15.06
C VAL H 42 -20.98 -19.85 13.93
N VAL H 43 -20.82 -21.12 14.28
CA VAL H 43 -20.80 -22.20 13.32
C VAL H 43 -22.19 -22.77 13.26
N ALA H 44 -22.72 -22.88 12.04
CA ALA H 44 -24.06 -23.44 11.78
C ALA H 44 -23.92 -24.84 11.18
N MET H 45 -24.49 -25.83 11.88
CA MET H 45 -24.44 -27.24 11.48
C MET H 45 -25.82 -27.77 11.14
N ASP H 46 -25.87 -28.49 10.04
CA ASP H 46 -27.08 -29.23 9.62
C ASP H 46 -26.63 -30.18 8.50
N LEU H 47 -27.56 -30.87 7.89
CA LEU H 47 -27.24 -31.73 6.76
C LEU H 47 -26.75 -30.86 5.62
N ALA H 48 -25.84 -31.40 4.80
CA ALA H 48 -25.19 -30.61 3.73
C ALA H 48 -26.15 -29.91 2.77
N PRO H 49 -27.12 -30.65 2.22
CA PRO H 49 -28.04 -29.98 1.30
C PRO H 49 -28.89 -28.92 1.97
N ARG H 50 -29.23 -29.12 3.25
CA ARG H 50 -30.06 -28.16 3.97
C ARG H 50 -29.29 -26.86 4.21
N LEU H 51 -28.04 -26.97 4.68
CA LEU H 51 -27.15 -25.80 4.78
C LEU H 51 -27.03 -25.06 3.46
N ALA H 52 -26.80 -25.81 2.37
CA ALA H 52 -26.56 -25.23 1.03
C ALA H 52 -27.75 -24.37 0.56
N ALA H 53 -28.95 -24.72 1.00
CA ALA H 53 -30.16 -23.96 0.65
C ALA H 53 -30.55 -22.90 1.68
N THR H 54 -29.73 -22.65 2.69
CA THR H 54 -30.13 -21.66 3.71
C THR H 54 -29.24 -20.44 3.63
N ARG H 55 -29.86 -19.28 3.67
CA ARG H 55 -29.17 -18.02 3.76
C ARG H 55 -29.69 -17.34 5.01
N TYR H 56 -28.81 -16.76 5.80
CA TYR H 56 -29.22 -16.18 7.06
C TYR H 56 -29.52 -14.71 6.87
N GLU H 57 -30.47 -14.17 7.63
CA GLU H 57 -30.75 -12.72 7.62
C GLU H 57 -29.63 -11.89 8.28
N GLU H 58 -28.65 -12.55 8.92
CA GLU H 58 -27.44 -11.90 9.41
C GLU H 58 -26.24 -12.62 8.81
N PRO H 59 -25.19 -11.87 8.43
CA PRO H 59 -24.00 -12.47 7.86
C PRO H 59 -23.02 -12.98 8.91
N GLY H 60 -22.11 -13.86 8.49
CA GLY H 60 -20.99 -14.28 9.32
C GLY H 60 -21.08 -15.69 9.83
N ALA H 61 -22.16 -16.39 9.54
CA ALA H 61 -22.28 -17.79 9.96
C ALA H 61 -21.29 -18.65 9.21
N ILE H 62 -20.63 -19.55 9.91
CA ILE H 62 -19.71 -20.50 9.30
C ILE H 62 -20.45 -21.82 9.14
N PRO H 63 -20.90 -22.14 7.91
CA PRO H 63 -21.62 -23.39 7.70
C PRO H 63 -20.70 -24.61 7.68
N ILE H 64 -21.00 -25.62 8.50
CA ILE H 64 -20.28 -26.87 8.50
C ILE H 64 -21.30 -28.01 8.53
N ALA H 65 -21.25 -28.82 7.48
CA ALA H 65 -22.15 -29.94 7.31
C ALA H 65 -21.87 -31.00 8.36
N CYS H 66 -22.92 -31.59 8.91
CA CYS H 66 -22.76 -32.66 9.90
C CYS H 66 -24.00 -33.51 9.98
N ASP H 67 -23.93 -34.71 9.45
CA ASP H 67 -25.03 -35.66 9.56
C ASP H 67 -25.02 -36.31 10.96
N LEU H 68 -26.08 -36.12 11.77
CA LEU H 68 -26.15 -36.71 13.13
C LEU H 68 -26.15 -38.25 13.14
N ALA H 69 -26.56 -38.88 12.03
CA ALA H 69 -26.52 -40.36 11.90
C ALA H 69 -25.13 -40.93 11.68
N ASP H 70 -24.16 -40.09 11.34
CA ASP H 70 -22.79 -40.53 11.09
C ASP H 70 -21.90 -40.13 12.28
N ARG H 71 -21.53 -41.10 13.10
CA ARG H 71 -20.80 -40.84 14.35
C ARG H 71 -19.43 -40.25 14.14
N ALA H 72 -18.69 -40.78 13.16
CA ALA H 72 -17.35 -40.25 12.84
C ALA H 72 -17.47 -38.79 12.33
N ALA H 73 -18.52 -38.49 11.57
CA ALA H 73 -18.73 -37.14 11.06
C ALA H 73 -19.04 -36.13 12.19
N ILE H 74 -19.71 -36.58 13.24
CA ILE H 74 -20.01 -35.72 14.39
C ILE H 74 -18.69 -35.29 15.03
N ASP H 75 -17.77 -36.20 15.25
CA ASP H 75 -16.46 -35.83 15.83
C ASP H 75 -15.63 -34.93 14.92
N ALA H 76 -15.54 -35.29 13.64
CA ALA H 76 -14.75 -34.51 12.67
C ALA H 76 -15.30 -33.09 12.54
N ALA H 77 -16.61 -32.97 12.39
CA ALA H 77 -17.25 -31.67 12.21
C ALA H 77 -17.14 -30.78 13.46
N MET H 78 -17.22 -31.40 14.63
CA MET H 78 -16.98 -30.70 15.89
C MET H 78 -15.53 -30.21 15.99
N ALA H 79 -14.56 -31.05 15.65
CA ALA H 79 -13.13 -30.62 15.73
C ALA H 79 -12.82 -29.48 14.76
N ASP H 80 -13.42 -29.57 13.58
CA ASP H 80 -13.27 -28.54 12.56
C ASP H 80 -13.90 -27.23 13.03
N ALA H 81 -15.14 -27.29 13.51
CA ALA H 81 -15.80 -26.13 14.11
C ALA H 81 -14.97 -25.46 15.20
N VAL H 82 -14.49 -26.26 16.16
CA VAL H 82 -13.71 -25.73 17.28
C VAL H 82 -12.39 -25.08 16.82
N ALA H 83 -11.70 -25.72 15.87
CA ALA H 83 -10.47 -25.15 15.29
C ALA H 83 -10.77 -23.81 14.64
N ARG H 84 -11.84 -23.74 13.87
CA ARG H 84 -12.17 -22.47 13.22
C ARG H 84 -12.61 -21.35 14.16
N LEU H 85 -13.29 -21.71 15.24
CA LEU H 85 -13.73 -20.71 16.21
C LEU H 85 -12.61 -20.35 17.16
N GLY H 86 -11.60 -21.20 17.28
CA GLY H 86 -10.49 -20.98 18.21
C GLY H 86 -10.87 -21.31 19.64
N GLY H 87 -11.87 -22.18 19.81
CA GLY H 87 -12.41 -22.53 21.14
C GLY H 87 -13.89 -22.90 21.05
N LEU H 88 -14.54 -22.96 22.21
CA LEU H 88 -16.00 -23.20 22.28
C LEU H 88 -16.56 -22.77 23.62
N ASP H 89 -17.49 -21.81 23.57
CA ASP H 89 -18.22 -21.36 24.77
C ASP H 89 -19.65 -21.87 24.82
N ILE H 90 -20.31 -22.03 23.67
CA ILE H 90 -21.76 -22.29 23.64
C ILE H 90 -22.08 -23.39 22.63
N LEU H 91 -22.88 -24.36 23.05
CA LEU H 91 -23.38 -25.37 22.13
C LEU H 91 -24.89 -25.40 22.22
N VAL H 92 -25.58 -25.26 21.09
CA VAL H 92 -27.03 -25.45 21.03
C VAL H 92 -27.28 -26.70 20.21
N ALA H 93 -27.74 -27.77 20.87
CA ALA H 93 -27.99 -29.03 20.22
C ALA H 93 -29.44 -29.12 19.78
N GLY H 94 -29.72 -28.63 18.57
CA GLY H 94 -31.08 -28.50 18.07
C GLY H 94 -31.47 -29.41 16.92
N GLY H 95 -30.50 -30.08 16.32
CA GLY H 95 -30.75 -31.00 15.22
C GLY H 95 -31.60 -32.21 15.61
N ALA H 96 -32.64 -32.49 14.85
CA ALA H 96 -33.62 -33.52 15.24
C ALA H 96 -34.58 -33.85 14.10
N LEU H 97 -34.90 -35.14 13.95
CA LEU H 97 -36.02 -35.56 13.09
C LEU H 97 -37.31 -35.23 13.82
N LYS H 98 -38.29 -34.69 13.10
CA LYS H 98 -39.57 -34.27 13.74
C LYS H 98 -40.67 -35.25 13.39
N GLY H 99 -41.80 -35.12 14.08
CA GLY H 99 -43.05 -35.69 13.60
C GLY H 99 -43.29 -37.15 13.95
N GLY H 100 -44.38 -37.67 13.39
CA GLY H 100 -44.96 -38.92 13.83
C GLY H 100 -44.88 -40.05 12.82
N THR H 101 -45.29 -41.22 13.27
CA THR H 101 -45.23 -42.45 12.48
C THR H 101 -46.60 -43.12 12.35
N GLY H 102 -47.45 -42.93 13.36
CA GLY H 102 -48.64 -43.77 13.55
C GLY H 102 -48.61 -44.41 14.93
N ASN H 103 -49.55 -45.34 15.14
CA ASN H 103 -49.81 -45.89 16.44
C ASN H 103 -48.62 -46.69 16.92
N PHE H 104 -48.39 -46.66 18.22
CA PHE H 104 -47.33 -47.46 18.85
C PHE H 104 -47.31 -48.93 18.41
N LEU H 105 -48.49 -49.54 18.30
CA LEU H 105 -48.59 -50.94 17.86
C LEU H 105 -47.91 -51.27 16.52
N ASP H 106 -47.87 -50.31 15.60
CA ASP H 106 -47.37 -50.49 14.23
C ASP H 106 -45.99 -49.86 14.06
N LEU H 107 -45.37 -49.42 15.15
CA LEU H 107 -44.10 -48.70 15.05
C LEU H 107 -42.98 -49.69 14.73
N SER H 108 -42.31 -49.47 13.60
CA SER H 108 -41.26 -50.36 13.12
C SER H 108 -39.88 -50.12 13.80
N ASP H 109 -39.09 -51.17 13.84
CA ASP H 109 -37.71 -51.09 14.32
C ASP H 109 -36.93 -49.94 13.64
N ALA H 110 -37.09 -49.85 12.31
CA ALA H 110 -36.45 -48.84 11.47
C ALA H 110 -36.79 -47.41 11.91
N ASP H 111 -38.07 -47.13 12.20
CA ASP H 111 -38.48 -45.79 12.67
C ASP H 111 -38.01 -45.51 14.07
N TRP H 112 -38.20 -46.48 14.98
CA TRP H 112 -37.68 -46.37 16.34
C TRP H 112 -36.21 -46.02 16.29
N ASP H 113 -35.44 -46.78 15.51
CA ASP H 113 -33.97 -46.60 15.46
C ASP H 113 -33.58 -45.25 14.92
N ARG H 114 -34.29 -44.78 13.90
CA ARG H 114 -33.96 -43.49 13.27
C ARG H 114 -34.14 -42.35 14.26
N TYR H 115 -35.26 -42.33 14.97
CA TYR H 115 -35.52 -41.28 15.95
C TYR H 115 -34.54 -41.35 17.13
N VAL H 116 -34.35 -42.54 17.71
CA VAL H 116 -33.40 -42.67 18.81
C VAL H 116 -31.98 -42.36 18.37
N ASP H 117 -31.54 -42.88 17.23
CA ASP H 117 -30.15 -42.71 16.80
C ASP H 117 -29.83 -41.26 16.48
N VAL H 118 -30.71 -40.58 15.73
CA VAL H 118 -30.49 -39.20 15.35
C VAL H 118 -30.75 -38.25 16.52
N ASN H 119 -31.96 -38.34 17.13
CA ASN H 119 -32.40 -37.32 18.08
C ASN H 119 -31.81 -37.48 19.48
N MET H 120 -31.64 -38.71 19.95
CA MET H 120 -31.07 -38.93 21.29
C MET H 120 -29.55 -39.13 21.24
N THR H 121 -29.09 -40.17 20.54
CA THR H 121 -27.67 -40.49 20.43
C THR H 121 -26.90 -39.39 19.70
N GLY H 122 -27.51 -38.79 18.68
CA GLY H 122 -26.91 -37.65 18.01
C GLY H 122 -26.67 -36.46 18.92
N THR H 123 -27.62 -36.20 19.84
CA THR H 123 -27.50 -35.15 20.84
C THR H 123 -26.39 -35.50 21.85
N PHE H 124 -26.38 -36.74 22.32
CA PHE H 124 -25.33 -37.21 23.23
C PHE H 124 -23.93 -37.05 22.66
N LEU H 125 -23.73 -37.49 21.42
CA LEU H 125 -22.43 -37.44 20.79
C LEU H 125 -21.98 -35.99 20.51
N THR H 126 -22.89 -35.16 20.03
CA THR H 126 -22.58 -33.76 19.80
C THR H 126 -22.16 -33.12 21.13
N CYS H 127 -22.94 -33.37 22.19
CA CYS H 127 -22.72 -32.71 23.47
C CYS H 127 -21.46 -33.20 24.17
N ARG H 128 -21.13 -34.49 24.03
CA ARG H 128 -19.89 -35.03 24.62
C ARG H 128 -18.67 -34.44 23.93
N ALA H 129 -18.73 -34.32 22.61
CA ALA H 129 -17.63 -33.67 21.91
C ALA H 129 -17.52 -32.20 22.31
N GLY H 130 -18.65 -31.50 22.33
CA GLY H 130 -18.68 -30.08 22.68
C GLY H 130 -18.12 -29.82 24.08
N ALA H 131 -18.60 -30.67 25.03
CA ALA H 131 -18.19 -30.55 26.44
C ALA H 131 -16.68 -30.73 26.55
N ARG H 132 -16.15 -31.74 25.87
CA ARG H 132 -14.72 -31.98 25.89
C ARG H 132 -13.93 -30.78 25.34
N ALA H 133 -14.43 -30.18 24.25
CA ALA H 133 -13.76 -29.02 23.64
C ALA H 133 -13.81 -27.82 24.57
N MET H 134 -14.93 -27.65 25.28
CA MET H 134 -15.11 -26.54 26.20
C MET H 134 -14.09 -26.64 27.29
N VAL H 135 -13.96 -27.84 27.86
CA VAL H 135 -12.96 -28.07 28.90
C VAL H 135 -11.55 -27.85 28.34
N ALA H 136 -11.27 -28.36 27.14
CA ALA H 136 -9.95 -28.14 26.51
C ALA H 136 -9.66 -26.66 26.25
N ALA H 137 -10.71 -25.86 26.04
CA ALA H 137 -10.54 -24.44 25.75
C ALA H 137 -10.51 -23.59 27.03
N GLY H 138 -10.60 -24.23 28.21
CA GLY H 138 -10.44 -23.53 29.49
C GLY H 138 -11.67 -23.42 30.38
N ALA H 139 -12.78 -24.06 29.99
CA ALA H 139 -13.97 -24.04 30.84
C ALA H 139 -13.64 -24.65 32.20
N GLY H 140 -14.04 -23.96 33.26
CA GLY H 140 -13.86 -24.46 34.64
C GLY H 140 -12.56 -24.03 35.26
N LYS H 141 -11.79 -23.20 34.53
CA LYS H 141 -10.51 -22.64 35.00
C LYS H 141 -10.54 -21.12 34.83
N ASP H 142 -9.95 -20.43 35.81
CA ASP H 142 -9.80 -18.97 35.77
C ASP H 142 -11.15 -18.25 35.66
N GLY H 143 -12.17 -18.78 36.32
CA GLY H 143 -13.52 -18.19 36.27
C GLY H 143 -14.24 -18.37 34.93
N ARG H 144 -13.67 -19.17 34.03
CA ARG H 144 -14.25 -19.38 32.70
C ARG H 144 -15.39 -20.40 32.77
N SER H 145 -16.50 -20.10 32.11
CA SER H 145 -17.62 -21.05 32.02
C SER H 145 -18.11 -21.20 30.59
N ALA H 146 -18.97 -22.17 30.38
CA ALA H 146 -19.47 -22.51 29.05
C ALA H 146 -20.94 -22.94 29.20
N ARG H 147 -21.58 -23.22 28.06
CA ARG H 147 -23.02 -23.38 28.02
C ARG H 147 -23.41 -24.42 27.02
N ILE H 148 -24.16 -25.44 27.47
CA ILE H 148 -24.79 -26.43 26.60
C ILE H 148 -26.32 -26.31 26.75
N ILE H 149 -26.97 -26.09 25.62
CA ILE H 149 -28.39 -25.86 25.55
C ILE H 149 -28.97 -26.87 24.61
N THR H 150 -29.82 -27.78 25.12
CA THR H 150 -30.48 -28.79 24.27
C THR H 150 -31.86 -28.28 23.85
N ILE H 151 -32.30 -28.60 22.64
CA ILE H 151 -33.66 -28.26 22.22
C ILE H 151 -34.48 -29.53 22.39
N GLY H 152 -35.36 -29.51 23.39
CA GLY H 152 -36.26 -30.64 23.67
C GLY H 152 -37.61 -30.35 23.07
N SER H 153 -38.65 -30.52 23.88
CA SER H 153 -40.01 -30.31 23.44
C SER H 153 -40.91 -30.46 24.67
N VAL H 154 -42.13 -29.96 24.58
CA VAL H 154 -43.18 -30.32 25.53
C VAL H 154 -43.34 -31.84 25.59
N ASN H 155 -43.03 -32.51 24.46
CA ASN H 155 -42.95 -33.99 24.39
C ASN H 155 -41.85 -34.66 25.25
N SER H 156 -40.97 -33.85 25.85
CA SER H 156 -40.04 -34.36 26.85
C SER H 156 -40.76 -34.78 28.14
N PHE H 157 -42.01 -34.32 28.32
CA PHE H 157 -42.74 -34.50 29.58
C PHE H 157 -44.13 -35.08 29.42
N MET H 158 -44.82 -34.68 28.36
CA MET H 158 -46.16 -35.19 28.08
C MET H 158 -46.19 -35.62 26.61
N ALA H 159 -46.97 -36.65 26.30
CA ALA H 159 -46.94 -37.27 24.97
C ALA H 159 -48.06 -36.82 24.02
N GLU H 160 -47.65 -36.40 22.83
CA GLU H 160 -48.52 -36.35 21.65
C GLU H 160 -48.90 -37.76 21.18
N PRO H 161 -50.05 -37.89 20.51
CA PRO H 161 -50.38 -39.21 19.94
C PRO H 161 -49.49 -39.57 18.75
N GLU H 162 -49.32 -40.86 18.54
CA GLU H 162 -48.78 -41.41 17.31
C GLU H 162 -47.35 -41.01 16.95
N ALA H 163 -46.52 -40.80 17.97
CA ALA H 163 -45.13 -40.39 17.77
C ALA H 163 -44.20 -40.98 18.88
N ALA H 164 -44.40 -42.24 19.24
CA ALA H 164 -43.73 -42.80 20.40
C ALA H 164 -42.20 -42.71 20.37
N ALA H 165 -41.60 -42.83 19.18
CA ALA H 165 -40.14 -42.80 19.05
C ALA H 165 -39.59 -41.39 19.25
N TYR H 166 -40.26 -40.42 18.64
CA TYR H 166 -39.93 -39.01 18.83
C TYR H 166 -40.07 -38.61 20.30
N VAL H 167 -41.18 -39.02 20.92
CA VAL H 167 -41.50 -38.66 22.31
C VAL H 167 -40.50 -39.29 23.27
N ALA H 168 -40.27 -40.58 23.09
CA ALA H 168 -39.28 -41.32 23.90
C ALA H 168 -37.92 -40.62 23.83
N ALA H 169 -37.49 -40.29 22.61
CA ALA H 169 -36.19 -39.68 22.42
C ALA H 169 -36.13 -38.30 23.07
N LYS H 170 -37.26 -37.58 23.10
CA LYS H 170 -37.32 -36.31 23.79
C LYS H 170 -37.23 -36.47 25.31
N GLY H 171 -37.72 -37.57 25.84
CA GLY H 171 -37.55 -37.86 27.26
C GLY H 171 -36.11 -38.18 27.55
N GLY H 172 -35.53 -38.99 26.67
CA GLY H 172 -34.11 -39.24 26.70
C GLY H 172 -33.26 -37.98 26.79
N VAL H 173 -33.54 -37.02 25.92
CA VAL H 173 -32.80 -35.75 25.92
C VAL H 173 -33.04 -34.93 27.20
N ALA H 174 -34.27 -34.93 27.72
CA ALA H 174 -34.56 -34.28 29.00
C ALA H 174 -33.64 -34.80 30.09
N MET H 175 -33.54 -36.12 30.24
CA MET H 175 -32.70 -36.66 31.31
C MET H 175 -31.22 -36.63 31.04
N LEU H 176 -30.82 -36.76 29.77
CA LEU H 176 -29.41 -36.51 29.35
C LEU H 176 -29.02 -35.08 29.80
N THR H 177 -29.91 -34.12 29.57
CA THR H 177 -29.64 -32.74 29.95
C THR H 177 -29.31 -32.61 31.45
N ARG H 178 -30.14 -33.21 32.30
CA ARG H 178 -29.87 -33.20 33.73
C ARG H 178 -28.62 -33.99 34.15
N ALA H 179 -28.38 -35.14 33.52
CA ALA H 179 -27.13 -35.86 33.78
C ALA H 179 -25.92 -34.95 33.47
N MET H 180 -25.96 -34.34 32.31
CA MET H 180 -24.85 -33.49 31.86
C MET H 180 -24.63 -32.33 32.83
N ALA H 181 -25.74 -31.69 33.23
CA ALA H 181 -25.70 -30.62 34.22
C ALA H 181 -24.97 -31.06 35.49
N VAL H 182 -25.28 -32.27 35.96
CA VAL H 182 -24.75 -32.74 37.23
C VAL H 182 -23.29 -33.04 37.05
N ASP H 183 -22.93 -33.73 35.98
CA ASP H 183 -21.53 -34.15 35.79
C ASP H 183 -20.61 -33.02 35.37
N LEU H 184 -21.15 -31.99 34.73
CA LEU H 184 -20.33 -30.94 34.17
C LEU H 184 -20.33 -29.65 34.99
N ALA H 185 -21.11 -29.58 36.08
CA ALA H 185 -21.05 -28.42 36.97
C ALA H 185 -19.62 -28.13 37.46
N ARG H 186 -18.88 -29.18 37.85
CA ARG H 186 -17.52 -29.00 38.36
C ARG H 186 -16.56 -28.49 37.26
N HIS H 187 -16.94 -28.64 35.98
CA HIS H 187 -16.14 -28.13 34.85
C HIS H 187 -16.59 -26.78 34.34
N GLY H 188 -17.46 -26.11 35.10
CA GLY H 188 -17.95 -24.81 34.72
C GLY H 188 -18.82 -24.78 33.47
N ILE H 189 -19.48 -25.88 33.14
CA ILE H 189 -20.41 -25.89 31.99
C ILE H 189 -21.84 -25.98 32.52
N LEU H 190 -22.66 -24.99 32.20
CA LEU H 190 -24.06 -24.99 32.59
C LEU H 190 -24.92 -25.56 31.45
N VAL H 191 -25.82 -26.46 31.80
CA VAL H 191 -26.54 -27.27 30.83
C VAL H 191 -28.03 -27.13 31.11
N ASN H 192 -28.77 -26.69 30.11
CA ASN H 192 -30.23 -26.53 30.24
C ASN H 192 -30.90 -26.92 28.96
N MET H 193 -32.22 -27.14 29.03
CA MET H 193 -33.03 -27.49 27.87
C MET H 193 -34.05 -26.40 27.57
N ILE H 194 -34.40 -26.25 26.30
CA ILE H 194 -35.54 -25.43 25.92
C ILE H 194 -36.61 -26.40 25.43
N ALA H 195 -37.83 -26.27 25.97
CA ALA H 195 -38.96 -27.13 25.62
C ALA H 195 -40.03 -26.35 24.84
N PRO H 196 -39.91 -26.30 23.51
CA PRO H 196 -40.92 -25.58 22.73
C PRO H 196 -42.22 -26.33 22.60
N GLY H 197 -43.33 -25.59 22.60
CA GLY H 197 -44.64 -26.14 22.22
C GLY H 197 -44.77 -26.13 20.69
N PRO H 198 -45.96 -25.98 20.17
CA PRO H 198 -46.07 -25.92 18.72
C PRO H 198 -45.45 -24.64 18.18
N VAL H 199 -44.52 -24.78 17.23
CA VAL H 199 -43.84 -23.65 16.64
C VAL H 199 -44.00 -23.73 15.13
N ASP H 200 -44.52 -22.67 14.52
CA ASP H 200 -44.69 -22.64 13.07
C ASP H 200 -43.36 -22.25 12.42
N VAL H 201 -42.80 -23.15 11.60
CA VAL H 201 -41.49 -22.96 10.96
C VAL H 201 -41.61 -22.77 9.44
N THR H 202 -42.83 -22.60 8.94
CA THR H 202 -43.05 -22.45 7.49
C THR H 202 -42.65 -21.07 6.96
N GLY H 203 -42.67 -20.06 7.84
CA GLY H 203 -42.49 -18.67 7.42
C GLY H 203 -43.76 -18.07 6.83
N ASN H 204 -44.81 -18.87 6.80
CA ASN H 204 -45.99 -18.60 5.99
C ASN H 204 -47.31 -18.60 6.81
N ASN H 205 -47.22 -18.87 8.10
CA ASN H 205 -48.36 -19.24 8.93
C ASN H 205 -49.23 -20.39 8.35
N THR H 206 -48.59 -21.42 7.82
CA THR H 206 -49.30 -22.57 7.23
C THR H 206 -48.99 -23.90 7.93
N GLY H 207 -48.20 -23.86 9.00
CA GLY H 207 -47.77 -25.09 9.68
C GLY H 207 -48.89 -25.82 10.38
N TYR H 208 -49.89 -25.07 10.83
CA TYR H 208 -50.96 -25.62 11.69
C TYR H 208 -52.32 -25.27 11.11
N SER H 209 -52.40 -25.18 9.79
CA SER H 209 -53.60 -24.68 9.10
C SER H 209 -54.67 -25.76 8.85
N GLU H 210 -54.27 -27.02 8.89
CA GLU H 210 -55.22 -28.12 8.81
C GLU H 210 -56.33 -27.91 9.90
N PRO H 211 -57.62 -27.97 9.49
CA PRO H 211 -58.70 -27.49 10.37
C PRO H 211 -58.77 -28.09 11.75
N ARG H 212 -58.70 -29.40 11.84
CA ARG H 212 -58.74 -30.07 13.12
C ARG H 212 -57.52 -29.66 14.01
N LEU H 213 -56.33 -29.61 13.42
CA LEU H 213 -55.14 -29.18 14.14
C LEU H 213 -55.27 -27.72 14.57
N ALA H 214 -55.82 -26.89 13.66
CA ALA H 214 -56.04 -25.47 13.96
C ALA H 214 -56.98 -25.27 15.14
N GLU H 215 -58.06 -26.04 15.19
CA GLU H 215 -59.01 -25.99 16.30
C GLU H 215 -58.32 -26.45 17.61
N GLN H 216 -57.51 -27.49 17.53
CA GLN H 216 -56.77 -27.99 18.71
C GLN H 216 -55.71 -27.02 19.26
N VAL H 217 -55.05 -26.29 18.37
CA VAL H 217 -54.15 -25.21 18.77
C VAL H 217 -54.91 -24.10 19.52
N LEU H 218 -56.09 -23.72 19.04
CA LEU H 218 -56.91 -22.72 19.75
C LEU H 218 -57.33 -23.24 21.14
N ASP H 219 -57.66 -24.53 21.25
CA ASP H 219 -58.17 -25.06 22.50
C ASP H 219 -57.08 -25.37 23.50
N GLU H 220 -55.96 -25.92 23.05
CA GLU H 220 -54.95 -26.44 23.95
C GLU H 220 -53.77 -25.50 24.26
N VAL H 221 -53.56 -24.47 23.43
CA VAL H 221 -52.57 -23.43 23.69
C VAL H 221 -53.29 -22.17 24.24
N ALA H 222 -52.93 -21.75 25.44
CA ALA H 222 -53.57 -20.62 26.12
C ALA H 222 -53.56 -19.39 25.24
N LEU H 223 -52.44 -19.16 24.59
CA LEU H 223 -52.30 -18.02 23.68
C LEU H 223 -53.00 -18.24 22.35
N GLY H 224 -53.42 -19.47 22.07
CA GLY H 224 -54.30 -19.74 20.94
C GLY H 224 -53.67 -19.59 19.57
N ARG H 225 -52.37 -19.85 19.50
CA ARG H 225 -51.64 -19.83 18.25
C ARG H 225 -50.35 -20.61 18.39
N PRO H 226 -49.71 -20.99 17.25
CA PRO H 226 -48.41 -21.61 17.34
C PRO H 226 -47.35 -20.54 17.61
N GLY H 227 -46.20 -20.95 18.11
CA GLY H 227 -45.11 -19.99 18.32
C GLY H 227 -44.35 -19.66 17.04
N LEU H 228 -43.51 -18.64 17.09
CA LEU H 228 -42.60 -18.34 15.99
C LEU H 228 -41.15 -18.65 16.43
N PRO H 229 -40.28 -18.97 15.47
CA PRO H 229 -38.91 -19.37 15.80
C PRO H 229 -38.18 -18.39 16.75
N GLU H 230 -38.38 -17.10 16.51
CA GLU H 230 -37.71 -16.06 17.27
C GLU H 230 -38.10 -16.13 18.75
N GLU H 231 -39.33 -16.57 19.02
CA GLU H 231 -39.83 -16.71 20.38
C GLU H 231 -39.15 -17.85 21.12
N VAL H 232 -38.44 -18.72 20.40
CA VAL H 232 -37.64 -19.77 21.02
C VAL H 232 -36.18 -19.34 21.13
N ALA H 233 -35.69 -18.77 20.05
CA ALA H 233 -34.31 -18.29 19.96
C ALA H 233 -33.95 -17.35 21.11
N THR H 234 -34.88 -16.50 21.53
CA THR H 234 -34.60 -15.55 22.60
C THR H 234 -34.17 -16.28 23.90
N ALA H 235 -34.76 -17.43 24.20
CA ALA H 235 -34.32 -18.23 25.35
C ALA H 235 -32.91 -18.80 25.17
N ALA H 236 -32.50 -19.08 23.93
CA ALA H 236 -31.14 -19.56 23.66
C ALA H 236 -30.08 -18.48 23.97
N VAL H 237 -30.42 -17.21 23.68
CA VAL H 237 -29.56 -16.10 24.05
C VAL H 237 -29.49 -15.97 25.58
N PHE H 238 -30.66 -16.01 26.23
CA PHE H 238 -30.77 -15.88 27.66
C PHE H 238 -29.94 -16.95 28.39
N LEU H 239 -30.10 -18.20 28.01
CA LEU H 239 -29.35 -19.27 28.66
C LEU H 239 -27.85 -19.16 28.40
N ALA H 240 -27.46 -18.72 27.21
CA ALA H 240 -26.03 -18.63 26.83
C ALA H 240 -25.27 -17.48 27.47
N GLU H 241 -25.93 -16.39 27.85
CA GLU H 241 -25.18 -15.21 28.34
C GLU H 241 -24.61 -15.42 29.76
N ASP H 242 -23.58 -14.63 30.09
CA ASP H 242 -22.89 -14.74 31.40
C ASP H 242 -23.84 -14.58 32.57
N GLY H 243 -24.89 -13.79 32.43
CA GLY H 243 -25.81 -13.53 33.55
C GLY H 243 -26.56 -14.76 34.04
N SER H 244 -26.63 -15.81 33.21
CA SER H 244 -27.38 -17.01 33.56
C SER H 244 -26.52 -18.01 34.35
N SER H 245 -25.67 -17.48 35.19
CA SER H 245 -24.59 -18.22 35.79
C SER H 245 -25.06 -19.13 36.95
N PHE H 246 -26.32 -19.03 37.37
CA PHE H 246 -26.85 -19.95 38.38
C PHE H 246 -27.94 -20.89 37.86
N ILE H 247 -28.07 -21.00 36.53
CA ILE H 247 -29.13 -21.76 35.90
C ILE H 247 -28.47 -22.98 35.26
N THR H 248 -28.78 -24.17 35.80
CA THR H 248 -28.31 -25.39 35.25
C THR H 248 -29.25 -26.53 35.64
N GLY H 249 -29.35 -27.50 34.75
CA GLY H 249 -30.26 -28.62 34.91
C GLY H 249 -31.73 -28.28 34.76
N SER H 250 -32.02 -27.11 34.18
CA SER H 250 -33.41 -26.62 34.12
C SER H 250 -33.93 -26.68 32.69
N THR H 251 -35.24 -26.50 32.58
CA THR H 251 -35.91 -26.39 31.31
C THR H 251 -36.62 -25.04 31.31
N ILE H 252 -36.47 -24.28 30.23
CA ILE H 252 -37.36 -23.17 29.95
C ILE H 252 -38.38 -23.63 28.91
N THR H 253 -39.66 -23.54 29.27
CA THR H 253 -40.75 -24.05 28.44
C THR H 253 -41.39 -22.91 27.73
N ILE H 254 -41.53 -23.05 26.41
CA ILE H 254 -41.98 -21.98 25.52
C ILE H 254 -43.12 -22.50 24.65
N ASP H 255 -44.33 -22.46 25.20
CA ASP H 255 -45.41 -23.21 24.59
C ASP H 255 -46.77 -22.52 24.60
N GLY H 256 -46.82 -21.23 24.88
CA GLY H 256 -48.10 -20.50 24.93
C GLY H 256 -49.04 -21.01 26.01
N GLY H 257 -48.50 -21.73 27.00
CA GLY H 257 -49.31 -22.22 28.10
C GLY H 257 -49.84 -23.62 27.94
N LEU H 258 -49.47 -24.32 26.86
CA LEU H 258 -50.01 -25.64 26.56
C LEU H 258 -49.85 -26.57 27.75
N SER H 259 -48.62 -26.68 28.26
CA SER H 259 -48.30 -27.63 29.31
C SER H 259 -48.82 -27.16 30.68
N ALA H 260 -49.34 -25.95 30.78
CA ALA H 260 -49.80 -25.38 32.06
C ALA H 260 -51.29 -25.50 32.27
N MET H 261 -52.02 -25.90 31.22
CA MET H 261 -53.49 -25.80 31.20
C MET H 261 -54.17 -27.15 30.93
N ILE H 262 -55.32 -27.38 31.55
CA ILE H 262 -56.18 -28.52 31.23
C ILE H 262 -57.58 -28.01 30.91
N PHE H 263 -58.28 -28.72 30.04
CA PHE H 263 -59.61 -28.33 29.56
C PHE H 263 -59.63 -26.92 28.97
N GLY H 264 -58.58 -26.62 28.21
CA GLY H 264 -58.42 -25.31 27.59
C GLY H 264 -59.59 -24.99 26.68
N GLY H 265 -60.21 -26.01 26.12
CA GLY H 265 -61.36 -25.81 25.27
C GLY H 265 -62.59 -25.32 25.99
N MET H 266 -62.62 -25.42 27.32
CA MET H 266 -63.74 -24.94 28.12
C MET H 266 -63.62 -23.44 28.46
N ARG H 267 -62.48 -22.81 28.20
CA ARG H 267 -62.32 -21.44 28.69
C ARG H 267 -63.21 -20.46 27.93
N GLU H 268 -63.64 -19.40 28.60
CA GLU H 268 -64.43 -18.36 27.98
C GLU H 268 -63.61 -17.83 26.79
N GLY H 269 -64.29 -17.62 25.68
CA GLY H 269 -63.64 -17.22 24.46
C GLY H 269 -63.49 -18.37 23.52
N ARG H 270 -63.39 -19.59 24.08
CA ARG H 270 -63.28 -20.82 23.28
C ARG H 270 -64.56 -21.68 23.29
N ARG H 271 -65.21 -21.85 24.43
CA ARG H 271 -66.40 -22.71 24.46
C ARG H 271 -67.63 -22.14 23.76
#